data_7PZE
# 
_entry.id   7PZE 
# 
_audit_conform.dict_name       mmcif_pdbx.dic 
_audit_conform.dict_version    5.391 
_audit_conform.dict_location   http://mmcif.pdb.org/dictionaries/ascii/mmcif_pdbx.dic 
# 
loop_
_database_2.database_id 
_database_2.database_code 
_database_2.pdbx_database_accession 
_database_2.pdbx_DOI 
PDB   7PZE         pdb_00007pze 10.2210/pdb7pze/pdb 
WWPDB D_1292118684 ?            ?                   
# 
loop_
_pdbx_audit_revision_history.ordinal 
_pdbx_audit_revision_history.data_content_type 
_pdbx_audit_revision_history.major_revision 
_pdbx_audit_revision_history.minor_revision 
_pdbx_audit_revision_history.revision_date 
1 'Structure model' 1 0 2022-06-15 
2 'Structure model' 1 1 2022-12-28 
3 'Structure model' 1 2 2024-05-01 
# 
_pdbx_audit_revision_details.ordinal             1 
_pdbx_audit_revision_details.revision_ordinal    1 
_pdbx_audit_revision_details.data_content_type   'Structure model' 
_pdbx_audit_revision_details.provider            repository 
_pdbx_audit_revision_details.type                'Initial release' 
_pdbx_audit_revision_details.description         ? 
_pdbx_audit_revision_details.details             ? 
# 
loop_
_pdbx_audit_revision_group.ordinal 
_pdbx_audit_revision_group.revision_ordinal 
_pdbx_audit_revision_group.data_content_type 
_pdbx_audit_revision_group.group 
1 2 'Structure model' 'Database references'    
2 3 'Structure model' 'Data collection'        
3 3 'Structure model' 'Refinement description' 
# 
loop_
_pdbx_audit_revision_category.ordinal 
_pdbx_audit_revision_category.revision_ordinal 
_pdbx_audit_revision_category.data_content_type 
_pdbx_audit_revision_category.category 
1 2 'Structure model' citation                      
2 2 'Structure model' citation_author               
3 3 'Structure model' chem_comp_atom                
4 3 'Structure model' chem_comp_bond                
5 3 'Structure model' pdbx_initial_refinement_model 
# 
loop_
_pdbx_audit_revision_item.ordinal 
_pdbx_audit_revision_item.revision_ordinal 
_pdbx_audit_revision_item.data_content_type 
_pdbx_audit_revision_item.item 
1  2 'Structure model' '_citation.country'                 
2  2 'Structure model' '_citation.journal_abbrev'          
3  2 'Structure model' '_citation.journal_id_CSD'          
4  2 'Structure model' '_citation.journal_id_ISSN'         
5  2 'Structure model' '_citation.journal_volume'          
6  2 'Structure model' '_citation.page_first'              
7  2 'Structure model' '_citation.page_last'               
8  2 'Structure model' '_citation.pdbx_database_id_DOI'    
9  2 'Structure model' '_citation.pdbx_database_id_PubMed' 
10 2 'Structure model' '_citation.title'                   
11 2 'Structure model' '_citation.year'                    
# 
_pdbx_database_status.status_code                     REL 
_pdbx_database_status.status_code_sf                  REL 
_pdbx_database_status.status_code_mr                  ? 
_pdbx_database_status.entry_id                        7PZE 
_pdbx_database_status.recvd_initial_deposition_date   2021-10-12 
_pdbx_database_status.SG_entry                        N 
_pdbx_database_status.deposit_site                    PDBE 
_pdbx_database_status.process_site                    PDBE 
_pdbx_database_status.status_code_cs                  ? 
_pdbx_database_status.status_code_nmr_data            ? 
_pdbx_database_status.methods_development_category    ? 
_pdbx_database_status.pdb_format_compatible           Y 
# 
loop_
_pdbx_database_related.db_name 
_pdbx_database_related.details 
_pdbx_database_related.db_id 
_pdbx_database_related.content_type 
SASBDB . SASDMS5 'associated SAS data' 
SASBDB . SASDMT5 'associated SAS data' 
# 
_pdbx_contact_author.id                 2 
_pdbx_contact_author.email              sander.smits@hhu.de 
_pdbx_contact_author.name_first         Smits 
_pdbx_contact_author.name_last          Sander 
_pdbx_contact_author.name_mi            HJ 
_pdbx_contact_author.role               'principal investigator/group leader' 
_pdbx_contact_author.identifier_ORCID   0000-0003-0780-9251 
# 
loop_
_audit_author.name 
_audit_author.pdbx_ordinal 
_audit_author.identifier_ORCID 
'Devans, S.'         1  ? 
'Schott-Verdugo, s.' 2  ? 
'Muentjes, K.'       3  ? 
'Olgeiser, L.'       4  ? 
'Reiners, J.'        5  ? 
'Schmitt, L.'        6  ? 
'Hoeppner, A.'       7  ? 
'Smits, S.H.'        8  ? 
'Gohlke, H.'         9  ? 
'Feldbruegge, M.'    10 ? 
# 
_citation.abstract                  ? 
_citation.abstract_id_CAS           ? 
_citation.book_id_ISBN              ? 
_citation.book_publisher            ? 
_citation.book_publisher_city       ? 
_citation.book_title                ? 
_citation.coordinate_linkage        ? 
_citation.country                   US 
_citation.database_id_Medline       ? 
_citation.details                   ? 
_citation.id                        primary 
_citation.journal_abbrev            'Plos Genet.' 
_citation.journal_id_ASTM           ? 
_citation.journal_id_CSD            ? 
_citation.journal_id_ISSN           1553-7404 
_citation.journal_full              ? 
_citation.journal_issue             ? 
_citation.journal_volume            18 
_citation.language                  ? 
_citation.page_first                e1010269 
_citation.page_last                 e1010269 
_citation.title                     'A MademoiseLLE domain binding platform links the key RNA transporter to endosomes.' 
_citation.year                      2022 
_citation.database_id_CSD           ? 
_citation.pdbx_database_id_DOI      10.1371/journal.pgen.1010269 
_citation.pdbx_database_id_PubMed   35727840 
_citation.pdbx_database_id_patent   ? 
_citation.unpublished_flag          ? 
# 
loop_
_citation_author.citation_id 
_citation_author.name 
_citation_author.ordinal 
_citation_author.identifier_ORCID 
primary 'Devan, S.K.'        1  ?                   
primary 'Schott-Verdugo, S.' 2  0000-0003-0735-1404 
primary 'Muntjes, K.'        3  ?                   
primary 'Bismar, L.'         4  ?                   
primary 'Reiners, J.'        5  0000-0001-5969-4471 
primary 'Hachani, E.'        6  0000-0001-5810-170X 
primary 'Schmitt, L.'        7  0000-0002-1167-9819 
primary 'Hoppner, A.'        8  ?                   
primary 'Smits, S.H.'        9  0000-0003-0780-9251 
primary 'Gohlke, H.'         10 ?                   
primary 'Feldbrugge, M.'     11 0000-0003-0046-983X 
# 
_entity.id                         1 
_entity.type                       polymer 
_entity.src_method                 man 
_entity.pdbx_description           'Chromosome 8, whole genome shotgun sequence' 
_entity.formula_weight             40383.379 
_entity.pdbx_number_of_molecules   2 
_entity.pdbx_ec                    ? 
_entity.pdbx_mutation              ? 
_entity.pdbx_fragment              ? 
_entity.details                    ? 
# 
_entity_poly.entity_id                      1 
_entity_poly.type                           'polypeptide(L)' 
_entity_poly.nstd_linkage                   no 
_entity_poly.nstd_monomer                   no 
_entity_poly.pdbx_seq_one_letter_code       
;MHHHHHHSSNSPPTEARKADKRQSRSYFKAGVPSDASGLVDEEQLRSLSTVVRNELLSGEFTRRIPKVSSVTEAQLDDVV
GELLSLKLADAVEALNNPISLIQRISDAREQLAQKSASTLTAPSPAPLSAEHPAMLGIQAQRSVSSASSTGEGGASVKER
ERLLKAVISVTESGAPVEDITDMIASLPKKDRALALFNPEFLKQKVDEAKDILDITDESGEDLSPPRASSGSAPVPLSVQ
TPASAIFKDASNGQSSISPGAAEAYTLSTLAALPAAEIVRLANSQSSSGLPLPKADPATVKATDDFIDSLQGKAAHDQKQ
KLGDQLFKKIRTFGVKGAPKLTIHLLDSEDLRALAHLMNSYEDVLKEKVQHKVAAGLNK
;
_entity_poly.pdbx_seq_one_letter_code_can   
;MHHHHHHSSNSPPTEARKADKRQSRSYFKAGVPSDASGLVDEEQLRSLSTVVRNELLSGEFTRRIPKVSSVTEAQLDDVV
GELLSLKLADAVEALNNPISLIQRISDAREQLAQKSASTLTAPSPAPLSAEHPAMLGIQAQRSVSSASSTGEGGASVKER
ERLLKAVISVTESGAPVEDITDMIASLPKKDRALALFNPEFLKQKVDEAKDILDITDESGEDLSPPRASSGSAPVPLSVQ
TPASAIFKDASNGQSSISPGAAEAYTLSTLAALPAAEIVRLANSQSSSGLPLPKADPATVKATDDFIDSLQGKAAHDQKQ
KLGDQLFKKIRTFGVKGAPKLTIHLLDSEDLRALAHLMNSYEDVLKEKVQHKVAAGLNK
;
_entity_poly.pdbx_strand_id                 A,B 
_entity_poly.pdbx_target_identifier         ? 
# 
loop_
_entity_poly_seq.entity_id 
_entity_poly_seq.num 
_entity_poly_seq.mon_id 
_entity_poly_seq.hetero 
1 1   MET n 
1 2   HIS n 
1 3   HIS n 
1 4   HIS n 
1 5   HIS n 
1 6   HIS n 
1 7   HIS n 
1 8   SER n 
1 9   SER n 
1 10  ASN n 
1 11  SER n 
1 12  PRO n 
1 13  PRO n 
1 14  THR n 
1 15  GLU n 
1 16  ALA n 
1 17  ARG n 
1 18  LYS n 
1 19  ALA n 
1 20  ASP n 
1 21  LYS n 
1 22  ARG n 
1 23  GLN n 
1 24  SER n 
1 25  ARG n 
1 26  SER n 
1 27  TYR n 
1 28  PHE n 
1 29  LYS n 
1 30  ALA n 
1 31  GLY n 
1 32  VAL n 
1 33  PRO n 
1 34  SER n 
1 35  ASP n 
1 36  ALA n 
1 37  SER n 
1 38  GLY n 
1 39  LEU n 
1 40  VAL n 
1 41  ASP n 
1 42  GLU n 
1 43  GLU n 
1 44  GLN n 
1 45  LEU n 
1 46  ARG n 
1 47  SER n 
1 48  LEU n 
1 49  SER n 
1 50  THR n 
1 51  VAL n 
1 52  VAL n 
1 53  ARG n 
1 54  ASN n 
1 55  GLU n 
1 56  LEU n 
1 57  LEU n 
1 58  SER n 
1 59  GLY n 
1 60  GLU n 
1 61  PHE n 
1 62  THR n 
1 63  ARG n 
1 64  ARG n 
1 65  ILE n 
1 66  PRO n 
1 67  LYS n 
1 68  VAL n 
1 69  SER n 
1 70  SER n 
1 71  VAL n 
1 72  THR n 
1 73  GLU n 
1 74  ALA n 
1 75  GLN n 
1 76  LEU n 
1 77  ASP n 
1 78  ASP n 
1 79  VAL n 
1 80  VAL n 
1 81  GLY n 
1 82  GLU n 
1 83  LEU n 
1 84  LEU n 
1 85  SER n 
1 86  LEU n 
1 87  LYS n 
1 88  LEU n 
1 89  ALA n 
1 90  ASP n 
1 91  ALA n 
1 92  VAL n 
1 93  GLU n 
1 94  ALA n 
1 95  LEU n 
1 96  ASN n 
1 97  ASN n 
1 98  PRO n 
1 99  ILE n 
1 100 SER n 
1 101 LEU n 
1 102 ILE n 
1 103 GLN n 
1 104 ARG n 
1 105 ILE n 
1 106 SER n 
1 107 ASP n 
1 108 ALA n 
1 109 ARG n 
1 110 GLU n 
1 111 GLN n 
1 112 LEU n 
1 113 ALA n 
1 114 GLN n 
1 115 LYS n 
1 116 SER n 
1 117 ALA n 
1 118 SER n 
1 119 THR n 
1 120 LEU n 
1 121 THR n 
1 122 ALA n 
1 123 PRO n 
1 124 SER n 
1 125 PRO n 
1 126 ALA n 
1 127 PRO n 
1 128 LEU n 
1 129 SER n 
1 130 ALA n 
1 131 GLU n 
1 132 HIS n 
1 133 PRO n 
1 134 ALA n 
1 135 MET n 
1 136 LEU n 
1 137 GLY n 
1 138 ILE n 
1 139 GLN n 
1 140 ALA n 
1 141 GLN n 
1 142 ARG n 
1 143 SER n 
1 144 VAL n 
1 145 SER n 
1 146 SER n 
1 147 ALA n 
1 148 SER n 
1 149 SER n 
1 150 THR n 
1 151 GLY n 
1 152 GLU n 
1 153 GLY n 
1 154 GLY n 
1 155 ALA n 
1 156 SER n 
1 157 VAL n 
1 158 LYS n 
1 159 GLU n 
1 160 ARG n 
1 161 GLU n 
1 162 ARG n 
1 163 LEU n 
1 164 LEU n 
1 165 LYS n 
1 166 ALA n 
1 167 VAL n 
1 168 ILE n 
1 169 SER n 
1 170 VAL n 
1 171 THR n 
1 172 GLU n 
1 173 SER n 
1 174 GLY n 
1 175 ALA n 
1 176 PRO n 
1 177 VAL n 
1 178 GLU n 
1 179 ASP n 
1 180 ILE n 
1 181 THR n 
1 182 ASP n 
1 183 MET n 
1 184 ILE n 
1 185 ALA n 
1 186 SER n 
1 187 LEU n 
1 188 PRO n 
1 189 LYS n 
1 190 LYS n 
1 191 ASP n 
1 192 ARG n 
1 193 ALA n 
1 194 LEU n 
1 195 ALA n 
1 196 LEU n 
1 197 PHE n 
1 198 ASN n 
1 199 PRO n 
1 200 GLU n 
1 201 PHE n 
1 202 LEU n 
1 203 LYS n 
1 204 GLN n 
1 205 LYS n 
1 206 VAL n 
1 207 ASP n 
1 208 GLU n 
1 209 ALA n 
1 210 LYS n 
1 211 ASP n 
1 212 ILE n 
1 213 LEU n 
1 214 ASP n 
1 215 ILE n 
1 216 THR n 
1 217 ASP n 
1 218 GLU n 
1 219 SER n 
1 220 GLY n 
1 221 GLU n 
1 222 ASP n 
1 223 LEU n 
1 224 SER n 
1 225 PRO n 
1 226 PRO n 
1 227 ARG n 
1 228 ALA n 
1 229 SER n 
1 230 SER n 
1 231 GLY n 
1 232 SER n 
1 233 ALA n 
1 234 PRO n 
1 235 VAL n 
1 236 PRO n 
1 237 LEU n 
1 238 SER n 
1 239 VAL n 
1 240 GLN n 
1 241 THR n 
1 242 PRO n 
1 243 ALA n 
1 244 SER n 
1 245 ALA n 
1 246 ILE n 
1 247 PHE n 
1 248 LYS n 
1 249 ASP n 
1 250 ALA n 
1 251 SER n 
1 252 ASN n 
1 253 GLY n 
1 254 GLN n 
1 255 SER n 
1 256 SER n 
1 257 ILE n 
1 258 SER n 
1 259 PRO n 
1 260 GLY n 
1 261 ALA n 
1 262 ALA n 
1 263 GLU n 
1 264 ALA n 
1 265 TYR n 
1 266 THR n 
1 267 LEU n 
1 268 SER n 
1 269 THR n 
1 270 LEU n 
1 271 ALA n 
1 272 ALA n 
1 273 LEU n 
1 274 PRO n 
1 275 ALA n 
1 276 ALA n 
1 277 GLU n 
1 278 ILE n 
1 279 VAL n 
1 280 ARG n 
1 281 LEU n 
1 282 ALA n 
1 283 ASN n 
1 284 SER n 
1 285 GLN n 
1 286 SER n 
1 287 SER n 
1 288 SER n 
1 289 GLY n 
1 290 LEU n 
1 291 PRO n 
1 292 LEU n 
1 293 PRO n 
1 294 LYS n 
1 295 ALA n 
1 296 ASP n 
1 297 PRO n 
1 298 ALA n 
1 299 THR n 
1 300 VAL n 
1 301 LYS n 
1 302 ALA n 
1 303 THR n 
1 304 ASP n 
1 305 ASP n 
1 306 PHE n 
1 307 ILE n 
1 308 ASP n 
1 309 SER n 
1 310 LEU n 
1 311 GLN n 
1 312 GLY n 
1 313 LYS n 
1 314 ALA n 
1 315 ALA n 
1 316 HIS n 
1 317 ASP n 
1 318 GLN n 
1 319 LYS n 
1 320 GLN n 
1 321 LYS n 
1 322 LEU n 
1 323 GLY n 
1 324 ASP n 
1 325 GLN n 
1 326 LEU n 
1 327 PHE n 
1 328 LYS n 
1 329 LYS n 
1 330 ILE n 
1 331 ARG n 
1 332 THR n 
1 333 PHE n 
1 334 GLY n 
1 335 VAL n 
1 336 LYS n 
1 337 GLY n 
1 338 ALA n 
1 339 PRO n 
1 340 LYS n 
1 341 LEU n 
1 342 THR n 
1 343 ILE n 
1 344 HIS n 
1 345 LEU n 
1 346 LEU n 
1 347 ASP n 
1 348 SER n 
1 349 GLU n 
1 350 ASP n 
1 351 LEU n 
1 352 ARG n 
1 353 ALA n 
1 354 LEU n 
1 355 ALA n 
1 356 HIS n 
1 357 LEU n 
1 358 MET n 
1 359 ASN n 
1 360 SER n 
1 361 TYR n 
1 362 GLU n 
1 363 ASP n 
1 364 VAL n 
1 365 LEU n 
1 366 LYS n 
1 367 GLU n 
1 368 LYS n 
1 369 VAL n 
1 370 GLN n 
1 371 HIS n 
1 372 LYS n 
1 373 VAL n 
1 374 ALA n 
1 375 ALA n 
1 376 GLY n 
1 377 LEU n 
1 378 ASN n 
1 379 LYS n 
# 
_entity_src_gen.entity_id                          1 
_entity_src_gen.pdbx_src_id                        1 
_entity_src_gen.pdbx_alt_source_flag               sample 
_entity_src_gen.pdbx_seq_type                      'Biological sequence' 
_entity_src_gen.pdbx_beg_seq_num                   1 
_entity_src_gen.pdbx_end_seq_num                   379 
_entity_src_gen.gene_src_common_name               ? 
_entity_src_gen.gene_src_genus                     ? 
_entity_src_gen.pdbx_gene_src_gene                 UMAG_10836 
_entity_src_gen.gene_src_species                   ? 
_entity_src_gen.gene_src_strain                    ? 
_entity_src_gen.gene_src_tissue                    ? 
_entity_src_gen.gene_src_tissue_fraction           ? 
_entity_src_gen.gene_src_details                   ? 
_entity_src_gen.pdbx_gene_src_fragment             ? 
_entity_src_gen.pdbx_gene_src_scientific_name      'Ustilago maydis' 
_entity_src_gen.pdbx_gene_src_ncbi_taxonomy_id     5270 
_entity_src_gen.pdbx_gene_src_variant              ? 
_entity_src_gen.pdbx_gene_src_cell_line            ? 
_entity_src_gen.pdbx_gene_src_atcc                 ? 
_entity_src_gen.pdbx_gene_src_organ                ? 
_entity_src_gen.pdbx_gene_src_organelle            ? 
_entity_src_gen.pdbx_gene_src_cell                 ? 
_entity_src_gen.pdbx_gene_src_cellular_location    ? 
_entity_src_gen.host_org_common_name               ? 
_entity_src_gen.pdbx_host_org_scientific_name      'Escherichia coli' 
_entity_src_gen.pdbx_host_org_ncbi_taxonomy_id     562 
_entity_src_gen.host_org_genus                     ? 
_entity_src_gen.pdbx_host_org_gene                 ? 
_entity_src_gen.pdbx_host_org_organ                ? 
_entity_src_gen.host_org_species                   ? 
_entity_src_gen.pdbx_host_org_tissue               ? 
_entity_src_gen.pdbx_host_org_tissue_fraction      ? 
_entity_src_gen.pdbx_host_org_strain               ? 
_entity_src_gen.pdbx_host_org_variant              ? 
_entity_src_gen.pdbx_host_org_cell_line            ? 
_entity_src_gen.pdbx_host_org_atcc                 ? 
_entity_src_gen.pdbx_host_org_culture_collection   ? 
_entity_src_gen.pdbx_host_org_cell                 ? 
_entity_src_gen.pdbx_host_org_organelle            ? 
_entity_src_gen.pdbx_host_org_cellular_location    ? 
_entity_src_gen.pdbx_host_org_vector_type          ? 
_entity_src_gen.pdbx_host_org_vector               ? 
_entity_src_gen.host_org_details                   ? 
_entity_src_gen.expression_system_id               ? 
_entity_src_gen.plasmid_name                       ? 
_entity_src_gen.plasmid_details                    ? 
_entity_src_gen.pdbx_description                   ? 
# 
loop_
_chem_comp.id 
_chem_comp.type 
_chem_comp.mon_nstd_flag 
_chem_comp.name 
_chem_comp.pdbx_synonyms 
_chem_comp.formula 
_chem_comp.formula_weight 
ALA 'L-peptide linking' y ALANINE         ? 'C3 H7 N O2'     89.093  
ARG 'L-peptide linking' y ARGININE        ? 'C6 H15 N4 O2 1' 175.209 
ASN 'L-peptide linking' y ASPARAGINE      ? 'C4 H8 N2 O3'    132.118 
ASP 'L-peptide linking' y 'ASPARTIC ACID' ? 'C4 H7 N O4'     133.103 
GLN 'L-peptide linking' y GLUTAMINE       ? 'C5 H10 N2 O3'   146.144 
GLU 'L-peptide linking' y 'GLUTAMIC ACID' ? 'C5 H9 N O4'     147.129 
GLY 'peptide linking'   y GLYCINE         ? 'C2 H5 N O2'     75.067  
HIS 'L-peptide linking' y HISTIDINE       ? 'C6 H10 N3 O2 1' 156.162 
ILE 'L-peptide linking' y ISOLEUCINE      ? 'C6 H13 N O2'    131.173 
LEU 'L-peptide linking' y LEUCINE         ? 'C6 H13 N O2'    131.173 
LYS 'L-peptide linking' y LYSINE          ? 'C6 H15 N2 O2 1' 147.195 
MET 'L-peptide linking' y METHIONINE      ? 'C5 H11 N O2 S'  149.211 
PHE 'L-peptide linking' y PHENYLALANINE   ? 'C9 H11 N O2'    165.189 
PRO 'L-peptide linking' y PROLINE         ? 'C5 H9 N O2'     115.130 
SER 'L-peptide linking' y SERINE          ? 'C3 H7 N O3'     105.093 
THR 'L-peptide linking' y THREONINE       ? 'C4 H9 N O3'     119.119 
TYR 'L-peptide linking' y TYROSINE        ? 'C9 H11 N O3'    181.189 
VAL 'L-peptide linking' y VALINE          ? 'C5 H11 N O2'    117.146 
# 
loop_
_pdbx_poly_seq_scheme.asym_id 
_pdbx_poly_seq_scheme.entity_id 
_pdbx_poly_seq_scheme.seq_id 
_pdbx_poly_seq_scheme.mon_id 
_pdbx_poly_seq_scheme.ndb_seq_num 
_pdbx_poly_seq_scheme.pdb_seq_num 
_pdbx_poly_seq_scheme.auth_seq_num 
_pdbx_poly_seq_scheme.pdb_mon_id 
_pdbx_poly_seq_scheme.auth_mon_id 
_pdbx_poly_seq_scheme.pdb_strand_id 
_pdbx_poly_seq_scheme.pdb_ins_code 
_pdbx_poly_seq_scheme.hetero 
A 1 1   MET 1   -57 ?   ?   ?   A . n 
A 1 2   HIS 2   -56 ?   ?   ?   A . n 
A 1 3   HIS 3   -55 ?   ?   ?   A . n 
A 1 4   HIS 4   -54 ?   ?   ?   A . n 
A 1 5   HIS 5   -53 ?   ?   ?   A . n 
A 1 6   HIS 6   -52 ?   ?   ?   A . n 
A 1 7   HIS 7   -51 ?   ?   ?   A . n 
A 1 8   SER 8   -50 ?   ?   ?   A . n 
A 1 9   SER 9   -49 ?   ?   ?   A . n 
A 1 10  ASN 10  -48 ?   ?   ?   A . n 
A 1 11  SER 11  -47 ?   ?   ?   A . n 
A 1 12  PRO 12  -46 ?   ?   ?   A . n 
A 1 13  PRO 13  -45 ?   ?   ?   A . n 
A 1 14  THR 14  -44 ?   ?   ?   A . n 
A 1 15  GLU 15  -43 ?   ?   ?   A . n 
A 1 16  ALA 16  -42 ?   ?   ?   A . n 
A 1 17  ARG 17  -41 ?   ?   ?   A . n 
A 1 18  LYS 18  -40 ?   ?   ?   A . n 
A 1 19  ALA 19  -39 ?   ?   ?   A . n 
A 1 20  ASP 20  -38 ?   ?   ?   A . n 
A 1 21  LYS 21  -37 ?   ?   ?   A . n 
A 1 22  ARG 22  -36 ?   ?   ?   A . n 
A 1 23  GLN 23  -35 ?   ?   ?   A . n 
A 1 24  SER 24  -34 ?   ?   ?   A . n 
A 1 25  ARG 25  -33 ?   ?   ?   A . n 
A 1 26  SER 26  -32 ?   ?   ?   A . n 
A 1 27  TYR 27  -31 ?   ?   ?   A . n 
A 1 28  PHE 28  -30 ?   ?   ?   A . n 
A 1 29  LYS 29  -29 ?   ?   ?   A . n 
A 1 30  ALA 30  -28 ?   ?   ?   A . n 
A 1 31  GLY 31  -27 ?   ?   ?   A . n 
A 1 32  VAL 32  -26 ?   ?   ?   A . n 
A 1 33  PRO 33  -25 ?   ?   ?   A . n 
A 1 34  SER 34  -24 ?   ?   ?   A . n 
A 1 35  ASP 35  -23 ?   ?   ?   A . n 
A 1 36  ALA 36  -22 ?   ?   ?   A . n 
A 1 37  SER 37  -21 ?   ?   ?   A . n 
A 1 38  GLY 38  -20 ?   ?   ?   A . n 
A 1 39  LEU 39  -19 ?   ?   ?   A . n 
A 1 40  VAL 40  -18 ?   ?   ?   A . n 
A 1 41  ASP 41  -17 ?   ?   ?   A . n 
A 1 42  GLU 42  -16 ?   ?   ?   A . n 
A 1 43  GLU 43  -15 ?   ?   ?   A . n 
A 1 44  GLN 44  -14 ?   ?   ?   A . n 
A 1 45  LEU 45  -13 ?   ?   ?   A . n 
A 1 46  ARG 46  -12 ?   ?   ?   A . n 
A 1 47  SER 47  -11 ?   ?   ?   A . n 
A 1 48  LEU 48  -10 ?   ?   ?   A . n 
A 1 49  SER 49  -9  ?   ?   ?   A . n 
A 1 50  THR 50  -8  ?   ?   ?   A . n 
A 1 51  VAL 51  -7  ?   ?   ?   A . n 
A 1 52  VAL 52  -6  ?   ?   ?   A . n 
A 1 53  ARG 53  -5  ?   ?   ?   A . n 
A 1 54  ASN 54  -4  ?   ?   ?   A . n 
A 1 55  GLU 55  -3  ?   ?   ?   A . n 
A 1 56  LEU 56  -2  ?   ?   ?   A . n 
A 1 57  LEU 57  -1  ?   ?   ?   A . n 
A 1 58  SER 58  0   ?   ?   ?   A . n 
A 1 59  GLY 59  1   ?   ?   ?   A . n 
A 1 60  GLU 60  2   ?   ?   ?   A . n 
A 1 61  PHE 61  3   ?   ?   ?   A . n 
A 1 62  THR 62  4   ?   ?   ?   A . n 
A 1 63  ARG 63  5   ?   ?   ?   A . n 
A 1 64  ARG 64  6   ?   ?   ?   A . n 
A 1 65  ILE 65  7   ?   ?   ?   A . n 
A 1 66  PRO 66  8   ?   ?   ?   A . n 
A 1 67  LYS 67  9   ?   ?   ?   A . n 
A 1 68  VAL 68  10  ?   ?   ?   A . n 
A 1 69  SER 69  11  ?   ?   ?   A . n 
A 1 70  SER 70  12  ?   ?   ?   A . n 
A 1 71  VAL 71  13  ?   ?   ?   A . n 
A 1 72  THR 72  14  ?   ?   ?   A . n 
A 1 73  GLU 73  15  ?   ?   ?   A . n 
A 1 74  ALA 74  16  ?   ?   ?   A . n 
A 1 75  GLN 75  17  ?   ?   ?   A . n 
A 1 76  LEU 76  18  ?   ?   ?   A . n 
A 1 77  ASP 77  19  ?   ?   ?   A . n 
A 1 78  ASP 78  20  ?   ?   ?   A . n 
A 1 79  VAL 79  21  ?   ?   ?   A . n 
A 1 80  VAL 80  22  ?   ?   ?   A . n 
A 1 81  GLY 81  23  ?   ?   ?   A . n 
A 1 82  GLU 82  24  ?   ?   ?   A . n 
A 1 83  LEU 83  25  ?   ?   ?   A . n 
A 1 84  LEU 84  26  ?   ?   ?   A . n 
A 1 85  SER 85  27  ?   ?   ?   A . n 
A 1 86  LEU 86  28  ?   ?   ?   A . n 
A 1 87  LYS 87  29  ?   ?   ?   A . n 
A 1 88  LEU 88  30  ?   ?   ?   A . n 
A 1 89  ALA 89  31  ?   ?   ?   A . n 
A 1 90  ASP 90  32  ?   ?   ?   A . n 
A 1 91  ALA 91  33  ?   ?   ?   A . n 
A 1 92  VAL 92  34  ?   ?   ?   A . n 
A 1 93  GLU 93  35  ?   ?   ?   A . n 
A 1 94  ALA 94  36  ?   ?   ?   A . n 
A 1 95  LEU 95  37  ?   ?   ?   A . n 
A 1 96  ASN 96  38  ?   ?   ?   A . n 
A 1 97  ASN 97  39  ?   ?   ?   A . n 
A 1 98  PRO 98  40  ?   ?   ?   A . n 
A 1 99  ILE 99  41  ?   ?   ?   A . n 
A 1 100 SER 100 42  ?   ?   ?   A . n 
A 1 101 LEU 101 43  ?   ?   ?   A . n 
A 1 102 ILE 102 44  ?   ?   ?   A . n 
A 1 103 GLN 103 45  ?   ?   ?   A . n 
A 1 104 ARG 104 46  ?   ?   ?   A . n 
A 1 105 ILE 105 47  ?   ?   ?   A . n 
A 1 106 SER 106 48  ?   ?   ?   A . n 
A 1 107 ASP 107 49  ?   ?   ?   A . n 
A 1 108 ALA 108 50  ?   ?   ?   A . n 
A 1 109 ARG 109 51  ?   ?   ?   A . n 
A 1 110 GLU 110 52  ?   ?   ?   A . n 
A 1 111 GLN 111 53  ?   ?   ?   A . n 
A 1 112 LEU 112 54  ?   ?   ?   A . n 
A 1 113 ALA 113 55  ?   ?   ?   A . n 
A 1 114 GLN 114 56  ?   ?   ?   A . n 
A 1 115 LYS 115 57  ?   ?   ?   A . n 
A 1 116 SER 116 58  ?   ?   ?   A . n 
A 1 117 ALA 117 59  ?   ?   ?   A . n 
A 1 118 SER 118 60  ?   ?   ?   A . n 
A 1 119 THR 119 61  ?   ?   ?   A . n 
A 1 120 LEU 120 62  ?   ?   ?   A . n 
A 1 121 THR 121 63  ?   ?   ?   A . n 
A 1 122 ALA 122 64  ?   ?   ?   A . n 
A 1 123 PRO 123 65  ?   ?   ?   A . n 
A 1 124 SER 124 66  ?   ?   ?   A . n 
A 1 125 PRO 125 67  ?   ?   ?   A . n 
A 1 126 ALA 126 68  ?   ?   ?   A . n 
A 1 127 PRO 127 69  ?   ?   ?   A . n 
A 1 128 LEU 128 70  ?   ?   ?   A . n 
A 1 129 SER 129 71  ?   ?   ?   A . n 
A 1 130 ALA 130 72  ?   ?   ?   A . n 
A 1 131 GLU 131 73  ?   ?   ?   A . n 
A 1 132 HIS 132 74  ?   ?   ?   A . n 
A 1 133 PRO 133 75  ?   ?   ?   A . n 
A 1 134 ALA 134 76  ?   ?   ?   A . n 
A 1 135 MET 135 77  ?   ?   ?   A . n 
A 1 136 LEU 136 78  ?   ?   ?   A . n 
A 1 137 GLY 137 79  ?   ?   ?   A . n 
A 1 138 ILE 138 80  ?   ?   ?   A . n 
A 1 139 GLN 139 81  ?   ?   ?   A . n 
A 1 140 ALA 140 82  ?   ?   ?   A . n 
A 1 141 GLN 141 83  ?   ?   ?   A . n 
A 1 142 ARG 142 84  ?   ?   ?   A . n 
A 1 143 SER 143 85  ?   ?   ?   A . n 
A 1 144 VAL 144 86  ?   ?   ?   A . n 
A 1 145 SER 145 87  ?   ?   ?   A . n 
A 1 146 SER 146 88  ?   ?   ?   A . n 
A 1 147 ALA 147 89  ?   ?   ?   A . n 
A 1 148 SER 148 90  ?   ?   ?   A . n 
A 1 149 SER 149 91  ?   ?   ?   A . n 
A 1 150 THR 150 92  ?   ?   ?   A . n 
A 1 151 GLY 151 93  ?   ?   ?   A . n 
A 1 152 GLU 152 94  ?   ?   ?   A . n 
A 1 153 GLY 153 95  95  GLY GLY A . n 
A 1 154 GLY 154 96  96  GLY GLY A . n 
A 1 155 ALA 155 97  97  ALA ALA A . n 
A 1 156 SER 156 98  98  SER SER A . n 
A 1 157 VAL 157 99  99  VAL VAL A . n 
A 1 158 LYS 158 100 100 LYS LYS A . n 
A 1 159 GLU 159 101 101 GLU GLU A . n 
A 1 160 ARG 160 102 102 ARG ARG A . n 
A 1 161 GLU 161 103 103 GLU GLU A . n 
A 1 162 ARG 162 104 104 ARG ARG A . n 
A 1 163 LEU 163 105 105 LEU LEU A . n 
A 1 164 LEU 164 106 106 LEU LEU A . n 
A 1 165 LYS 165 107 107 LYS LYS A . n 
A 1 166 ALA 166 108 108 ALA ALA A . n 
A 1 167 VAL 167 109 109 VAL VAL A . n 
A 1 168 ILE 168 110 110 ILE ILE A . n 
A 1 169 SER 169 111 111 SER SER A . n 
A 1 170 VAL 170 112 112 VAL VAL A . n 
A 1 171 THR 171 113 113 THR THR A . n 
A 1 172 GLU 172 114 114 GLU GLU A . n 
A 1 173 SER 173 115 115 SER SER A . n 
A 1 174 GLY 174 116 116 GLY GLY A . n 
A 1 175 ALA 175 117 117 ALA ALA A . n 
A 1 176 PRO 176 118 118 PRO PRO A . n 
A 1 177 VAL 177 119 119 VAL VAL A . n 
A 1 178 GLU 178 120 120 GLU GLU A . n 
A 1 179 ASP 179 121 121 ASP ASP A . n 
A 1 180 ILE 180 122 122 ILE ILE A . n 
A 1 181 THR 181 123 123 THR THR A . n 
A 1 182 ASP 182 124 124 ASP ASP A . n 
A 1 183 MET 183 125 125 MET MET A . n 
A 1 184 ILE 184 126 126 ILE ILE A . n 
A 1 185 ALA 185 127 127 ALA ALA A . n 
A 1 186 SER 186 128 128 SER SER A . n 
A 1 187 LEU 187 129 129 LEU LEU A . n 
A 1 188 PRO 188 130 130 PRO PRO A . n 
A 1 189 LYS 189 131 131 LYS LYS A . n 
A 1 190 LYS 190 132 132 LYS LYS A . n 
A 1 191 ASP 191 133 133 ASP ASP A . n 
A 1 192 ARG 192 134 134 ARG ARG A . n 
A 1 193 ALA 193 135 135 ALA ALA A . n 
A 1 194 LEU 194 136 136 LEU LEU A . n 
A 1 195 ALA 195 137 137 ALA ALA A . n 
A 1 196 LEU 196 138 138 LEU LEU A . n 
A 1 197 PHE 197 139 139 PHE PHE A . n 
A 1 198 ASN 198 140 140 ASN ASN A . n 
A 1 199 PRO 199 141 141 PRO PRO A . n 
A 1 200 GLU 200 142 142 GLU GLU A . n 
A 1 201 PHE 201 143 143 PHE PHE A . n 
A 1 202 LEU 202 144 144 LEU LEU A . n 
A 1 203 LYS 203 145 145 LYS LYS A . n 
A 1 204 GLN 204 146 146 GLN GLN A . n 
A 1 205 LYS 205 147 147 LYS LYS A . n 
A 1 206 VAL 206 148 148 VAL VAL A . n 
A 1 207 ASP 207 149 149 ASP ASP A . n 
A 1 208 GLU 208 150 150 GLU GLU A . n 
A 1 209 ALA 209 151 151 ALA ALA A . n 
A 1 210 LYS 210 152 152 LYS LYS A . n 
A 1 211 ASP 211 153 153 ASP ASP A . n 
A 1 212 ILE 212 154 154 ILE ILE A . n 
A 1 213 LEU 213 155 155 LEU LEU A . n 
A 1 214 ASP 214 156 156 ASP ASP A . n 
A 1 215 ILE 215 157 157 ILE ILE A . n 
A 1 216 THR 216 158 158 THR THR A . n 
A 1 217 ASP 217 159 159 ASP ASP A . n 
A 1 218 GLU 218 160 160 GLU GLU A . n 
A 1 219 SER 219 161 ?   ?   ?   A . n 
A 1 220 GLY 220 162 ?   ?   ?   A . n 
A 1 221 GLU 221 163 ?   ?   ?   A . n 
A 1 222 ASP 222 164 ?   ?   ?   A . n 
A 1 223 LEU 223 165 ?   ?   ?   A . n 
A 1 224 SER 224 166 ?   ?   ?   A . n 
A 1 225 PRO 225 167 ?   ?   ?   A . n 
A 1 226 PRO 226 168 ?   ?   ?   A . n 
A 1 227 ARG 227 169 ?   ?   ?   A . n 
A 1 228 ALA 228 170 ?   ?   ?   A . n 
A 1 229 SER 229 171 ?   ?   ?   A . n 
A 1 230 SER 230 172 ?   ?   ?   A . n 
A 1 231 GLY 231 173 ?   ?   ?   A . n 
A 1 232 SER 232 174 ?   ?   ?   A . n 
A 1 233 ALA 233 175 ?   ?   ?   A . n 
A 1 234 PRO 234 176 ?   ?   ?   A . n 
A 1 235 VAL 235 177 ?   ?   ?   A . n 
A 1 236 PRO 236 178 ?   ?   ?   A . n 
A 1 237 LEU 237 179 ?   ?   ?   A . n 
A 1 238 SER 238 180 ?   ?   ?   A . n 
A 1 239 VAL 239 181 ?   ?   ?   A . n 
A 1 240 GLN 240 182 ?   ?   ?   A . n 
A 1 241 THR 241 183 ?   ?   ?   A . n 
A 1 242 PRO 242 184 ?   ?   ?   A . n 
A 1 243 ALA 243 185 ?   ?   ?   A . n 
A 1 244 SER 244 186 ?   ?   ?   A . n 
A 1 245 ALA 245 187 ?   ?   ?   A . n 
A 1 246 ILE 246 188 ?   ?   ?   A . n 
A 1 247 PHE 247 189 ?   ?   ?   A . n 
A 1 248 LYS 248 190 ?   ?   ?   A . n 
A 1 249 ASP 249 191 ?   ?   ?   A . n 
A 1 250 ALA 250 192 ?   ?   ?   A . n 
A 1 251 SER 251 193 ?   ?   ?   A . n 
A 1 252 ASN 252 194 ?   ?   ?   A . n 
A 1 253 GLY 253 195 ?   ?   ?   A . n 
A 1 254 GLN 254 196 ?   ?   ?   A . n 
A 1 255 SER 255 197 ?   ?   ?   A . n 
A 1 256 SER 256 198 ?   ?   ?   A . n 
A 1 257 ILE 257 199 ?   ?   ?   A . n 
A 1 258 SER 258 200 ?   ?   ?   A . n 
A 1 259 PRO 259 201 ?   ?   ?   A . n 
A 1 260 GLY 260 202 ?   ?   ?   A . n 
A 1 261 ALA 261 203 ?   ?   ?   A . n 
A 1 262 ALA 262 204 ?   ?   ?   A . n 
A 1 263 GLU 263 205 ?   ?   ?   A . n 
A 1 264 ALA 264 206 ?   ?   ?   A . n 
A 1 265 TYR 265 207 ?   ?   ?   A . n 
A 1 266 THR 266 208 ?   ?   ?   A . n 
A 1 267 LEU 267 209 ?   ?   ?   A . n 
A 1 268 SER 268 210 ?   ?   ?   A . n 
A 1 269 THR 269 211 ?   ?   ?   A . n 
A 1 270 LEU 270 212 ?   ?   ?   A . n 
A 1 271 ALA 271 213 ?   ?   ?   A . n 
A 1 272 ALA 272 214 ?   ?   ?   A . n 
A 1 273 LEU 273 215 ?   ?   ?   A . n 
A 1 274 PRO 274 216 ?   ?   ?   A . n 
A 1 275 ALA 275 217 ?   ?   ?   A . n 
A 1 276 ALA 276 218 ?   ?   ?   A . n 
A 1 277 GLU 277 219 ?   ?   ?   A . n 
A 1 278 ILE 278 220 ?   ?   ?   A . n 
A 1 279 VAL 279 221 ?   ?   ?   A . n 
A 1 280 ARG 280 222 ?   ?   ?   A . n 
A 1 281 LEU 281 223 ?   ?   ?   A . n 
A 1 282 ALA 282 224 ?   ?   ?   A . n 
A 1 283 ASN 283 225 ?   ?   ?   A . n 
A 1 284 SER 284 226 ?   ?   ?   A . n 
A 1 285 GLN 285 227 ?   ?   ?   A . n 
A 1 286 SER 286 228 ?   ?   ?   A . n 
A 1 287 SER 287 229 ?   ?   ?   A . n 
A 1 288 SER 288 230 ?   ?   ?   A . n 
A 1 289 GLY 289 231 ?   ?   ?   A . n 
A 1 290 LEU 290 232 ?   ?   ?   A . n 
A 1 291 PRO 291 233 ?   ?   ?   A . n 
A 1 292 LEU 292 234 ?   ?   ?   A . n 
A 1 293 PRO 293 235 ?   ?   ?   A . n 
A 1 294 LYS 294 236 ?   ?   ?   A . n 
A 1 295 ALA 295 237 ?   ?   ?   A . n 
A 1 296 ASP 296 238 ?   ?   ?   A . n 
A 1 297 PRO 297 239 ?   ?   ?   A . n 
A 1 298 ALA 298 240 ?   ?   ?   A . n 
A 1 299 THR 299 241 ?   ?   ?   A . n 
A 1 300 VAL 300 242 ?   ?   ?   A . n 
A 1 301 LYS 301 243 ?   ?   ?   A . n 
A 1 302 ALA 302 244 ?   ?   ?   A . n 
A 1 303 THR 303 245 ?   ?   ?   A . n 
A 1 304 ASP 304 246 ?   ?   ?   A . n 
A 1 305 ASP 305 247 ?   ?   ?   A . n 
A 1 306 PHE 306 248 ?   ?   ?   A . n 
A 1 307 ILE 307 249 ?   ?   ?   A . n 
A 1 308 ASP 308 250 ?   ?   ?   A . n 
A 1 309 SER 309 251 ?   ?   ?   A . n 
A 1 310 LEU 310 252 ?   ?   ?   A . n 
A 1 311 GLN 311 253 ?   ?   ?   A . n 
A 1 312 GLY 312 254 ?   ?   ?   A . n 
A 1 313 LYS 313 255 ?   ?   ?   A . n 
A 1 314 ALA 314 256 ?   ?   ?   A . n 
A 1 315 ALA 315 257 ?   ?   ?   A . n 
A 1 316 HIS 316 258 ?   ?   ?   A . n 
A 1 317 ASP 317 259 ?   ?   ?   A . n 
A 1 318 GLN 318 260 ?   ?   ?   A . n 
A 1 319 LYS 319 261 ?   ?   ?   A . n 
A 1 320 GLN 320 262 ?   ?   ?   A . n 
A 1 321 LYS 321 263 ?   ?   ?   A . n 
A 1 322 LEU 322 264 ?   ?   ?   A . n 
A 1 323 GLY 323 265 ?   ?   ?   A . n 
A 1 324 ASP 324 266 ?   ?   ?   A . n 
A 1 325 GLN 325 267 ?   ?   ?   A . n 
A 1 326 LEU 326 268 ?   ?   ?   A . n 
A 1 327 PHE 327 269 ?   ?   ?   A . n 
A 1 328 LYS 328 270 ?   ?   ?   A . n 
A 1 329 LYS 329 271 ?   ?   ?   A . n 
A 1 330 ILE 330 272 ?   ?   ?   A . n 
A 1 331 ARG 331 273 ?   ?   ?   A . n 
A 1 332 THR 332 274 ?   ?   ?   A . n 
A 1 333 PHE 333 275 ?   ?   ?   A . n 
A 1 334 GLY 334 276 ?   ?   ?   A . n 
A 1 335 VAL 335 277 ?   ?   ?   A . n 
A 1 336 LYS 336 278 ?   ?   ?   A . n 
A 1 337 GLY 337 279 ?   ?   ?   A . n 
A 1 338 ALA 338 280 ?   ?   ?   A . n 
A 1 339 PRO 339 281 ?   ?   ?   A . n 
A 1 340 LYS 340 282 ?   ?   ?   A . n 
A 1 341 LEU 341 283 ?   ?   ?   A . n 
A 1 342 THR 342 284 ?   ?   ?   A . n 
A 1 343 ILE 343 285 ?   ?   ?   A . n 
A 1 344 HIS 344 286 ?   ?   ?   A . n 
A 1 345 LEU 345 287 ?   ?   ?   A . n 
A 1 346 LEU 346 288 ?   ?   ?   A . n 
A 1 347 ASP 347 289 ?   ?   ?   A . n 
A 1 348 SER 348 290 ?   ?   ?   A . n 
A 1 349 GLU 349 291 ?   ?   ?   A . n 
A 1 350 ASP 350 292 ?   ?   ?   A . n 
A 1 351 LEU 351 293 ?   ?   ?   A . n 
A 1 352 ARG 352 294 ?   ?   ?   A . n 
A 1 353 ALA 353 295 ?   ?   ?   A . n 
A 1 354 LEU 354 296 ?   ?   ?   A . n 
A 1 355 ALA 355 297 ?   ?   ?   A . n 
A 1 356 HIS 356 298 ?   ?   ?   A . n 
A 1 357 LEU 357 299 ?   ?   ?   A . n 
A 1 358 MET 358 300 ?   ?   ?   A . n 
A 1 359 ASN 359 301 ?   ?   ?   A . n 
A 1 360 SER 360 302 ?   ?   ?   A . n 
A 1 361 TYR 361 303 ?   ?   ?   A . n 
A 1 362 GLU 362 304 ?   ?   ?   A . n 
A 1 363 ASP 363 305 ?   ?   ?   A . n 
A 1 364 VAL 364 306 ?   ?   ?   A . n 
A 1 365 LEU 365 307 ?   ?   ?   A . n 
A 1 366 LYS 366 308 ?   ?   ?   A . n 
A 1 367 GLU 367 309 ?   ?   ?   A . n 
A 1 368 LYS 368 310 ?   ?   ?   A . n 
A 1 369 VAL 369 311 ?   ?   ?   A . n 
A 1 370 GLN 370 312 ?   ?   ?   A . n 
A 1 371 HIS 371 313 ?   ?   ?   A . n 
A 1 372 LYS 372 314 ?   ?   ?   A . n 
A 1 373 VAL 373 315 ?   ?   ?   A . n 
A 1 374 ALA 374 316 ?   ?   ?   A . n 
A 1 375 ALA 375 317 ?   ?   ?   A . n 
A 1 376 GLY 376 318 ?   ?   ?   A . n 
A 1 377 LEU 377 319 ?   ?   ?   A . n 
A 1 378 ASN 378 320 ?   ?   ?   A . n 
A 1 379 LYS 379 321 ?   ?   ?   A . n 
B 1 1   MET 1   -57 ?   ?   ?   B . n 
B 1 2   HIS 2   -56 ?   ?   ?   B . n 
B 1 3   HIS 3   -55 ?   ?   ?   B . n 
B 1 4   HIS 4   -54 ?   ?   ?   B . n 
B 1 5   HIS 5   -53 ?   ?   ?   B . n 
B 1 6   HIS 6   -52 ?   ?   ?   B . n 
B 1 7   HIS 7   -51 ?   ?   ?   B . n 
B 1 8   SER 8   -50 ?   ?   ?   B . n 
B 1 9   SER 9   -49 ?   ?   ?   B . n 
B 1 10  ASN 10  -48 ?   ?   ?   B . n 
B 1 11  SER 11  -47 ?   ?   ?   B . n 
B 1 12  PRO 12  -46 ?   ?   ?   B . n 
B 1 13  PRO 13  -45 ?   ?   ?   B . n 
B 1 14  THR 14  -44 ?   ?   ?   B . n 
B 1 15  GLU 15  -43 ?   ?   ?   B . n 
B 1 16  ALA 16  -42 ?   ?   ?   B . n 
B 1 17  ARG 17  -41 ?   ?   ?   B . n 
B 1 18  LYS 18  -40 ?   ?   ?   B . n 
B 1 19  ALA 19  -39 ?   ?   ?   B . n 
B 1 20  ASP 20  -38 ?   ?   ?   B . n 
B 1 21  LYS 21  -37 ?   ?   ?   B . n 
B 1 22  ARG 22  -36 ?   ?   ?   B . n 
B 1 23  GLN 23  -35 ?   ?   ?   B . n 
B 1 24  SER 24  -34 ?   ?   ?   B . n 
B 1 25  ARG 25  -33 ?   ?   ?   B . n 
B 1 26  SER 26  -32 ?   ?   ?   B . n 
B 1 27  TYR 27  -31 ?   ?   ?   B . n 
B 1 28  PHE 28  -30 ?   ?   ?   B . n 
B 1 29  LYS 29  -29 ?   ?   ?   B . n 
B 1 30  ALA 30  -28 ?   ?   ?   B . n 
B 1 31  GLY 31  -27 ?   ?   ?   B . n 
B 1 32  VAL 32  -26 ?   ?   ?   B . n 
B 1 33  PRO 33  -25 ?   ?   ?   B . n 
B 1 34  SER 34  -24 ?   ?   ?   B . n 
B 1 35  ASP 35  -23 ?   ?   ?   B . n 
B 1 36  ALA 36  -22 ?   ?   ?   B . n 
B 1 37  SER 37  -21 ?   ?   ?   B . n 
B 1 38  GLY 38  -20 ?   ?   ?   B . n 
B 1 39  LEU 39  -19 ?   ?   ?   B . n 
B 1 40  VAL 40  -18 ?   ?   ?   B . n 
B 1 41  ASP 41  -17 ?   ?   ?   B . n 
B 1 42  GLU 42  -16 ?   ?   ?   B . n 
B 1 43  GLU 43  -15 ?   ?   ?   B . n 
B 1 44  GLN 44  -14 ?   ?   ?   B . n 
B 1 45  LEU 45  -13 ?   ?   ?   B . n 
B 1 46  ARG 46  -12 ?   ?   ?   B . n 
B 1 47  SER 47  -11 ?   ?   ?   B . n 
B 1 48  LEU 48  -10 ?   ?   ?   B . n 
B 1 49  SER 49  -9  ?   ?   ?   B . n 
B 1 50  THR 50  -8  ?   ?   ?   B . n 
B 1 51  VAL 51  -7  ?   ?   ?   B . n 
B 1 52  VAL 52  -6  ?   ?   ?   B . n 
B 1 53  ARG 53  -5  ?   ?   ?   B . n 
B 1 54  ASN 54  -4  ?   ?   ?   B . n 
B 1 55  GLU 55  -3  ?   ?   ?   B . n 
B 1 56  LEU 56  -2  ?   ?   ?   B . n 
B 1 57  LEU 57  -1  ?   ?   ?   B . n 
B 1 58  SER 58  0   ?   ?   ?   B . n 
B 1 59  GLY 59  1   ?   ?   ?   B . n 
B 1 60  GLU 60  2   ?   ?   ?   B . n 
B 1 61  PHE 61  3   ?   ?   ?   B . n 
B 1 62  THR 62  4   ?   ?   ?   B . n 
B 1 63  ARG 63  5   ?   ?   ?   B . n 
B 1 64  ARG 64  6   ?   ?   ?   B . n 
B 1 65  ILE 65  7   ?   ?   ?   B . n 
B 1 66  PRO 66  8   ?   ?   ?   B . n 
B 1 67  LYS 67  9   ?   ?   ?   B . n 
B 1 68  VAL 68  10  ?   ?   ?   B . n 
B 1 69  SER 69  11  ?   ?   ?   B . n 
B 1 70  SER 70  12  ?   ?   ?   B . n 
B 1 71  VAL 71  13  ?   ?   ?   B . n 
B 1 72  THR 72  14  ?   ?   ?   B . n 
B 1 73  GLU 73  15  ?   ?   ?   B . n 
B 1 74  ALA 74  16  ?   ?   ?   B . n 
B 1 75  GLN 75  17  ?   ?   ?   B . n 
B 1 76  LEU 76  18  ?   ?   ?   B . n 
B 1 77  ASP 77  19  ?   ?   ?   B . n 
B 1 78  ASP 78  20  ?   ?   ?   B . n 
B 1 79  VAL 79  21  ?   ?   ?   B . n 
B 1 80  VAL 80  22  ?   ?   ?   B . n 
B 1 81  GLY 81  23  ?   ?   ?   B . n 
B 1 82  GLU 82  24  ?   ?   ?   B . n 
B 1 83  LEU 83  25  ?   ?   ?   B . n 
B 1 84  LEU 84  26  ?   ?   ?   B . n 
B 1 85  SER 85  27  ?   ?   ?   B . n 
B 1 86  LEU 86  28  ?   ?   ?   B . n 
B 1 87  LYS 87  29  ?   ?   ?   B . n 
B 1 88  LEU 88  30  ?   ?   ?   B . n 
B 1 89  ALA 89  31  ?   ?   ?   B . n 
B 1 90  ASP 90  32  ?   ?   ?   B . n 
B 1 91  ALA 91  33  ?   ?   ?   B . n 
B 1 92  VAL 92  34  ?   ?   ?   B . n 
B 1 93  GLU 93  35  ?   ?   ?   B . n 
B 1 94  ALA 94  36  ?   ?   ?   B . n 
B 1 95  LEU 95  37  ?   ?   ?   B . n 
B 1 96  ASN 96  38  ?   ?   ?   B . n 
B 1 97  ASN 97  39  ?   ?   ?   B . n 
B 1 98  PRO 98  40  ?   ?   ?   B . n 
B 1 99  ILE 99  41  ?   ?   ?   B . n 
B 1 100 SER 100 42  ?   ?   ?   B . n 
B 1 101 LEU 101 43  ?   ?   ?   B . n 
B 1 102 ILE 102 44  ?   ?   ?   B . n 
B 1 103 GLN 103 45  ?   ?   ?   B . n 
B 1 104 ARG 104 46  ?   ?   ?   B . n 
B 1 105 ILE 105 47  ?   ?   ?   B . n 
B 1 106 SER 106 48  ?   ?   ?   B . n 
B 1 107 ASP 107 49  ?   ?   ?   B . n 
B 1 108 ALA 108 50  ?   ?   ?   B . n 
B 1 109 ARG 109 51  ?   ?   ?   B . n 
B 1 110 GLU 110 52  ?   ?   ?   B . n 
B 1 111 GLN 111 53  ?   ?   ?   B . n 
B 1 112 LEU 112 54  ?   ?   ?   B . n 
B 1 113 ALA 113 55  ?   ?   ?   B . n 
B 1 114 GLN 114 56  ?   ?   ?   B . n 
B 1 115 LYS 115 57  ?   ?   ?   B . n 
B 1 116 SER 116 58  ?   ?   ?   B . n 
B 1 117 ALA 117 59  ?   ?   ?   B . n 
B 1 118 SER 118 60  ?   ?   ?   B . n 
B 1 119 THR 119 61  ?   ?   ?   B . n 
B 1 120 LEU 120 62  ?   ?   ?   B . n 
B 1 121 THR 121 63  ?   ?   ?   B . n 
B 1 122 ALA 122 64  ?   ?   ?   B . n 
B 1 123 PRO 123 65  ?   ?   ?   B . n 
B 1 124 SER 124 66  ?   ?   ?   B . n 
B 1 125 PRO 125 67  ?   ?   ?   B . n 
B 1 126 ALA 126 68  ?   ?   ?   B . n 
B 1 127 PRO 127 69  ?   ?   ?   B . n 
B 1 128 LEU 128 70  ?   ?   ?   B . n 
B 1 129 SER 129 71  ?   ?   ?   B . n 
B 1 130 ALA 130 72  ?   ?   ?   B . n 
B 1 131 GLU 131 73  ?   ?   ?   B . n 
B 1 132 HIS 132 74  ?   ?   ?   B . n 
B 1 133 PRO 133 75  ?   ?   ?   B . n 
B 1 134 ALA 134 76  ?   ?   ?   B . n 
B 1 135 MET 135 77  ?   ?   ?   B . n 
B 1 136 LEU 136 78  ?   ?   ?   B . n 
B 1 137 GLY 137 79  ?   ?   ?   B . n 
B 1 138 ILE 138 80  ?   ?   ?   B . n 
B 1 139 GLN 139 81  ?   ?   ?   B . n 
B 1 140 ALA 140 82  ?   ?   ?   B . n 
B 1 141 GLN 141 83  ?   ?   ?   B . n 
B 1 142 ARG 142 84  ?   ?   ?   B . n 
B 1 143 SER 143 85  ?   ?   ?   B . n 
B 1 144 VAL 144 86  ?   ?   ?   B . n 
B 1 145 SER 145 87  ?   ?   ?   B . n 
B 1 146 SER 146 88  ?   ?   ?   B . n 
B 1 147 ALA 147 89  ?   ?   ?   B . n 
B 1 148 SER 148 90  ?   ?   ?   B . n 
B 1 149 SER 149 91  ?   ?   ?   B . n 
B 1 150 THR 150 92  ?   ?   ?   B . n 
B 1 151 GLY 151 93  ?   ?   ?   B . n 
B 1 152 GLU 152 94  ?   ?   ?   B . n 
B 1 153 GLY 153 95  ?   ?   ?   B . n 
B 1 154 GLY 154 96  ?   ?   ?   B . n 
B 1 155 ALA 155 97  97  ALA ALA B . n 
B 1 156 SER 156 98  98  SER SER B . n 
B 1 157 VAL 157 99  99  VAL VAL B . n 
B 1 158 LYS 158 100 100 LYS LYS B . n 
B 1 159 GLU 159 101 101 GLU GLU B . n 
B 1 160 ARG 160 102 102 ARG ARG B . n 
B 1 161 GLU 161 103 103 GLU GLU B . n 
B 1 162 ARG 162 104 104 ARG ARG B . n 
B 1 163 LEU 163 105 105 LEU LEU B . n 
B 1 164 LEU 164 106 106 LEU LEU B . n 
B 1 165 LYS 165 107 107 LYS LYS B . n 
B 1 166 ALA 166 108 108 ALA ALA B . n 
B 1 167 VAL 167 109 109 VAL VAL B . n 
B 1 168 ILE 168 110 110 ILE ILE B . n 
B 1 169 SER 169 111 111 SER SER B . n 
B 1 170 VAL 170 112 112 VAL VAL B . n 
B 1 171 THR 171 113 113 THR THR B . n 
B 1 172 GLU 172 114 114 GLU GLU B . n 
B 1 173 SER 173 115 115 SER SER B . n 
B 1 174 GLY 174 116 116 GLY GLY B . n 
B 1 175 ALA 175 117 117 ALA ALA B . n 
B 1 176 PRO 176 118 118 PRO PRO B . n 
B 1 177 VAL 177 119 119 VAL VAL B . n 
B 1 178 GLU 178 120 120 GLU GLU B . n 
B 1 179 ASP 179 121 121 ASP ASP B . n 
B 1 180 ILE 180 122 122 ILE ILE B . n 
B 1 181 THR 181 123 123 THR THR B . n 
B 1 182 ASP 182 124 124 ASP ASP B . n 
B 1 183 MET 183 125 125 MET MET B . n 
B 1 184 ILE 184 126 126 ILE ILE B . n 
B 1 185 ALA 185 127 127 ALA ALA B . n 
B 1 186 SER 186 128 128 SER SER B . n 
B 1 187 LEU 187 129 129 LEU LEU B . n 
B 1 188 PRO 188 130 130 PRO PRO B . n 
B 1 189 LYS 189 131 131 LYS LYS B . n 
B 1 190 LYS 190 132 132 LYS LYS B . n 
B 1 191 ASP 191 133 133 ASP ASP B . n 
B 1 192 ARG 192 134 134 ARG ARG B . n 
B 1 193 ALA 193 135 135 ALA ALA B . n 
B 1 194 LEU 194 136 136 LEU LEU B . n 
B 1 195 ALA 195 137 137 ALA ALA B . n 
B 1 196 LEU 196 138 138 LEU LEU B . n 
B 1 197 PHE 197 139 139 PHE PHE B . n 
B 1 198 ASN 198 140 140 ASN ASN B . n 
B 1 199 PRO 199 141 141 PRO PRO B . n 
B 1 200 GLU 200 142 142 GLU GLU B . n 
B 1 201 PHE 201 143 143 PHE PHE B . n 
B 1 202 LEU 202 144 144 LEU LEU B . n 
B 1 203 LYS 203 145 145 LYS LYS B . n 
B 1 204 GLN 204 146 146 GLN GLN B . n 
B 1 205 LYS 205 147 147 LYS LYS B . n 
B 1 206 VAL 206 148 148 VAL VAL B . n 
B 1 207 ASP 207 149 149 ASP ASP B . n 
B 1 208 GLU 208 150 150 GLU GLU B . n 
B 1 209 ALA 209 151 151 ALA ALA B . n 
B 1 210 LYS 210 152 152 LYS LYS B . n 
B 1 211 ASP 211 153 153 ASP ASP B . n 
B 1 212 ILE 212 154 154 ILE ILE B . n 
B 1 213 LEU 213 155 155 LEU LEU B . n 
B 1 214 ASP 214 156 156 ASP ASP B . n 
B 1 215 ILE 215 157 157 ILE ILE B . n 
B 1 216 THR 216 158 158 THR THR B . n 
B 1 217 ASP 217 159 159 ASP ASP B . n 
B 1 218 GLU 218 160 160 GLU GLU B . n 
B 1 219 SER 219 161 ?   ?   ?   B . n 
B 1 220 GLY 220 162 ?   ?   ?   B . n 
B 1 221 GLU 221 163 ?   ?   ?   B . n 
B 1 222 ASP 222 164 ?   ?   ?   B . n 
B 1 223 LEU 223 165 ?   ?   ?   B . n 
B 1 224 SER 224 166 ?   ?   ?   B . n 
B 1 225 PRO 225 167 ?   ?   ?   B . n 
B 1 226 PRO 226 168 ?   ?   ?   B . n 
B 1 227 ARG 227 169 ?   ?   ?   B . n 
B 1 228 ALA 228 170 ?   ?   ?   B . n 
B 1 229 SER 229 171 ?   ?   ?   B . n 
B 1 230 SER 230 172 ?   ?   ?   B . n 
B 1 231 GLY 231 173 ?   ?   ?   B . n 
B 1 232 SER 232 174 ?   ?   ?   B . n 
B 1 233 ALA 233 175 ?   ?   ?   B . n 
B 1 234 PRO 234 176 ?   ?   ?   B . n 
B 1 235 VAL 235 177 ?   ?   ?   B . n 
B 1 236 PRO 236 178 ?   ?   ?   B . n 
B 1 237 LEU 237 179 ?   ?   ?   B . n 
B 1 238 SER 238 180 ?   ?   ?   B . n 
B 1 239 VAL 239 181 ?   ?   ?   B . n 
B 1 240 GLN 240 182 ?   ?   ?   B . n 
B 1 241 THR 241 183 ?   ?   ?   B . n 
B 1 242 PRO 242 184 ?   ?   ?   B . n 
B 1 243 ALA 243 185 ?   ?   ?   B . n 
B 1 244 SER 244 186 ?   ?   ?   B . n 
B 1 245 ALA 245 187 ?   ?   ?   B . n 
B 1 246 ILE 246 188 ?   ?   ?   B . n 
B 1 247 PHE 247 189 ?   ?   ?   B . n 
B 1 248 LYS 248 190 ?   ?   ?   B . n 
B 1 249 ASP 249 191 ?   ?   ?   B . n 
B 1 250 ALA 250 192 ?   ?   ?   B . n 
B 1 251 SER 251 193 ?   ?   ?   B . n 
B 1 252 ASN 252 194 ?   ?   ?   B . n 
B 1 253 GLY 253 195 ?   ?   ?   B . n 
B 1 254 GLN 254 196 ?   ?   ?   B . n 
B 1 255 SER 255 197 ?   ?   ?   B . n 
B 1 256 SER 256 198 ?   ?   ?   B . n 
B 1 257 ILE 257 199 ?   ?   ?   B . n 
B 1 258 SER 258 200 ?   ?   ?   B . n 
B 1 259 PRO 259 201 ?   ?   ?   B . n 
B 1 260 GLY 260 202 ?   ?   ?   B . n 
B 1 261 ALA 261 203 ?   ?   ?   B . n 
B 1 262 ALA 262 204 ?   ?   ?   B . n 
B 1 263 GLU 263 205 ?   ?   ?   B . n 
B 1 264 ALA 264 206 ?   ?   ?   B . n 
B 1 265 TYR 265 207 ?   ?   ?   B . n 
B 1 266 THR 266 208 ?   ?   ?   B . n 
B 1 267 LEU 267 209 ?   ?   ?   B . n 
B 1 268 SER 268 210 ?   ?   ?   B . n 
B 1 269 THR 269 211 ?   ?   ?   B . n 
B 1 270 LEU 270 212 ?   ?   ?   B . n 
B 1 271 ALA 271 213 ?   ?   ?   B . n 
B 1 272 ALA 272 214 ?   ?   ?   B . n 
B 1 273 LEU 273 215 ?   ?   ?   B . n 
B 1 274 PRO 274 216 ?   ?   ?   B . n 
B 1 275 ALA 275 217 ?   ?   ?   B . n 
B 1 276 ALA 276 218 ?   ?   ?   B . n 
B 1 277 GLU 277 219 ?   ?   ?   B . n 
B 1 278 ILE 278 220 ?   ?   ?   B . n 
B 1 279 VAL 279 221 ?   ?   ?   B . n 
B 1 280 ARG 280 222 ?   ?   ?   B . n 
B 1 281 LEU 281 223 ?   ?   ?   B . n 
B 1 282 ALA 282 224 ?   ?   ?   B . n 
B 1 283 ASN 283 225 ?   ?   ?   B . n 
B 1 284 SER 284 226 ?   ?   ?   B . n 
B 1 285 GLN 285 227 ?   ?   ?   B . n 
B 1 286 SER 286 228 ?   ?   ?   B . n 
B 1 287 SER 287 229 ?   ?   ?   B . n 
B 1 288 SER 288 230 ?   ?   ?   B . n 
B 1 289 GLY 289 231 ?   ?   ?   B . n 
B 1 290 LEU 290 232 ?   ?   ?   B . n 
B 1 291 PRO 291 233 ?   ?   ?   B . n 
B 1 292 LEU 292 234 ?   ?   ?   B . n 
B 1 293 PRO 293 235 ?   ?   ?   B . n 
B 1 294 LYS 294 236 ?   ?   ?   B . n 
B 1 295 ALA 295 237 ?   ?   ?   B . n 
B 1 296 ASP 296 238 ?   ?   ?   B . n 
B 1 297 PRO 297 239 ?   ?   ?   B . n 
B 1 298 ALA 298 240 ?   ?   ?   B . n 
B 1 299 THR 299 241 ?   ?   ?   B . n 
B 1 300 VAL 300 242 ?   ?   ?   B . n 
B 1 301 LYS 301 243 ?   ?   ?   B . n 
B 1 302 ALA 302 244 ?   ?   ?   B . n 
B 1 303 THR 303 245 ?   ?   ?   B . n 
B 1 304 ASP 304 246 ?   ?   ?   B . n 
B 1 305 ASP 305 247 ?   ?   ?   B . n 
B 1 306 PHE 306 248 ?   ?   ?   B . n 
B 1 307 ILE 307 249 ?   ?   ?   B . n 
B 1 308 ASP 308 250 ?   ?   ?   B . n 
B 1 309 SER 309 251 ?   ?   ?   B . n 
B 1 310 LEU 310 252 ?   ?   ?   B . n 
B 1 311 GLN 311 253 ?   ?   ?   B . n 
B 1 312 GLY 312 254 ?   ?   ?   B . n 
B 1 313 LYS 313 255 ?   ?   ?   B . n 
B 1 314 ALA 314 256 ?   ?   ?   B . n 
B 1 315 ALA 315 257 ?   ?   ?   B . n 
B 1 316 HIS 316 258 ?   ?   ?   B . n 
B 1 317 ASP 317 259 ?   ?   ?   B . n 
B 1 318 GLN 318 260 ?   ?   ?   B . n 
B 1 319 LYS 319 261 ?   ?   ?   B . n 
B 1 320 GLN 320 262 ?   ?   ?   B . n 
B 1 321 LYS 321 263 ?   ?   ?   B . n 
B 1 322 LEU 322 264 ?   ?   ?   B . n 
B 1 323 GLY 323 265 ?   ?   ?   B . n 
B 1 324 ASP 324 266 ?   ?   ?   B . n 
B 1 325 GLN 325 267 ?   ?   ?   B . n 
B 1 326 LEU 326 268 ?   ?   ?   B . n 
B 1 327 PHE 327 269 ?   ?   ?   B . n 
B 1 328 LYS 328 270 ?   ?   ?   B . n 
B 1 329 LYS 329 271 ?   ?   ?   B . n 
B 1 330 ILE 330 272 ?   ?   ?   B . n 
B 1 331 ARG 331 273 ?   ?   ?   B . n 
B 1 332 THR 332 274 ?   ?   ?   B . n 
B 1 333 PHE 333 275 ?   ?   ?   B . n 
B 1 334 GLY 334 276 ?   ?   ?   B . n 
B 1 335 VAL 335 277 ?   ?   ?   B . n 
B 1 336 LYS 336 278 ?   ?   ?   B . n 
B 1 337 GLY 337 279 ?   ?   ?   B . n 
B 1 338 ALA 338 280 ?   ?   ?   B . n 
B 1 339 PRO 339 281 ?   ?   ?   B . n 
B 1 340 LYS 340 282 ?   ?   ?   B . n 
B 1 341 LEU 341 283 ?   ?   ?   B . n 
B 1 342 THR 342 284 ?   ?   ?   B . n 
B 1 343 ILE 343 285 ?   ?   ?   B . n 
B 1 344 HIS 344 286 ?   ?   ?   B . n 
B 1 345 LEU 345 287 ?   ?   ?   B . n 
B 1 346 LEU 346 288 ?   ?   ?   B . n 
B 1 347 ASP 347 289 ?   ?   ?   B . n 
B 1 348 SER 348 290 ?   ?   ?   B . n 
B 1 349 GLU 349 291 ?   ?   ?   B . n 
B 1 350 ASP 350 292 ?   ?   ?   B . n 
B 1 351 LEU 351 293 ?   ?   ?   B . n 
B 1 352 ARG 352 294 ?   ?   ?   B . n 
B 1 353 ALA 353 295 ?   ?   ?   B . n 
B 1 354 LEU 354 296 ?   ?   ?   B . n 
B 1 355 ALA 355 297 ?   ?   ?   B . n 
B 1 356 HIS 356 298 ?   ?   ?   B . n 
B 1 357 LEU 357 299 ?   ?   ?   B . n 
B 1 358 MET 358 300 ?   ?   ?   B . n 
B 1 359 ASN 359 301 ?   ?   ?   B . n 
B 1 360 SER 360 302 ?   ?   ?   B . n 
B 1 361 TYR 361 303 ?   ?   ?   B . n 
B 1 362 GLU 362 304 ?   ?   ?   B . n 
B 1 363 ASP 363 305 ?   ?   ?   B . n 
B 1 364 VAL 364 306 ?   ?   ?   B . n 
B 1 365 LEU 365 307 ?   ?   ?   B . n 
B 1 366 LYS 366 308 ?   ?   ?   B . n 
B 1 367 GLU 367 309 ?   ?   ?   B . n 
B 1 368 LYS 368 310 ?   ?   ?   B . n 
B 1 369 VAL 369 311 ?   ?   ?   B . n 
B 1 370 GLN 370 312 ?   ?   ?   B . n 
B 1 371 HIS 371 313 ?   ?   ?   B . n 
B 1 372 LYS 372 314 ?   ?   ?   B . n 
B 1 373 VAL 373 315 ?   ?   ?   B . n 
B 1 374 ALA 374 316 ?   ?   ?   B . n 
B 1 375 ALA 375 317 ?   ?   ?   B . n 
B 1 376 GLY 376 318 ?   ?   ?   B . n 
B 1 377 LEU 377 319 ?   ?   ?   B . n 
B 1 378 ASN 378 320 ?   ?   ?   B . n 
B 1 379 LYS 379 321 ?   ?   ?   B . n 
# 
loop_
_software.citation_id 
_software.classification 
_software.compiler_name 
_software.compiler_version 
_software.contact_author 
_software.contact_author_email 
_software.date 
_software.description 
_software.dependencies 
_software.hardware 
_software.language 
_software.location 
_software.mods 
_software.name 
_software.os 
_software.os_version 
_software.type 
_software.version 
_software.pdbx_ordinal 
? 'data collection' ? ? ? ? ? ? ? ? ? ? ? AutoProcess ? ? ? 1.17.1_3660 1 
? refinement        ? ? ? ? ? ? ? ? ? ? ? PHENIX      ? ? ? 1.17.1_3660 2 
? 'data reduction'  ? ? ? ? ? ? ? ? ? ? ? XDS         ? ? ? .           3 
? 'data scaling'    ? ? ? ? ? ? ? ? ? ? ? XSCALE      ? ? ? .           4 
? phasing           ? ? ? ? ? ? ? ? ? ? ? PHASER      ? ? ? .           5 
# 
_cell.angle_alpha                  90.000 
_cell.angle_alpha_esd              ? 
_cell.angle_beta                   90.000 
_cell.angle_beta_esd               ? 
_cell.angle_gamma                  90.000 
_cell.angle_gamma_esd              ? 
_cell.entry_id                     7PZE 
_cell.details                      ? 
_cell.formula_units_Z              ? 
_cell.length_a                     53.455 
_cell.length_a_esd                 ? 
_cell.length_b                     53.455 
_cell.length_b_esd                 ? 
_cell.length_c                     144.873 
_cell.length_c_esd                 ? 
_cell.volume                       413965.474 
_cell.volume_esd                   ? 
_cell.Z_PDB                        16 
_cell.reciprocal_angle_alpha       ? 
_cell.reciprocal_angle_beta        ? 
_cell.reciprocal_angle_gamma       ? 
_cell.reciprocal_angle_alpha_esd   ? 
_cell.reciprocal_angle_beta_esd    ? 
_cell.reciprocal_angle_gamma_esd   ? 
_cell.reciprocal_length_a          ? 
_cell.reciprocal_length_b          ? 
_cell.reciprocal_length_c          ? 
_cell.reciprocal_length_a_esd      ? 
_cell.reciprocal_length_b_esd      ? 
_cell.reciprocal_length_c_esd      ? 
_cell.pdbx_unique_axis             ? 
# 
_symmetry.entry_id                         7PZE 
_symmetry.cell_setting                     ? 
_symmetry.Int_Tables_number                96 
_symmetry.space_group_name_Hall            'P 4nw 2abw' 
_symmetry.space_group_name_H-M             'P 43 21 2' 
_symmetry.pdbx_full_space_group_name_H-M   ? 
# 
_exptl.absorpt_coefficient_mu     ? 
_exptl.absorpt_correction_T_max   ? 
_exptl.absorpt_correction_T_min   ? 
_exptl.absorpt_correction_type    ? 
_exptl.absorpt_process_details    ? 
_exptl.entry_id                   7PZE 
_exptl.crystals_number            1 
_exptl.details                    ? 
_exptl.method                     'X-RAY DIFFRACTION' 
_exptl.method_details             ? 
# 
_exptl_crystal.colour                      ? 
_exptl_crystal.density_diffrn              ? 
_exptl_crystal.density_Matthews            ? 
_exptl_crystal.density_method              ? 
_exptl_crystal.density_percent_sol         ? 
_exptl_crystal.description                 ? 
_exptl_crystal.F_000                       ? 
_exptl_crystal.id                          1 
_exptl_crystal.preparation                 ? 
_exptl_crystal.size_max                    ? 
_exptl_crystal.size_mid                    ? 
_exptl_crystal.size_min                    ? 
_exptl_crystal.size_rad                    ? 
_exptl_crystal.colour_lustre               ? 
_exptl_crystal.colour_modifier             ? 
_exptl_crystal.colour_primary              ? 
_exptl_crystal.density_meas                ? 
_exptl_crystal.density_meas_esd            ? 
_exptl_crystal.density_meas_gt             ? 
_exptl_crystal.density_meas_lt             ? 
_exptl_crystal.density_meas_temp           ? 
_exptl_crystal.density_meas_temp_esd       ? 
_exptl_crystal.density_meas_temp_gt        ? 
_exptl_crystal.density_meas_temp_lt        ? 
_exptl_crystal.pdbx_crystal_image_url      ? 
_exptl_crystal.pdbx_crystal_image_format   ? 
_exptl_crystal.pdbx_mosaicity              ? 
_exptl_crystal.pdbx_mosaicity_esd          ? 
# 
_exptl_crystal_grow.apparatus       ? 
_exptl_crystal_grow.atmosphere      ? 
_exptl_crystal_grow.crystal_id      1 
_exptl_crystal_grow.details         ? 
_exptl_crystal_grow.method          'VAPOR DIFFUSION' 
_exptl_crystal_grow.method_ref      ? 
_exptl_crystal_grow.pH              8 
_exptl_crystal_grow.pressure        ? 
_exptl_crystal_grow.pressure_esd    ? 
_exptl_crystal_grow.seeding         ? 
_exptl_crystal_grow.seeding_ref     ? 
_exptl_crystal_grow.temp            285 
_exptl_crystal_grow.temp_details    ? 
_exptl_crystal_grow.temp_esd        ? 
_exptl_crystal_grow.time            ? 
_exptl_crystal_grow.pdbx_details    '0.2 M potassium chloride, 20 % (w/v) PEG 3350' 
_exptl_crystal_grow.pdbx_pH_range   ? 
# 
_diffrn.ambient_environment              ? 
_diffrn.ambient_temp                     100 
_diffrn.ambient_temp_details             ? 
_diffrn.ambient_temp_esd                 ? 
_diffrn.crystal_id                       1 
_diffrn.crystal_support                  ? 
_diffrn.crystal_treatment                ? 
_diffrn.details                          ? 
_diffrn.id                               1 
_diffrn.ambient_pressure                 ? 
_diffrn.ambient_pressure_esd             ? 
_diffrn.ambient_pressure_gt              ? 
_diffrn.ambient_pressure_lt              ? 
_diffrn.ambient_temp_gt                  ? 
_diffrn.ambient_temp_lt                  ? 
_diffrn.pdbx_serial_crystal_experiment   N 
# 
_diffrn_detector.details                      ? 
_diffrn_detector.detector                     PIXEL 
_diffrn_detector.diffrn_id                    1 
_diffrn_detector.type                         'DECTRIS EIGER2 X 16M' 
_diffrn_detector.area_resol_mean              ? 
_diffrn_detector.dtime                        ? 
_diffrn_detector.pdbx_frames_total            ? 
_diffrn_detector.pdbx_collection_time_total   ? 
_diffrn_detector.pdbx_collection_date         2021-04-20 
_diffrn_detector.pdbx_frequency               ? 
# 
_diffrn_radiation.collimation                      ? 
_diffrn_radiation.diffrn_id                        1 
_diffrn_radiation.filter_edge                      ? 
_diffrn_radiation.inhomogeneity                    ? 
_diffrn_radiation.monochromator                    ? 
_diffrn_radiation.polarisn_norm                    ? 
_diffrn_radiation.polarisn_ratio                   ? 
_diffrn_radiation.probe                            ? 
_diffrn_radiation.type                             ? 
_diffrn_radiation.xray_symbol                      ? 
_diffrn_radiation.wavelength_id                    1 
_diffrn_radiation.pdbx_monochromatic_or_laue_m_l   M 
_diffrn_radiation.pdbx_wavelength_list             ? 
_diffrn_radiation.pdbx_wavelength                  ? 
_diffrn_radiation.pdbx_diffrn_protocol             'SINGLE WAVELENGTH' 
_diffrn_radiation.pdbx_analyzer                    ? 
_diffrn_radiation.pdbx_scattering_type             x-ray 
# 
_diffrn_radiation_wavelength.id           1 
_diffrn_radiation_wavelength.wavelength   0.979340 
_diffrn_radiation_wavelength.wt           1.0 
# 
_diffrn_source.current                     ? 
_diffrn_source.details                     ? 
_diffrn_source.diffrn_id                   1 
_diffrn_source.power                       ? 
_diffrn_source.size                        ? 
_diffrn_source.source                      SYNCHROTRON 
_diffrn_source.target                      ? 
_diffrn_source.type                        'PETRA III, EMBL c/o DESY BEAMLINE P14 (MX2)' 
_diffrn_source.voltage                     ? 
_diffrn_source.take-off_angle              ? 
_diffrn_source.pdbx_wavelength_list        0.979340 
_diffrn_source.pdbx_wavelength             ? 
_diffrn_source.pdbx_synchrotron_beamline   'P14 (MX2)' 
_diffrn_source.pdbx_synchrotron_site       'PETRA III, EMBL c/o DESY' 
# 
_reflns.B_iso_Wilson_estimate                          70.57 
_reflns.entry_id                                       7PZE 
_reflns.data_reduction_details                         ? 
_reflns.data_reduction_method                          ? 
_reflns.d_resolution_high                              2.6 
_reflns.d_resolution_low                               33.51 
_reflns.details                                        ? 
_reflns.limit_h_max                                    ? 
_reflns.limit_h_min                                    ? 
_reflns.limit_k_max                                    ? 
_reflns.limit_k_min                                    ? 
_reflns.limit_l_max                                    ? 
_reflns.limit_l_min                                    ? 
_reflns.number_all                                     ? 
_reflns.number_obs                                     6898 
_reflns.observed_criterion                             ? 
_reflns.observed_criterion_F_max                       ? 
_reflns.observed_criterion_F_min                       ? 
_reflns.observed_criterion_I_max                       ? 
_reflns.observed_criterion_I_min                       ? 
_reflns.observed_criterion_sigma_F                     ? 
_reflns.observed_criterion_sigma_I                     ? 
_reflns.percent_possible_obs                           98.34 
_reflns.R_free_details                                 ? 
_reflns.Rmerge_F_all                                   ? 
_reflns.Rmerge_F_obs                                   ? 
_reflns.Friedel_coverage                               ? 
_reflns.number_gt                                      ? 
_reflns.threshold_expression                           ? 
_reflns.pdbx_redundancy                                7.3 
_reflns.pdbx_Rmerge_I_obs                              ? 
_reflns.pdbx_Rmerge_I_all                              ? 
_reflns.pdbx_Rsym_value                                ? 
_reflns.pdbx_netI_over_av_sigmaI                       ? 
_reflns.pdbx_netI_over_sigmaI                          17.90 
_reflns.pdbx_res_netI_over_av_sigmaI_2                 ? 
_reflns.pdbx_res_netI_over_sigmaI_2                    ? 
_reflns.pdbx_chi_squared                               ? 
_reflns.pdbx_scaling_rejects                           ? 
_reflns.pdbx_d_res_high_opt                            ? 
_reflns.pdbx_d_res_low_opt                             ? 
_reflns.pdbx_d_res_opt_method                          ? 
_reflns.phase_calculation_details                      ? 
_reflns.pdbx_Rrim_I_all                                ? 
_reflns.pdbx_Rpim_I_all                                ? 
_reflns.pdbx_d_opt                                     ? 
_reflns.pdbx_number_measured_all                       ? 
_reflns.pdbx_diffrn_id                                 1 
_reflns.pdbx_ordinal                                   1 
_reflns.pdbx_CC_half                                   0.997 
_reflns.pdbx_CC_star                                   ? 
_reflns.pdbx_R_split                                   ? 
_reflns.pdbx_aniso_diffraction_limit_axis_1_ortho[1]   ? 
_reflns.pdbx_aniso_diffraction_limit_axis_1_ortho[2]   ? 
_reflns.pdbx_aniso_diffraction_limit_axis_1_ortho[3]   ? 
_reflns.pdbx_aniso_diffraction_limit_axis_2_ortho[1]   ? 
_reflns.pdbx_aniso_diffraction_limit_axis_2_ortho[2]   ? 
_reflns.pdbx_aniso_diffraction_limit_axis_2_ortho[3]   ? 
_reflns.pdbx_aniso_diffraction_limit_axis_3_ortho[1]   ? 
_reflns.pdbx_aniso_diffraction_limit_axis_3_ortho[2]   ? 
_reflns.pdbx_aniso_diffraction_limit_axis_3_ortho[3]   ? 
_reflns.pdbx_aniso_diffraction_limit_1                 ? 
_reflns.pdbx_aniso_diffraction_limit_2                 ? 
_reflns.pdbx_aniso_diffraction_limit_3                 ? 
_reflns.pdbx_aniso_B_tensor_eigenvector_1_ortho[1]     ? 
_reflns.pdbx_aniso_B_tensor_eigenvector_1_ortho[2]     ? 
_reflns.pdbx_aniso_B_tensor_eigenvector_1_ortho[3]     ? 
_reflns.pdbx_aniso_B_tensor_eigenvector_2_ortho[1]     ? 
_reflns.pdbx_aniso_B_tensor_eigenvector_2_ortho[2]     ? 
_reflns.pdbx_aniso_B_tensor_eigenvector_2_ortho[3]     ? 
_reflns.pdbx_aniso_B_tensor_eigenvector_3_ortho[1]     ? 
_reflns.pdbx_aniso_B_tensor_eigenvector_3_ortho[2]     ? 
_reflns.pdbx_aniso_B_tensor_eigenvector_3_ortho[3]     ? 
_reflns.pdbx_aniso_B_tensor_eigenvalue_1               ? 
_reflns.pdbx_aniso_B_tensor_eigenvalue_2               ? 
_reflns.pdbx_aniso_B_tensor_eigenvalue_3               ? 
_reflns.pdbx_orthogonalization_convention              ? 
_reflns.pdbx_percent_possible_ellipsoidal              ? 
_reflns.pdbx_percent_possible_spherical                ? 
_reflns.pdbx_percent_possible_ellipsoidal_anomalous    ? 
_reflns.pdbx_percent_possible_spherical_anomalous      ? 
_reflns.pdbx_redundancy_anomalous                      ? 
_reflns.pdbx_CC_half_anomalous                         ? 
_reflns.pdbx_absDiff_over_sigma_anomalous              ? 
_reflns.pdbx_percent_possible_anomalous                ? 
_reflns.pdbx_observed_signal_threshold                 ? 
_reflns.pdbx_signal_type                               ? 
_reflns.pdbx_signal_details                            ? 
_reflns.pdbx_signal_software_id                        ? 
# 
_reflns_shell.d_res_high                                    2.6 
_reflns_shell.d_res_low                                     2.69 
_reflns_shell.meanI_over_sigI_all                           ? 
_reflns_shell.meanI_over_sigI_obs                           2.79 
_reflns_shell.number_measured_all                           ? 
_reflns_shell.number_measured_obs                           ? 
_reflns_shell.number_possible                               ? 
_reflns_shell.number_unique_all                             ? 
_reflns_shell.number_unique_obs                             665 
_reflns_shell.percent_possible_all                          ? 
_reflns_shell.percent_possible_obs                          ? 
_reflns_shell.Rmerge_F_all                                  ? 
_reflns_shell.Rmerge_F_obs                                  ? 
_reflns_shell.Rmerge_I_all                                  ? 
_reflns_shell.Rmerge_I_obs                                  ? 
_reflns_shell.meanI_over_sigI_gt                            ? 
_reflns_shell.meanI_over_uI_all                             ? 
_reflns_shell.meanI_over_uI_gt                              ? 
_reflns_shell.number_measured_gt                            ? 
_reflns_shell.number_unique_gt                              ? 
_reflns_shell.percent_possible_gt                           ? 
_reflns_shell.Rmerge_F_gt                                   ? 
_reflns_shell.Rmerge_I_gt                                   ? 
_reflns_shell.pdbx_redundancy                               ? 
_reflns_shell.pdbx_Rsym_value                               ? 
_reflns_shell.pdbx_chi_squared                              ? 
_reflns_shell.pdbx_netI_over_sigmaI_all                     ? 
_reflns_shell.pdbx_netI_over_sigmaI_obs                     ? 
_reflns_shell.pdbx_Rrim_I_all                               ? 
_reflns_shell.pdbx_Rpim_I_all                               ? 
_reflns_shell.pdbx_rejects                                  ? 
_reflns_shell.pdbx_ordinal                                  1 
_reflns_shell.pdbx_diffrn_id                                1 
_reflns_shell.pdbx_CC_half                                  0.859 
_reflns_shell.pdbx_CC_star                                  ? 
_reflns_shell.pdbx_R_split                                  ? 
_reflns_shell.pdbx_percent_possible_ellipsoidal             ? 
_reflns_shell.pdbx_percent_possible_spherical               ? 
_reflns_shell.pdbx_percent_possible_ellipsoidal_anomalous   ? 
_reflns_shell.pdbx_percent_possible_spherical_anomalous     ? 
_reflns_shell.pdbx_redundancy_anomalous                     ? 
_reflns_shell.pdbx_CC_half_anomalous                        ? 
_reflns_shell.pdbx_absDiff_over_sigma_anomalous             ? 
_reflns_shell.pdbx_percent_possible_anomalous               ? 
# 
_refine.aniso_B[1][1]                            ? 
_refine.aniso_B[1][2]                            ? 
_refine.aniso_B[1][3]                            ? 
_refine.aniso_B[2][2]                            ? 
_refine.aniso_B[2][3]                            ? 
_refine.aniso_B[3][3]                            ? 
_refine.B_iso_max                                ? 
_refine.B_iso_mean                               71.00 
_refine.B_iso_min                                ? 
_refine.correlation_coeff_Fo_to_Fc               ? 
_refine.correlation_coeff_Fo_to_Fc_free          ? 
_refine.details                                  ? 
_refine.diff_density_max                         ? 
_refine.diff_density_max_esd                     ? 
_refine.diff_density_min                         ? 
_refine.diff_density_min_esd                     ? 
_refine.diff_density_rms                         ? 
_refine.diff_density_rms_esd                     ? 
_refine.entry_id                                 7PZE 
_refine.pdbx_refine_id                           'X-RAY DIFFRACTION' 
_refine.ls_abs_structure_details                 ? 
_refine.ls_abs_structure_Flack                   ? 
_refine.ls_abs_structure_Flack_esd               ? 
_refine.ls_abs_structure_Rogers                  ? 
_refine.ls_abs_structure_Rogers_esd              ? 
_refine.ls_d_res_high                            2.60 
_refine.ls_d_res_low                             43.01 
_refine.ls_extinction_coef                       ? 
_refine.ls_extinction_coef_esd                   ? 
_refine.ls_extinction_expression                 ? 
_refine.ls_extinction_method                     ? 
_refine.ls_goodness_of_fit_all                   ? 
_refine.ls_goodness_of_fit_all_esd               ? 
_refine.ls_goodness_of_fit_obs                   ? 
_refine.ls_goodness_of_fit_obs_esd               ? 
_refine.ls_hydrogen_treatment                    ? 
_refine.ls_matrix_type                           ? 
_refine.ls_number_constraints                    ? 
_refine.ls_number_parameters                     ? 
_refine.ls_number_reflns_all                     ? 
_refine.ls_number_reflns_obs                     6874 
_refine.ls_number_reflns_R_free                  308 
_refine.ls_number_reflns_R_work                  6566 
_refine.ls_number_restraints                     ? 
_refine.ls_percent_reflns_obs                    98.28 
_refine.ls_percent_reflns_R_free                 4.48 
_refine.ls_R_factor_all                          ? 
_refine.ls_R_factor_obs                          0.2271 
_refine.ls_R_factor_R_free                       0.2800 
_refine.ls_R_factor_R_free_error                 ? 
_refine.ls_R_factor_R_free_error_details         ? 
_refine.ls_R_factor_R_work                       0.2247 
_refine.ls_R_Fsqd_factor_obs                     ? 
_refine.ls_R_I_factor_obs                        ? 
_refine.ls_redundancy_reflns_all                 ? 
_refine.ls_redundancy_reflns_obs                 ? 
_refine.ls_restrained_S_all                      ? 
_refine.ls_restrained_S_obs                      ? 
_refine.ls_shift_over_esd_max                    ? 
_refine.ls_shift_over_esd_mean                   ? 
_refine.ls_structure_factor_coef                 ? 
_refine.ls_weighting_details                     ? 
_refine.ls_weighting_scheme                      ? 
_refine.ls_wR_factor_all                         ? 
_refine.ls_wR_factor_obs                         ? 
_refine.ls_wR_factor_R_free                      ? 
_refine.ls_wR_factor_R_work                      ? 
_refine.occupancy_max                            ? 
_refine.occupancy_min                            ? 
_refine.solvent_model_details                    'FLAT BULK SOLVENT MODEL' 
_refine.solvent_model_param_bsol                 ? 
_refine.solvent_model_param_ksol                 ? 
_refine.pdbx_R_complete                          ? 
_refine.ls_R_factor_gt                           ? 
_refine.ls_goodness_of_fit_gt                    ? 
_refine.ls_goodness_of_fit_ref                   ? 
_refine.ls_shift_over_su_max                     ? 
_refine.ls_shift_over_su_max_lt                  ? 
_refine.ls_shift_over_su_mean                    ? 
_refine.ls_shift_over_su_mean_lt                 ? 
_refine.pdbx_ls_sigma_I                          ? 
_refine.pdbx_ls_sigma_F                          1.37 
_refine.pdbx_ls_sigma_Fsqd                       ? 
_refine.pdbx_data_cutoff_high_absF               ? 
_refine.pdbx_data_cutoff_high_rms_absF           ? 
_refine.pdbx_data_cutoff_low_absF                ? 
_refine.pdbx_isotropic_thermal_model             ? 
_refine.pdbx_ls_cross_valid_method               'FREE R-VALUE' 
_refine.pdbx_method_to_determine_struct          'MOLECULAR REPLACEMENT' 
_refine.pdbx_starting_model                      'own model' 
_refine.pdbx_stereochemistry_target_values       'GeoStd + Monomer Library + CDL v1.2' 
_refine.pdbx_R_Free_selection_details            ? 
_refine.pdbx_stereochem_target_val_spec_case     ? 
_refine.pdbx_overall_ESU_R                       ? 
_refine.pdbx_overall_ESU_R_Free                  ? 
_refine.pdbx_solvent_vdw_probe_radii             1.1100 
_refine.pdbx_solvent_ion_probe_radii             ? 
_refine.pdbx_solvent_shrinkage_radii             0.9000 
_refine.pdbx_real_space_R                        ? 
_refine.pdbx_density_correlation                 ? 
_refine.pdbx_pd_number_of_powder_patterns        ? 
_refine.pdbx_pd_number_of_points                 ? 
_refine.pdbx_pd_meas_number_of_points            ? 
_refine.pdbx_pd_proc_ls_prof_R_factor            ? 
_refine.pdbx_pd_proc_ls_prof_wR_factor           ? 
_refine.pdbx_pd_Marquardt_correlation_coeff      ? 
_refine.pdbx_pd_Fsqrd_R_factor                   ? 
_refine.pdbx_pd_ls_matrix_band_width             ? 
_refine.pdbx_overall_phase_error                 31.1496 
_refine.pdbx_overall_SU_R_free_Cruickshank_DPI   ? 
_refine.pdbx_overall_SU_R_free_Blow_DPI          ? 
_refine.pdbx_overall_SU_R_Blow_DPI               ? 
_refine.pdbx_TLS_residual_ADP_flag               ? 
_refine.pdbx_diffrn_id                           1 
_refine.overall_SU_B                             ? 
_refine.overall_SU_ML                            0.3335 
_refine.overall_SU_R_Cruickshank_DPI             ? 
_refine.overall_SU_R_free                        ? 
_refine.overall_FOM_free_R_set                   ? 
_refine.overall_FOM_work_R_set                   ? 
_refine.pdbx_average_fsc_overall                 ? 
_refine.pdbx_average_fsc_work                    ? 
_refine.pdbx_average_fsc_free                    ? 
# 
_refine_hist.pdbx_refine_id                   'X-RAY DIFFRACTION' 
_refine_hist.cycle_id                         LAST 
_refine_hist.details                          ? 
_refine_hist.d_res_high                       2.60 
_refine_hist.d_res_low                        43.01 
_refine_hist.number_atoms_solvent             0 
_refine_hist.number_atoms_total               1004 
_refine_hist.number_reflns_all                ? 
_refine_hist.number_reflns_obs                ? 
_refine_hist.number_reflns_R_free             ? 
_refine_hist.number_reflns_R_work             ? 
_refine_hist.R_factor_all                     ? 
_refine_hist.R_factor_obs                     ? 
_refine_hist.R_factor_R_free                  ? 
_refine_hist.R_factor_R_work                  ? 
_refine_hist.pdbx_number_residues_total       ? 
_refine_hist.pdbx_B_iso_mean_ligand           ? 
_refine_hist.pdbx_B_iso_mean_solvent          ? 
_refine_hist.pdbx_number_atoms_protein        1004 
_refine_hist.pdbx_number_atoms_nucleic_acid   0 
_refine_hist.pdbx_number_atoms_ligand         0 
_refine_hist.pdbx_number_atoms_lipid          ? 
_refine_hist.pdbx_number_atoms_carb           ? 
_refine_hist.pdbx_pseudo_atom_details         ? 
# 
loop_
_refine_ls_restr.pdbx_refine_id 
_refine_ls_restr.criterion 
_refine_ls_restr.dev_ideal 
_refine_ls_restr.dev_ideal_target 
_refine_ls_restr.number 
_refine_ls_restr.rejects 
_refine_ls_restr.type 
_refine_ls_restr.weight 
_refine_ls_restr.pdbx_restraint_function 
'X-RAY DIFFRACTION' ? 0.0088 ? 1012 ? f_bond_d           ? ? 
'X-RAY DIFFRACTION' ? 0.9768 ? 1362 ? f_angle_d          ? ? 
'X-RAY DIFFRACTION' ? 0.0429 ? 166  ? f_chiral_restr     ? ? 
'X-RAY DIFFRACTION' ? 0.0056 ? 176  ? f_plane_restr      ? ? 
'X-RAY DIFFRACTION' ? 5.5131 ? 134  ? f_dihedral_angle_d ? ? 
# 
loop_
_refine_ls_shell.pdbx_refine_id 
_refine_ls_shell.d_res_high 
_refine_ls_shell.d_res_low 
_refine_ls_shell.number_reflns_all 
_refine_ls_shell.number_reflns_obs 
_refine_ls_shell.number_reflns_R_free 
_refine_ls_shell.number_reflns_R_work 
_refine_ls_shell.percent_reflns_obs 
_refine_ls_shell.percent_reflns_R_free 
_refine_ls_shell.R_factor_all 
_refine_ls_shell.R_factor_obs 
_refine_ls_shell.R_factor_R_free 
_refine_ls_shell.R_factor_R_free_error 
_refine_ls_shell.R_factor_R_work 
_refine_ls_shell.redundancy_reflns_all 
_refine_ls_shell.redundancy_reflns_obs 
_refine_ls_shell.wR_factor_all 
_refine_ls_shell.wR_factor_obs 
_refine_ls_shell.wR_factor_R_free 
_refine_ls_shell.wR_factor_R_work 
_refine_ls_shell.pdbx_R_complete 
_refine_ls_shell.pdbx_total_number_of_bins_used 
_refine_ls_shell.pdbx_phase_error 
_refine_ls_shell.pdbx_fsc_work 
_refine_ls_shell.pdbx_fsc_free 
'X-RAY DIFFRACTION' 2.60 3.28  . . 146 3177 97.94 . . . 0.3282 . 0.2796 . . . . . . . . . . . 
'X-RAY DIFFRACTION' 3.28 43.01 . . 162 3389 98.61 . . . 0.2695 . 0.2118 . . . . . . . . . . . 
# 
_struct.entry_id                     7PZE 
_struct.title                        'MademoiseLLE domain 2 of Rrm4 from Ustilago maydis' 
_struct.pdbx_model_details           ? 
_struct.pdbx_formula_weight          ? 
_struct.pdbx_formula_weight_method   ? 
_struct.pdbx_model_type_details      ? 
_struct.pdbx_CASP_flag               N 
# 
_struct_keywords.entry_id        7PZE 
_struct_keywords.text            'Endosome / PAM2 / Poly(A)-binding protein / RNA transport / Ustilago maydis, RNA BINDING PROTEIN' 
_struct_keywords.pdbx_keywords   'RNA BINDING PROTEIN' 
# 
loop_
_struct_asym.id 
_struct_asym.pdbx_blank_PDB_chainid_flag 
_struct_asym.pdbx_modified 
_struct_asym.entity_id 
_struct_asym.details 
A N N 1 ? 
B N N 1 ? 
# 
_struct_ref.id                         1 
_struct_ref.db_name                    UNP 
_struct_ref.db_code                    A0A0D1DWZ5_USTMA 
_struct_ref.pdbx_db_accession          A0A0D1DWZ5 
_struct_ref.pdbx_db_isoform            ? 
_struct_ref.entity_id                  1 
_struct_ref.pdbx_seq_one_letter_code   
;SSNSPPTEARKADKRQSRSYFKAGVPSDASGLVDEEQLRSLSTVVRNELLSGEFTRRIPKVSSVTEAQLDDVVGELLSLK
LADAVEALNNPISLIQRISDAREQLAQKSASTLTAPSPAPLSAEHPAMLGIQAQRSVSSASSTGEGGASVKERERLLKAV
ISVTESGAPVEDITDMIASLPKKDRALALFNPEFLKQKVDEAKDILDITDESGEDLSPPRASSGSAPVPLSVQTPASAIF
KDASNGQSSISPGAAEAYTLSTLAALPAAEIVRLANSQSSSGLPLPKADPATVKATDDFIDSLQGKAAHDQKQKLGDQLF
KKIRTFGVKGAPKLTIHLLDSEDLRALAHLMNSYEDVLKEKVQHKVAAGLNK
;
_struct_ref.pdbx_align_begin           421 
# 
loop_
_struct_ref_seq.align_id 
_struct_ref_seq.ref_id 
_struct_ref_seq.pdbx_PDB_id_code 
_struct_ref_seq.pdbx_strand_id 
_struct_ref_seq.seq_align_beg 
_struct_ref_seq.pdbx_seq_align_beg_ins_code 
_struct_ref_seq.seq_align_end 
_struct_ref_seq.pdbx_seq_align_end_ins_code 
_struct_ref_seq.pdbx_db_accession 
_struct_ref_seq.db_align_beg 
_struct_ref_seq.pdbx_db_align_beg_ins_code 
_struct_ref_seq.db_align_end 
_struct_ref_seq.pdbx_db_align_end_ins_code 
_struct_ref_seq.pdbx_auth_seq_align_beg 
_struct_ref_seq.pdbx_auth_seq_align_end 
1 1 7PZE A 8 ? 379 ? A0A0D1DWZ5 421 ? 792 ? -50 321 
2 1 7PZE B 8 ? 379 ? A0A0D1DWZ5 421 ? 792 ? -50 321 
# 
loop_
_struct_ref_seq_dif.align_id 
_struct_ref_seq_dif.pdbx_pdb_id_code 
_struct_ref_seq_dif.mon_id 
_struct_ref_seq_dif.pdbx_pdb_strand_id 
_struct_ref_seq_dif.seq_num 
_struct_ref_seq_dif.pdbx_pdb_ins_code 
_struct_ref_seq_dif.pdbx_seq_db_name 
_struct_ref_seq_dif.pdbx_seq_db_accession_code 
_struct_ref_seq_dif.db_mon_id 
_struct_ref_seq_dif.pdbx_seq_db_seq_num 
_struct_ref_seq_dif.details 
_struct_ref_seq_dif.pdbx_auth_seq_num 
_struct_ref_seq_dif.pdbx_ordinal 
1 7PZE MET A 1 ? UNP A0A0D1DWZ5 ? ? 'initiating methionine' -57 1  
1 7PZE HIS A 2 ? UNP A0A0D1DWZ5 ? ? 'expression tag'        -56 2  
1 7PZE HIS A 3 ? UNP A0A0D1DWZ5 ? ? 'expression tag'        -55 3  
1 7PZE HIS A 4 ? UNP A0A0D1DWZ5 ? ? 'expression tag'        -54 4  
1 7PZE HIS A 5 ? UNP A0A0D1DWZ5 ? ? 'expression tag'        -53 5  
1 7PZE HIS A 6 ? UNP A0A0D1DWZ5 ? ? 'expression tag'        -52 6  
1 7PZE HIS A 7 ? UNP A0A0D1DWZ5 ? ? 'expression tag'        -51 7  
2 7PZE MET B 1 ? UNP A0A0D1DWZ5 ? ? 'initiating methionine' -57 8  
2 7PZE HIS B 2 ? UNP A0A0D1DWZ5 ? ? 'expression tag'        -56 9  
2 7PZE HIS B 3 ? UNP A0A0D1DWZ5 ? ? 'expression tag'        -55 10 
2 7PZE HIS B 4 ? UNP A0A0D1DWZ5 ? ? 'expression tag'        -54 11 
2 7PZE HIS B 5 ? UNP A0A0D1DWZ5 ? ? 'expression tag'        -53 12 
2 7PZE HIS B 6 ? UNP A0A0D1DWZ5 ? ? 'expression tag'        -52 13 
2 7PZE HIS B 7 ? UNP A0A0D1DWZ5 ? ? 'expression tag'        -51 14 
# 
loop_
_pdbx_struct_assembly.id 
_pdbx_struct_assembly.details 
_pdbx_struct_assembly.method_details 
_pdbx_struct_assembly.oligomeric_details 
_pdbx_struct_assembly.oligomeric_count 
1 author_defined_assembly ? monomeric 1 
2 author_defined_assembly ? monomeric 1 
# 
loop_
_pdbx_struct_assembly_gen.assembly_id 
_pdbx_struct_assembly_gen.oper_expression 
_pdbx_struct_assembly_gen.asym_id_list 
1 1 A 
2 1 B 
# 
_pdbx_struct_assembly_auth_evidence.id                     1 
_pdbx_struct_assembly_auth_evidence.assembly_id            1 
_pdbx_struct_assembly_auth_evidence.experimental_support   SAXS 
_pdbx_struct_assembly_auth_evidence.details                ? 
# 
_pdbx_struct_oper_list.id                   1 
_pdbx_struct_oper_list.type                 'identity operation' 
_pdbx_struct_oper_list.name                 1_555 
_pdbx_struct_oper_list.symmetry_operation   x,y,z 
_pdbx_struct_oper_list.matrix[1][1]         1.0000000000 
_pdbx_struct_oper_list.matrix[1][2]         0.0000000000 
_pdbx_struct_oper_list.matrix[1][3]         0.0000000000 
_pdbx_struct_oper_list.vector[1]            0.0000000000 
_pdbx_struct_oper_list.matrix[2][1]         0.0000000000 
_pdbx_struct_oper_list.matrix[2][2]         1.0000000000 
_pdbx_struct_oper_list.matrix[2][3]         0.0000000000 
_pdbx_struct_oper_list.vector[2]            0.0000000000 
_pdbx_struct_oper_list.matrix[3][1]         0.0000000000 
_pdbx_struct_oper_list.matrix[3][2]         0.0000000000 
_pdbx_struct_oper_list.matrix[3][3]         1.0000000000 
_pdbx_struct_oper_list.vector[3]            0.0000000000 
# 
loop_
_struct_conf.conf_type_id 
_struct_conf.id 
_struct_conf.pdbx_PDB_helix_id 
_struct_conf.beg_label_comp_id 
_struct_conf.beg_label_asym_id 
_struct_conf.beg_label_seq_id 
_struct_conf.pdbx_beg_PDB_ins_code 
_struct_conf.end_label_comp_id 
_struct_conf.end_label_asym_id 
_struct_conf.end_label_seq_id 
_struct_conf.pdbx_end_PDB_ins_code 
_struct_conf.beg_auth_comp_id 
_struct_conf.beg_auth_asym_id 
_struct_conf.beg_auth_seq_id 
_struct_conf.end_auth_comp_id 
_struct_conf.end_auth_asym_id 
_struct_conf.end_auth_seq_id 
_struct_conf.pdbx_PDB_helix_class 
_struct_conf.details 
_struct_conf.pdbx_PDB_helix_length 
HELX_P HELX_P1 AA1 SER A 156 ? VAL A 170 ? SER A 98  VAL A 112 1 ? 15 
HELX_P HELX_P2 AA2 PRO A 176 ? SER A 186 ? PRO A 118 SER A 128 1 ? 11 
HELX_P HELX_P3 AA3 PRO A 188 ? ASN A 198 ? PRO A 130 ASN A 140 1 ? 11 
HELX_P HELX_P4 AA4 ASN A 198 ? THR A 216 ? ASN A 140 THR A 158 1 ? 19 
HELX_P HELX_P5 AA5 SER B 156 ? THR B 171 ? SER B 98  THR B 113 1 ? 16 
HELX_P HELX_P6 AA6 PRO B 176 ? SER B 186 ? PRO B 118 SER B 128 1 ? 11 
HELX_P HELX_P7 AA7 PRO B 188 ? ASN B 198 ? PRO B 130 ASN B 140 1 ? 11 
HELX_P HELX_P8 AA8 ASN B 198 ? THR B 216 ? ASN B 140 THR B 158 1 ? 19 
# 
_struct_conf_type.id          HELX_P 
_struct_conf_type.criteria    ? 
_struct_conf_type.reference   ? 
# 
loop_
_pdbx_validate_torsion.id 
_pdbx_validate_torsion.PDB_model_num 
_pdbx_validate_torsion.auth_comp_id 
_pdbx_validate_torsion.auth_asym_id 
_pdbx_validate_torsion.auth_seq_id 
_pdbx_validate_torsion.PDB_ins_code 
_pdbx_validate_torsion.label_alt_id 
_pdbx_validate_torsion.phi 
_pdbx_validate_torsion.psi 
1 1 GLU A 114 ? ? -74.18 -168.89 
2 1 PRO A 130 ? ? -48.30 157.22  
3 1 SER B 98  ? ? -44.07 158.30  
4 1 PRO B 118 ? ? -68.83 64.70   
5 1 PRO B 130 ? ? -49.35 154.79  
# 
loop_
_space_group_symop.id 
_space_group_symop.operation_xyz 
1 x,y,z               
2 -y+1/2,x+1/2,z+3/4  
3 y+1/2,-x+1/2,z+1/4  
4 x+1/2,-y+1/2,-z+1/4 
5 -x+1/2,y+1/2,-z+3/4 
6 -x,-y,z+1/2         
7 y,x,-z              
8 -y,-x,-z+1/2        
# 
loop_
_pdbx_unobs_or_zero_occ_residues.id 
_pdbx_unobs_or_zero_occ_residues.PDB_model_num 
_pdbx_unobs_or_zero_occ_residues.polymer_flag 
_pdbx_unobs_or_zero_occ_residues.occupancy_flag 
_pdbx_unobs_or_zero_occ_residues.auth_asym_id 
_pdbx_unobs_or_zero_occ_residues.auth_comp_id 
_pdbx_unobs_or_zero_occ_residues.auth_seq_id 
_pdbx_unobs_or_zero_occ_residues.PDB_ins_code 
_pdbx_unobs_or_zero_occ_residues.label_asym_id 
_pdbx_unobs_or_zero_occ_residues.label_comp_id 
_pdbx_unobs_or_zero_occ_residues.label_seq_id 
1   1 Y 1 A MET -57 ? A MET 1   
2   1 Y 1 A HIS -56 ? A HIS 2   
3   1 Y 1 A HIS -55 ? A HIS 3   
4   1 Y 1 A HIS -54 ? A HIS 4   
5   1 Y 1 A HIS -53 ? A HIS 5   
6   1 Y 1 A HIS -52 ? A HIS 6   
7   1 Y 1 A HIS -51 ? A HIS 7   
8   1 Y 1 A SER -50 ? A SER 8   
9   1 Y 1 A SER -49 ? A SER 9   
10  1 Y 1 A ASN -48 ? A ASN 10  
11  1 Y 1 A SER -47 ? A SER 11  
12  1 Y 1 A PRO -46 ? A PRO 12  
13  1 Y 1 A PRO -45 ? A PRO 13  
14  1 Y 1 A THR -44 ? A THR 14  
15  1 Y 1 A GLU -43 ? A GLU 15  
16  1 Y 1 A ALA -42 ? A ALA 16  
17  1 Y 1 A ARG -41 ? A ARG 17  
18  1 Y 1 A LYS -40 ? A LYS 18  
19  1 Y 1 A ALA -39 ? A ALA 19  
20  1 Y 1 A ASP -38 ? A ASP 20  
21  1 Y 1 A LYS -37 ? A LYS 21  
22  1 Y 1 A ARG -36 ? A ARG 22  
23  1 Y 1 A GLN -35 ? A GLN 23  
24  1 Y 1 A SER -34 ? A SER 24  
25  1 Y 1 A ARG -33 ? A ARG 25  
26  1 Y 1 A SER -32 ? A SER 26  
27  1 Y 1 A TYR -31 ? A TYR 27  
28  1 Y 1 A PHE -30 ? A PHE 28  
29  1 Y 1 A LYS -29 ? A LYS 29  
30  1 Y 1 A ALA -28 ? A ALA 30  
31  1 Y 1 A GLY -27 ? A GLY 31  
32  1 Y 1 A VAL -26 ? A VAL 32  
33  1 Y 1 A PRO -25 ? A PRO 33  
34  1 Y 1 A SER -24 ? A SER 34  
35  1 Y 1 A ASP -23 ? A ASP 35  
36  1 Y 1 A ALA -22 ? A ALA 36  
37  1 Y 1 A SER -21 ? A SER 37  
38  1 Y 1 A GLY -20 ? A GLY 38  
39  1 Y 1 A LEU -19 ? A LEU 39  
40  1 Y 1 A VAL -18 ? A VAL 40  
41  1 Y 1 A ASP -17 ? A ASP 41  
42  1 Y 1 A GLU -16 ? A GLU 42  
43  1 Y 1 A GLU -15 ? A GLU 43  
44  1 Y 1 A GLN -14 ? A GLN 44  
45  1 Y 1 A LEU -13 ? A LEU 45  
46  1 Y 1 A ARG -12 ? A ARG 46  
47  1 Y 1 A SER -11 ? A SER 47  
48  1 Y 1 A LEU -10 ? A LEU 48  
49  1 Y 1 A SER -9  ? A SER 49  
50  1 Y 1 A THR -8  ? A THR 50  
51  1 Y 1 A VAL -7  ? A VAL 51  
52  1 Y 1 A VAL -6  ? A VAL 52  
53  1 Y 1 A ARG -5  ? A ARG 53  
54  1 Y 1 A ASN -4  ? A ASN 54  
55  1 Y 1 A GLU -3  ? A GLU 55  
56  1 Y 1 A LEU -2  ? A LEU 56  
57  1 Y 1 A LEU -1  ? A LEU 57  
58  1 Y 1 A SER 0   ? A SER 58  
59  1 Y 1 A GLY 1   ? A GLY 59  
60  1 Y 1 A GLU 2   ? A GLU 60  
61  1 Y 1 A PHE 3   ? A PHE 61  
62  1 Y 1 A THR 4   ? A THR 62  
63  1 Y 1 A ARG 5   ? A ARG 63  
64  1 Y 1 A ARG 6   ? A ARG 64  
65  1 Y 1 A ILE 7   ? A ILE 65  
66  1 Y 1 A PRO 8   ? A PRO 66  
67  1 Y 1 A LYS 9   ? A LYS 67  
68  1 Y 1 A VAL 10  ? A VAL 68  
69  1 Y 1 A SER 11  ? A SER 69  
70  1 Y 1 A SER 12  ? A SER 70  
71  1 Y 1 A VAL 13  ? A VAL 71  
72  1 Y 1 A THR 14  ? A THR 72  
73  1 Y 1 A GLU 15  ? A GLU 73  
74  1 Y 1 A ALA 16  ? A ALA 74  
75  1 Y 1 A GLN 17  ? A GLN 75  
76  1 Y 1 A LEU 18  ? A LEU 76  
77  1 Y 1 A ASP 19  ? A ASP 77  
78  1 Y 1 A ASP 20  ? A ASP 78  
79  1 Y 1 A VAL 21  ? A VAL 79  
80  1 Y 1 A VAL 22  ? A VAL 80  
81  1 Y 1 A GLY 23  ? A GLY 81  
82  1 Y 1 A GLU 24  ? A GLU 82  
83  1 Y 1 A LEU 25  ? A LEU 83  
84  1 Y 1 A LEU 26  ? A LEU 84  
85  1 Y 1 A SER 27  ? A SER 85  
86  1 Y 1 A LEU 28  ? A LEU 86  
87  1 Y 1 A LYS 29  ? A LYS 87  
88  1 Y 1 A LEU 30  ? A LEU 88  
89  1 Y 1 A ALA 31  ? A ALA 89  
90  1 Y 1 A ASP 32  ? A ASP 90  
91  1 Y 1 A ALA 33  ? A ALA 91  
92  1 Y 1 A VAL 34  ? A VAL 92  
93  1 Y 1 A GLU 35  ? A GLU 93  
94  1 Y 1 A ALA 36  ? A ALA 94  
95  1 Y 1 A LEU 37  ? A LEU 95  
96  1 Y 1 A ASN 38  ? A ASN 96  
97  1 Y 1 A ASN 39  ? A ASN 97  
98  1 Y 1 A PRO 40  ? A PRO 98  
99  1 Y 1 A ILE 41  ? A ILE 99  
100 1 Y 1 A SER 42  ? A SER 100 
101 1 Y 1 A LEU 43  ? A LEU 101 
102 1 Y 1 A ILE 44  ? A ILE 102 
103 1 Y 1 A GLN 45  ? A GLN 103 
104 1 Y 1 A ARG 46  ? A ARG 104 
105 1 Y 1 A ILE 47  ? A ILE 105 
106 1 Y 1 A SER 48  ? A SER 106 
107 1 Y 1 A ASP 49  ? A ASP 107 
108 1 Y 1 A ALA 50  ? A ALA 108 
109 1 Y 1 A ARG 51  ? A ARG 109 
110 1 Y 1 A GLU 52  ? A GLU 110 
111 1 Y 1 A GLN 53  ? A GLN 111 
112 1 Y 1 A LEU 54  ? A LEU 112 
113 1 Y 1 A ALA 55  ? A ALA 113 
114 1 Y 1 A GLN 56  ? A GLN 114 
115 1 Y 1 A LYS 57  ? A LYS 115 
116 1 Y 1 A SER 58  ? A SER 116 
117 1 Y 1 A ALA 59  ? A ALA 117 
118 1 Y 1 A SER 60  ? A SER 118 
119 1 Y 1 A THR 61  ? A THR 119 
120 1 Y 1 A LEU 62  ? A LEU 120 
121 1 Y 1 A THR 63  ? A THR 121 
122 1 Y 1 A ALA 64  ? A ALA 122 
123 1 Y 1 A PRO 65  ? A PRO 123 
124 1 Y 1 A SER 66  ? A SER 124 
125 1 Y 1 A PRO 67  ? A PRO 125 
126 1 Y 1 A ALA 68  ? A ALA 126 
127 1 Y 1 A PRO 69  ? A PRO 127 
128 1 Y 1 A LEU 70  ? A LEU 128 
129 1 Y 1 A SER 71  ? A SER 129 
130 1 Y 1 A ALA 72  ? A ALA 130 
131 1 Y 1 A GLU 73  ? A GLU 131 
132 1 Y 1 A HIS 74  ? A HIS 132 
133 1 Y 1 A PRO 75  ? A PRO 133 
134 1 Y 1 A ALA 76  ? A ALA 134 
135 1 Y 1 A MET 77  ? A MET 135 
136 1 Y 1 A LEU 78  ? A LEU 136 
137 1 Y 1 A GLY 79  ? A GLY 137 
138 1 Y 1 A ILE 80  ? A ILE 138 
139 1 Y 1 A GLN 81  ? A GLN 139 
140 1 Y 1 A ALA 82  ? A ALA 140 
141 1 Y 1 A GLN 83  ? A GLN 141 
142 1 Y 1 A ARG 84  ? A ARG 142 
143 1 Y 1 A SER 85  ? A SER 143 
144 1 Y 1 A VAL 86  ? A VAL 144 
145 1 Y 1 A SER 87  ? A SER 145 
146 1 Y 1 A SER 88  ? A SER 146 
147 1 Y 1 A ALA 89  ? A ALA 147 
148 1 Y 1 A SER 90  ? A SER 148 
149 1 Y 1 A SER 91  ? A SER 149 
150 1 Y 1 A THR 92  ? A THR 150 
151 1 Y 1 A GLY 93  ? A GLY 151 
152 1 Y 1 A GLU 94  ? A GLU 152 
153 1 Y 1 A SER 161 ? A SER 219 
154 1 Y 1 A GLY 162 ? A GLY 220 
155 1 Y 1 A GLU 163 ? A GLU 221 
156 1 Y 1 A ASP 164 ? A ASP 222 
157 1 Y 1 A LEU 165 ? A LEU 223 
158 1 Y 1 A SER 166 ? A SER 224 
159 1 Y 1 A PRO 167 ? A PRO 225 
160 1 Y 1 A PRO 168 ? A PRO 226 
161 1 Y 1 A ARG 169 ? A ARG 227 
162 1 Y 1 A ALA 170 ? A ALA 228 
163 1 Y 1 A SER 171 ? A SER 229 
164 1 Y 1 A SER 172 ? A SER 230 
165 1 Y 1 A GLY 173 ? A GLY 231 
166 1 Y 1 A SER 174 ? A SER 232 
167 1 Y 1 A ALA 175 ? A ALA 233 
168 1 Y 1 A PRO 176 ? A PRO 234 
169 1 Y 1 A VAL 177 ? A VAL 235 
170 1 Y 1 A PRO 178 ? A PRO 236 
171 1 Y 1 A LEU 179 ? A LEU 237 
172 1 Y 1 A SER 180 ? A SER 238 
173 1 Y 1 A VAL 181 ? A VAL 239 
174 1 Y 1 A GLN 182 ? A GLN 240 
175 1 Y 1 A THR 183 ? A THR 241 
176 1 Y 1 A PRO 184 ? A PRO 242 
177 1 Y 1 A ALA 185 ? A ALA 243 
178 1 Y 1 A SER 186 ? A SER 244 
179 1 Y 1 A ALA 187 ? A ALA 245 
180 1 Y 1 A ILE 188 ? A ILE 246 
181 1 Y 1 A PHE 189 ? A PHE 247 
182 1 Y 1 A LYS 190 ? A LYS 248 
183 1 Y 1 A ASP 191 ? A ASP 249 
184 1 Y 1 A ALA 192 ? A ALA 250 
185 1 Y 1 A SER 193 ? A SER 251 
186 1 Y 1 A ASN 194 ? A ASN 252 
187 1 Y 1 A GLY 195 ? A GLY 253 
188 1 Y 1 A GLN 196 ? A GLN 254 
189 1 Y 1 A SER 197 ? A SER 255 
190 1 Y 1 A SER 198 ? A SER 256 
191 1 Y 1 A ILE 199 ? A ILE 257 
192 1 Y 1 A SER 200 ? A SER 258 
193 1 Y 1 A PRO 201 ? A PRO 259 
194 1 Y 1 A GLY 202 ? A GLY 260 
195 1 Y 1 A ALA 203 ? A ALA 261 
196 1 Y 1 A ALA 204 ? A ALA 262 
197 1 Y 1 A GLU 205 ? A GLU 263 
198 1 Y 1 A ALA 206 ? A ALA 264 
199 1 Y 1 A TYR 207 ? A TYR 265 
200 1 Y 1 A THR 208 ? A THR 266 
201 1 Y 1 A LEU 209 ? A LEU 267 
202 1 Y 1 A SER 210 ? A SER 268 
203 1 Y 1 A THR 211 ? A THR 269 
204 1 Y 1 A LEU 212 ? A LEU 270 
205 1 Y 1 A ALA 213 ? A ALA 271 
206 1 Y 1 A ALA 214 ? A ALA 272 
207 1 Y 1 A LEU 215 ? A LEU 273 
208 1 Y 1 A PRO 216 ? A PRO 274 
209 1 Y 1 A ALA 217 ? A ALA 275 
210 1 Y 1 A ALA 218 ? A ALA 276 
211 1 Y 1 A GLU 219 ? A GLU 277 
212 1 Y 1 A ILE 220 ? A ILE 278 
213 1 Y 1 A VAL 221 ? A VAL 279 
214 1 Y 1 A ARG 222 ? A ARG 280 
215 1 Y 1 A LEU 223 ? A LEU 281 
216 1 Y 1 A ALA 224 ? A ALA 282 
217 1 Y 1 A ASN 225 ? A ASN 283 
218 1 Y 1 A SER 226 ? A SER 284 
219 1 Y 1 A GLN 227 ? A GLN 285 
220 1 Y 1 A SER 228 ? A SER 286 
221 1 Y 1 A SER 229 ? A SER 287 
222 1 Y 1 A SER 230 ? A SER 288 
223 1 Y 1 A GLY 231 ? A GLY 289 
224 1 Y 1 A LEU 232 ? A LEU 290 
225 1 Y 1 A PRO 233 ? A PRO 291 
226 1 Y 1 A LEU 234 ? A LEU 292 
227 1 Y 1 A PRO 235 ? A PRO 293 
228 1 Y 1 A LYS 236 ? A LYS 294 
229 1 Y 1 A ALA 237 ? A ALA 295 
230 1 Y 1 A ASP 238 ? A ASP 296 
231 1 Y 1 A PRO 239 ? A PRO 297 
232 1 Y 1 A ALA 240 ? A ALA 298 
233 1 Y 1 A THR 241 ? A THR 299 
234 1 Y 1 A VAL 242 ? A VAL 300 
235 1 Y 1 A LYS 243 ? A LYS 301 
236 1 Y 1 A ALA 244 ? A ALA 302 
237 1 Y 1 A THR 245 ? A THR 303 
238 1 Y 1 A ASP 246 ? A ASP 304 
239 1 Y 1 A ASP 247 ? A ASP 305 
240 1 Y 1 A PHE 248 ? A PHE 306 
241 1 Y 1 A ILE 249 ? A ILE 307 
242 1 Y 1 A ASP 250 ? A ASP 308 
243 1 Y 1 A SER 251 ? A SER 309 
244 1 Y 1 A LEU 252 ? A LEU 310 
245 1 Y 1 A GLN 253 ? A GLN 311 
246 1 Y 1 A GLY 254 ? A GLY 312 
247 1 Y 1 A LYS 255 ? A LYS 313 
248 1 Y 1 A ALA 256 ? A ALA 314 
249 1 Y 1 A ALA 257 ? A ALA 315 
250 1 Y 1 A HIS 258 ? A HIS 316 
251 1 Y 1 A ASP 259 ? A ASP 317 
252 1 Y 1 A GLN 260 ? A GLN 318 
253 1 Y 1 A LYS 261 ? A LYS 319 
254 1 Y 1 A GLN 262 ? A GLN 320 
255 1 Y 1 A LYS 263 ? A LYS 321 
256 1 Y 1 A LEU 264 ? A LEU 322 
257 1 Y 1 A GLY 265 ? A GLY 323 
258 1 Y 1 A ASP 266 ? A ASP 324 
259 1 Y 1 A GLN 267 ? A GLN 325 
260 1 Y 1 A LEU 268 ? A LEU 326 
261 1 Y 1 A PHE 269 ? A PHE 327 
262 1 Y 1 A LYS 270 ? A LYS 328 
263 1 Y 1 A LYS 271 ? A LYS 329 
264 1 Y 1 A ILE 272 ? A ILE 330 
265 1 Y 1 A ARG 273 ? A ARG 331 
266 1 Y 1 A THR 274 ? A THR 332 
267 1 Y 1 A PHE 275 ? A PHE 333 
268 1 Y 1 A GLY 276 ? A GLY 334 
269 1 Y 1 A VAL 277 ? A VAL 335 
270 1 Y 1 A LYS 278 ? A LYS 336 
271 1 Y 1 A GLY 279 ? A GLY 337 
272 1 Y 1 A ALA 280 ? A ALA 338 
273 1 Y 1 A PRO 281 ? A PRO 339 
274 1 Y 1 A LYS 282 ? A LYS 340 
275 1 Y 1 A LEU 283 ? A LEU 341 
276 1 Y 1 A THR 284 ? A THR 342 
277 1 Y 1 A ILE 285 ? A ILE 343 
278 1 Y 1 A HIS 286 ? A HIS 344 
279 1 Y 1 A LEU 287 ? A LEU 345 
280 1 Y 1 A LEU 288 ? A LEU 346 
281 1 Y 1 A ASP 289 ? A ASP 347 
282 1 Y 1 A SER 290 ? A SER 348 
283 1 Y 1 A GLU 291 ? A GLU 349 
284 1 Y 1 A ASP 292 ? A ASP 350 
285 1 Y 1 A LEU 293 ? A LEU 351 
286 1 Y 1 A ARG 294 ? A ARG 352 
287 1 Y 1 A ALA 295 ? A ALA 353 
288 1 Y 1 A LEU 296 ? A LEU 354 
289 1 Y 1 A ALA 297 ? A ALA 355 
290 1 Y 1 A HIS 298 ? A HIS 356 
291 1 Y 1 A LEU 299 ? A LEU 357 
292 1 Y 1 A MET 300 ? A MET 358 
293 1 Y 1 A ASN 301 ? A ASN 359 
294 1 Y 1 A SER 302 ? A SER 360 
295 1 Y 1 A TYR 303 ? A TYR 361 
296 1 Y 1 A GLU 304 ? A GLU 362 
297 1 Y 1 A ASP 305 ? A ASP 363 
298 1 Y 1 A VAL 306 ? A VAL 364 
299 1 Y 1 A LEU 307 ? A LEU 365 
300 1 Y 1 A LYS 308 ? A LYS 366 
301 1 Y 1 A GLU 309 ? A GLU 367 
302 1 Y 1 A LYS 310 ? A LYS 368 
303 1 Y 1 A VAL 311 ? A VAL 369 
304 1 Y 1 A GLN 312 ? A GLN 370 
305 1 Y 1 A HIS 313 ? A HIS 371 
306 1 Y 1 A LYS 314 ? A LYS 372 
307 1 Y 1 A VAL 315 ? A VAL 373 
308 1 Y 1 A ALA 316 ? A ALA 374 
309 1 Y 1 A ALA 317 ? A ALA 375 
310 1 Y 1 A GLY 318 ? A GLY 376 
311 1 Y 1 A LEU 319 ? A LEU 377 
312 1 Y 1 A ASN 320 ? A ASN 378 
313 1 Y 1 A LYS 321 ? A LYS 379 
314 1 Y 1 B MET -57 ? B MET 1   
315 1 Y 1 B HIS -56 ? B HIS 2   
316 1 Y 1 B HIS -55 ? B HIS 3   
317 1 Y 1 B HIS -54 ? B HIS 4   
318 1 Y 1 B HIS -53 ? B HIS 5   
319 1 Y 1 B HIS -52 ? B HIS 6   
320 1 Y 1 B HIS -51 ? B HIS 7   
321 1 Y 1 B SER -50 ? B SER 8   
322 1 Y 1 B SER -49 ? B SER 9   
323 1 Y 1 B ASN -48 ? B ASN 10  
324 1 Y 1 B SER -47 ? B SER 11  
325 1 Y 1 B PRO -46 ? B PRO 12  
326 1 Y 1 B PRO -45 ? B PRO 13  
327 1 Y 1 B THR -44 ? B THR 14  
328 1 Y 1 B GLU -43 ? B GLU 15  
329 1 Y 1 B ALA -42 ? B ALA 16  
330 1 Y 1 B ARG -41 ? B ARG 17  
331 1 Y 1 B LYS -40 ? B LYS 18  
332 1 Y 1 B ALA -39 ? B ALA 19  
333 1 Y 1 B ASP -38 ? B ASP 20  
334 1 Y 1 B LYS -37 ? B LYS 21  
335 1 Y 1 B ARG -36 ? B ARG 22  
336 1 Y 1 B GLN -35 ? B GLN 23  
337 1 Y 1 B SER -34 ? B SER 24  
338 1 Y 1 B ARG -33 ? B ARG 25  
339 1 Y 1 B SER -32 ? B SER 26  
340 1 Y 1 B TYR -31 ? B TYR 27  
341 1 Y 1 B PHE -30 ? B PHE 28  
342 1 Y 1 B LYS -29 ? B LYS 29  
343 1 Y 1 B ALA -28 ? B ALA 30  
344 1 Y 1 B GLY -27 ? B GLY 31  
345 1 Y 1 B VAL -26 ? B VAL 32  
346 1 Y 1 B PRO -25 ? B PRO 33  
347 1 Y 1 B SER -24 ? B SER 34  
348 1 Y 1 B ASP -23 ? B ASP 35  
349 1 Y 1 B ALA -22 ? B ALA 36  
350 1 Y 1 B SER -21 ? B SER 37  
351 1 Y 1 B GLY -20 ? B GLY 38  
352 1 Y 1 B LEU -19 ? B LEU 39  
353 1 Y 1 B VAL -18 ? B VAL 40  
354 1 Y 1 B ASP -17 ? B ASP 41  
355 1 Y 1 B GLU -16 ? B GLU 42  
356 1 Y 1 B GLU -15 ? B GLU 43  
357 1 Y 1 B GLN -14 ? B GLN 44  
358 1 Y 1 B LEU -13 ? B LEU 45  
359 1 Y 1 B ARG -12 ? B ARG 46  
360 1 Y 1 B SER -11 ? B SER 47  
361 1 Y 1 B LEU -10 ? B LEU 48  
362 1 Y 1 B SER -9  ? B SER 49  
363 1 Y 1 B THR -8  ? B THR 50  
364 1 Y 1 B VAL -7  ? B VAL 51  
365 1 Y 1 B VAL -6  ? B VAL 52  
366 1 Y 1 B ARG -5  ? B ARG 53  
367 1 Y 1 B ASN -4  ? B ASN 54  
368 1 Y 1 B GLU -3  ? B GLU 55  
369 1 Y 1 B LEU -2  ? B LEU 56  
370 1 Y 1 B LEU -1  ? B LEU 57  
371 1 Y 1 B SER 0   ? B SER 58  
372 1 Y 1 B GLY 1   ? B GLY 59  
373 1 Y 1 B GLU 2   ? B GLU 60  
374 1 Y 1 B PHE 3   ? B PHE 61  
375 1 Y 1 B THR 4   ? B THR 62  
376 1 Y 1 B ARG 5   ? B ARG 63  
377 1 Y 1 B ARG 6   ? B ARG 64  
378 1 Y 1 B ILE 7   ? B ILE 65  
379 1 Y 1 B PRO 8   ? B PRO 66  
380 1 Y 1 B LYS 9   ? B LYS 67  
381 1 Y 1 B VAL 10  ? B VAL 68  
382 1 Y 1 B SER 11  ? B SER 69  
383 1 Y 1 B SER 12  ? B SER 70  
384 1 Y 1 B VAL 13  ? B VAL 71  
385 1 Y 1 B THR 14  ? B THR 72  
386 1 Y 1 B GLU 15  ? B GLU 73  
387 1 Y 1 B ALA 16  ? B ALA 74  
388 1 Y 1 B GLN 17  ? B GLN 75  
389 1 Y 1 B LEU 18  ? B LEU 76  
390 1 Y 1 B ASP 19  ? B ASP 77  
391 1 Y 1 B ASP 20  ? B ASP 78  
392 1 Y 1 B VAL 21  ? B VAL 79  
393 1 Y 1 B VAL 22  ? B VAL 80  
394 1 Y 1 B GLY 23  ? B GLY 81  
395 1 Y 1 B GLU 24  ? B GLU 82  
396 1 Y 1 B LEU 25  ? B LEU 83  
397 1 Y 1 B LEU 26  ? B LEU 84  
398 1 Y 1 B SER 27  ? B SER 85  
399 1 Y 1 B LEU 28  ? B LEU 86  
400 1 Y 1 B LYS 29  ? B LYS 87  
401 1 Y 1 B LEU 30  ? B LEU 88  
402 1 Y 1 B ALA 31  ? B ALA 89  
403 1 Y 1 B ASP 32  ? B ASP 90  
404 1 Y 1 B ALA 33  ? B ALA 91  
405 1 Y 1 B VAL 34  ? B VAL 92  
406 1 Y 1 B GLU 35  ? B GLU 93  
407 1 Y 1 B ALA 36  ? B ALA 94  
408 1 Y 1 B LEU 37  ? B LEU 95  
409 1 Y 1 B ASN 38  ? B ASN 96  
410 1 Y 1 B ASN 39  ? B ASN 97  
411 1 Y 1 B PRO 40  ? B PRO 98  
412 1 Y 1 B ILE 41  ? B ILE 99  
413 1 Y 1 B SER 42  ? B SER 100 
414 1 Y 1 B LEU 43  ? B LEU 101 
415 1 Y 1 B ILE 44  ? B ILE 102 
416 1 Y 1 B GLN 45  ? B GLN 103 
417 1 Y 1 B ARG 46  ? B ARG 104 
418 1 Y 1 B ILE 47  ? B ILE 105 
419 1 Y 1 B SER 48  ? B SER 106 
420 1 Y 1 B ASP 49  ? B ASP 107 
421 1 Y 1 B ALA 50  ? B ALA 108 
422 1 Y 1 B ARG 51  ? B ARG 109 
423 1 Y 1 B GLU 52  ? B GLU 110 
424 1 Y 1 B GLN 53  ? B GLN 111 
425 1 Y 1 B LEU 54  ? B LEU 112 
426 1 Y 1 B ALA 55  ? B ALA 113 
427 1 Y 1 B GLN 56  ? B GLN 114 
428 1 Y 1 B LYS 57  ? B LYS 115 
429 1 Y 1 B SER 58  ? B SER 116 
430 1 Y 1 B ALA 59  ? B ALA 117 
431 1 Y 1 B SER 60  ? B SER 118 
432 1 Y 1 B THR 61  ? B THR 119 
433 1 Y 1 B LEU 62  ? B LEU 120 
434 1 Y 1 B THR 63  ? B THR 121 
435 1 Y 1 B ALA 64  ? B ALA 122 
436 1 Y 1 B PRO 65  ? B PRO 123 
437 1 Y 1 B SER 66  ? B SER 124 
438 1 Y 1 B PRO 67  ? B PRO 125 
439 1 Y 1 B ALA 68  ? B ALA 126 
440 1 Y 1 B PRO 69  ? B PRO 127 
441 1 Y 1 B LEU 70  ? B LEU 128 
442 1 Y 1 B SER 71  ? B SER 129 
443 1 Y 1 B ALA 72  ? B ALA 130 
444 1 Y 1 B GLU 73  ? B GLU 131 
445 1 Y 1 B HIS 74  ? B HIS 132 
446 1 Y 1 B PRO 75  ? B PRO 133 
447 1 Y 1 B ALA 76  ? B ALA 134 
448 1 Y 1 B MET 77  ? B MET 135 
449 1 Y 1 B LEU 78  ? B LEU 136 
450 1 Y 1 B GLY 79  ? B GLY 137 
451 1 Y 1 B ILE 80  ? B ILE 138 
452 1 Y 1 B GLN 81  ? B GLN 139 
453 1 Y 1 B ALA 82  ? B ALA 140 
454 1 Y 1 B GLN 83  ? B GLN 141 
455 1 Y 1 B ARG 84  ? B ARG 142 
456 1 Y 1 B SER 85  ? B SER 143 
457 1 Y 1 B VAL 86  ? B VAL 144 
458 1 Y 1 B SER 87  ? B SER 145 
459 1 Y 1 B SER 88  ? B SER 146 
460 1 Y 1 B ALA 89  ? B ALA 147 
461 1 Y 1 B SER 90  ? B SER 148 
462 1 Y 1 B SER 91  ? B SER 149 
463 1 Y 1 B THR 92  ? B THR 150 
464 1 Y 1 B GLY 93  ? B GLY 151 
465 1 Y 1 B GLU 94  ? B GLU 152 
466 1 Y 1 B GLY 95  ? B GLY 153 
467 1 Y 1 B GLY 96  ? B GLY 154 
468 1 Y 1 B SER 161 ? B SER 219 
469 1 Y 1 B GLY 162 ? B GLY 220 
470 1 Y 1 B GLU 163 ? B GLU 221 
471 1 Y 1 B ASP 164 ? B ASP 222 
472 1 Y 1 B LEU 165 ? B LEU 223 
473 1 Y 1 B SER 166 ? B SER 224 
474 1 Y 1 B PRO 167 ? B PRO 225 
475 1 Y 1 B PRO 168 ? B PRO 226 
476 1 Y 1 B ARG 169 ? B ARG 227 
477 1 Y 1 B ALA 170 ? B ALA 228 
478 1 Y 1 B SER 171 ? B SER 229 
479 1 Y 1 B SER 172 ? B SER 230 
480 1 Y 1 B GLY 173 ? B GLY 231 
481 1 Y 1 B SER 174 ? B SER 232 
482 1 Y 1 B ALA 175 ? B ALA 233 
483 1 Y 1 B PRO 176 ? B PRO 234 
484 1 Y 1 B VAL 177 ? B VAL 235 
485 1 Y 1 B PRO 178 ? B PRO 236 
486 1 Y 1 B LEU 179 ? B LEU 237 
487 1 Y 1 B SER 180 ? B SER 238 
488 1 Y 1 B VAL 181 ? B VAL 239 
489 1 Y 1 B GLN 182 ? B GLN 240 
490 1 Y 1 B THR 183 ? B THR 241 
491 1 Y 1 B PRO 184 ? B PRO 242 
492 1 Y 1 B ALA 185 ? B ALA 243 
493 1 Y 1 B SER 186 ? B SER 244 
494 1 Y 1 B ALA 187 ? B ALA 245 
495 1 Y 1 B ILE 188 ? B ILE 246 
496 1 Y 1 B PHE 189 ? B PHE 247 
497 1 Y 1 B LYS 190 ? B LYS 248 
498 1 Y 1 B ASP 191 ? B ASP 249 
499 1 Y 1 B ALA 192 ? B ALA 250 
500 1 Y 1 B SER 193 ? B SER 251 
501 1 Y 1 B ASN 194 ? B ASN 252 
502 1 Y 1 B GLY 195 ? B GLY 253 
503 1 Y 1 B GLN 196 ? B GLN 254 
504 1 Y 1 B SER 197 ? B SER 255 
505 1 Y 1 B SER 198 ? B SER 256 
506 1 Y 1 B ILE 199 ? B ILE 257 
507 1 Y 1 B SER 200 ? B SER 258 
508 1 Y 1 B PRO 201 ? B PRO 259 
509 1 Y 1 B GLY 202 ? B GLY 260 
510 1 Y 1 B ALA 203 ? B ALA 261 
511 1 Y 1 B ALA 204 ? B ALA 262 
512 1 Y 1 B GLU 205 ? B GLU 263 
513 1 Y 1 B ALA 206 ? B ALA 264 
514 1 Y 1 B TYR 207 ? B TYR 265 
515 1 Y 1 B THR 208 ? B THR 266 
516 1 Y 1 B LEU 209 ? B LEU 267 
517 1 Y 1 B SER 210 ? B SER 268 
518 1 Y 1 B THR 211 ? B THR 269 
519 1 Y 1 B LEU 212 ? B LEU 270 
520 1 Y 1 B ALA 213 ? B ALA 271 
521 1 Y 1 B ALA 214 ? B ALA 272 
522 1 Y 1 B LEU 215 ? B LEU 273 
523 1 Y 1 B PRO 216 ? B PRO 274 
524 1 Y 1 B ALA 217 ? B ALA 275 
525 1 Y 1 B ALA 218 ? B ALA 276 
526 1 Y 1 B GLU 219 ? B GLU 277 
527 1 Y 1 B ILE 220 ? B ILE 278 
528 1 Y 1 B VAL 221 ? B VAL 279 
529 1 Y 1 B ARG 222 ? B ARG 280 
530 1 Y 1 B LEU 223 ? B LEU 281 
531 1 Y 1 B ALA 224 ? B ALA 282 
532 1 Y 1 B ASN 225 ? B ASN 283 
533 1 Y 1 B SER 226 ? B SER 284 
534 1 Y 1 B GLN 227 ? B GLN 285 
535 1 Y 1 B SER 228 ? B SER 286 
536 1 Y 1 B SER 229 ? B SER 287 
537 1 Y 1 B SER 230 ? B SER 288 
538 1 Y 1 B GLY 231 ? B GLY 289 
539 1 Y 1 B LEU 232 ? B LEU 290 
540 1 Y 1 B PRO 233 ? B PRO 291 
541 1 Y 1 B LEU 234 ? B LEU 292 
542 1 Y 1 B PRO 235 ? B PRO 293 
543 1 Y 1 B LYS 236 ? B LYS 294 
544 1 Y 1 B ALA 237 ? B ALA 295 
545 1 Y 1 B ASP 238 ? B ASP 296 
546 1 Y 1 B PRO 239 ? B PRO 297 
547 1 Y 1 B ALA 240 ? B ALA 298 
548 1 Y 1 B THR 241 ? B THR 299 
549 1 Y 1 B VAL 242 ? B VAL 300 
550 1 Y 1 B LYS 243 ? B LYS 301 
551 1 Y 1 B ALA 244 ? B ALA 302 
552 1 Y 1 B THR 245 ? B THR 303 
553 1 Y 1 B ASP 246 ? B ASP 304 
554 1 Y 1 B ASP 247 ? B ASP 305 
555 1 Y 1 B PHE 248 ? B PHE 306 
556 1 Y 1 B ILE 249 ? B ILE 307 
557 1 Y 1 B ASP 250 ? B ASP 308 
558 1 Y 1 B SER 251 ? B SER 309 
559 1 Y 1 B LEU 252 ? B LEU 310 
560 1 Y 1 B GLN 253 ? B GLN 311 
561 1 Y 1 B GLY 254 ? B GLY 312 
562 1 Y 1 B LYS 255 ? B LYS 313 
563 1 Y 1 B ALA 256 ? B ALA 314 
564 1 Y 1 B ALA 257 ? B ALA 315 
565 1 Y 1 B HIS 258 ? B HIS 316 
566 1 Y 1 B ASP 259 ? B ASP 317 
567 1 Y 1 B GLN 260 ? B GLN 318 
568 1 Y 1 B LYS 261 ? B LYS 319 
569 1 Y 1 B GLN 262 ? B GLN 320 
570 1 Y 1 B LYS 263 ? B LYS 321 
571 1 Y 1 B LEU 264 ? B LEU 322 
572 1 Y 1 B GLY 265 ? B GLY 323 
573 1 Y 1 B ASP 266 ? B ASP 324 
574 1 Y 1 B GLN 267 ? B GLN 325 
575 1 Y 1 B LEU 268 ? B LEU 326 
576 1 Y 1 B PHE 269 ? B PHE 327 
577 1 Y 1 B LYS 270 ? B LYS 328 
578 1 Y 1 B LYS 271 ? B LYS 329 
579 1 Y 1 B ILE 272 ? B ILE 330 
580 1 Y 1 B ARG 273 ? B ARG 331 
581 1 Y 1 B THR 274 ? B THR 332 
582 1 Y 1 B PHE 275 ? B PHE 333 
583 1 Y 1 B GLY 276 ? B GLY 334 
584 1 Y 1 B VAL 277 ? B VAL 335 
585 1 Y 1 B LYS 278 ? B LYS 336 
586 1 Y 1 B GLY 279 ? B GLY 337 
587 1 Y 1 B ALA 280 ? B ALA 338 
588 1 Y 1 B PRO 281 ? B PRO 339 
589 1 Y 1 B LYS 282 ? B LYS 340 
590 1 Y 1 B LEU 283 ? B LEU 341 
591 1 Y 1 B THR 284 ? B THR 342 
592 1 Y 1 B ILE 285 ? B ILE 343 
593 1 Y 1 B HIS 286 ? B HIS 344 
594 1 Y 1 B LEU 287 ? B LEU 345 
595 1 Y 1 B LEU 288 ? B LEU 346 
596 1 Y 1 B ASP 289 ? B ASP 347 
597 1 Y 1 B SER 290 ? B SER 348 
598 1 Y 1 B GLU 291 ? B GLU 349 
599 1 Y 1 B ASP 292 ? B ASP 350 
600 1 Y 1 B LEU 293 ? B LEU 351 
601 1 Y 1 B ARG 294 ? B ARG 352 
602 1 Y 1 B ALA 295 ? B ALA 353 
603 1 Y 1 B LEU 296 ? B LEU 354 
604 1 Y 1 B ALA 297 ? B ALA 355 
605 1 Y 1 B HIS 298 ? B HIS 356 
606 1 Y 1 B LEU 299 ? B LEU 357 
607 1 Y 1 B MET 300 ? B MET 358 
608 1 Y 1 B ASN 301 ? B ASN 359 
609 1 Y 1 B SER 302 ? B SER 360 
610 1 Y 1 B TYR 303 ? B TYR 361 
611 1 Y 1 B GLU 304 ? B GLU 362 
612 1 Y 1 B ASP 305 ? B ASP 363 
613 1 Y 1 B VAL 306 ? B VAL 364 
614 1 Y 1 B LEU 307 ? B LEU 365 
615 1 Y 1 B LYS 308 ? B LYS 366 
616 1 Y 1 B GLU 309 ? B GLU 367 
617 1 Y 1 B LYS 310 ? B LYS 368 
618 1 Y 1 B VAL 311 ? B VAL 369 
619 1 Y 1 B GLN 312 ? B GLN 370 
620 1 Y 1 B HIS 313 ? B HIS 371 
621 1 Y 1 B LYS 314 ? B LYS 372 
622 1 Y 1 B VAL 315 ? B VAL 373 
623 1 Y 1 B ALA 316 ? B ALA 374 
624 1 Y 1 B ALA 317 ? B ALA 375 
625 1 Y 1 B GLY 318 ? B GLY 376 
626 1 Y 1 B LEU 319 ? B LEU 377 
627 1 Y 1 B ASN 320 ? B ASN 378 
628 1 Y 1 B LYS 321 ? B LYS 379 
# 
loop_
_chem_comp_atom.comp_id 
_chem_comp_atom.atom_id 
_chem_comp_atom.type_symbol 
_chem_comp_atom.pdbx_aromatic_flag 
_chem_comp_atom.pdbx_stereo_config 
_chem_comp_atom.pdbx_ordinal 
ALA N    N N N 1   
ALA CA   C N S 2   
ALA C    C N N 3   
ALA O    O N N 4   
ALA CB   C N N 5   
ALA OXT  O N N 6   
ALA H    H N N 7   
ALA H2   H N N 8   
ALA HA   H N N 9   
ALA HB1  H N N 10  
ALA HB2  H N N 11  
ALA HB3  H N N 12  
ALA HXT  H N N 13  
ARG N    N N N 14  
ARG CA   C N S 15  
ARG C    C N N 16  
ARG O    O N N 17  
ARG CB   C N N 18  
ARG CG   C N N 19  
ARG CD   C N N 20  
ARG NE   N N N 21  
ARG CZ   C N N 22  
ARG NH1  N N N 23  
ARG NH2  N N N 24  
ARG OXT  O N N 25  
ARG H    H N N 26  
ARG H2   H N N 27  
ARG HA   H N N 28  
ARG HB2  H N N 29  
ARG HB3  H N N 30  
ARG HG2  H N N 31  
ARG HG3  H N N 32  
ARG HD2  H N N 33  
ARG HD3  H N N 34  
ARG HE   H N N 35  
ARG HH11 H N N 36  
ARG HH12 H N N 37  
ARG HH21 H N N 38  
ARG HH22 H N N 39  
ARG HXT  H N N 40  
ASN N    N N N 41  
ASN CA   C N S 42  
ASN C    C N N 43  
ASN O    O N N 44  
ASN CB   C N N 45  
ASN CG   C N N 46  
ASN OD1  O N N 47  
ASN ND2  N N N 48  
ASN OXT  O N N 49  
ASN H    H N N 50  
ASN H2   H N N 51  
ASN HA   H N N 52  
ASN HB2  H N N 53  
ASN HB3  H N N 54  
ASN HD21 H N N 55  
ASN HD22 H N N 56  
ASN HXT  H N N 57  
ASP N    N N N 58  
ASP CA   C N S 59  
ASP C    C N N 60  
ASP O    O N N 61  
ASP CB   C N N 62  
ASP CG   C N N 63  
ASP OD1  O N N 64  
ASP OD2  O N N 65  
ASP OXT  O N N 66  
ASP H    H N N 67  
ASP H2   H N N 68  
ASP HA   H N N 69  
ASP HB2  H N N 70  
ASP HB3  H N N 71  
ASP HD2  H N N 72  
ASP HXT  H N N 73  
GLN N    N N N 74  
GLN CA   C N S 75  
GLN C    C N N 76  
GLN O    O N N 77  
GLN CB   C N N 78  
GLN CG   C N N 79  
GLN CD   C N N 80  
GLN OE1  O N N 81  
GLN NE2  N N N 82  
GLN OXT  O N N 83  
GLN H    H N N 84  
GLN H2   H N N 85  
GLN HA   H N N 86  
GLN HB2  H N N 87  
GLN HB3  H N N 88  
GLN HG2  H N N 89  
GLN HG3  H N N 90  
GLN HE21 H N N 91  
GLN HE22 H N N 92  
GLN HXT  H N N 93  
GLU N    N N N 94  
GLU CA   C N S 95  
GLU C    C N N 96  
GLU O    O N N 97  
GLU CB   C N N 98  
GLU CG   C N N 99  
GLU CD   C N N 100 
GLU OE1  O N N 101 
GLU OE2  O N N 102 
GLU OXT  O N N 103 
GLU H    H N N 104 
GLU H2   H N N 105 
GLU HA   H N N 106 
GLU HB2  H N N 107 
GLU HB3  H N N 108 
GLU HG2  H N N 109 
GLU HG3  H N N 110 
GLU HE2  H N N 111 
GLU HXT  H N N 112 
GLY N    N N N 113 
GLY CA   C N N 114 
GLY C    C N N 115 
GLY O    O N N 116 
GLY OXT  O N N 117 
GLY H    H N N 118 
GLY H2   H N N 119 
GLY HA2  H N N 120 
GLY HA3  H N N 121 
GLY HXT  H N N 122 
HIS N    N N N 123 
HIS CA   C N S 124 
HIS C    C N N 125 
HIS O    O N N 126 
HIS CB   C N N 127 
HIS CG   C Y N 128 
HIS ND1  N Y N 129 
HIS CD2  C Y N 130 
HIS CE1  C Y N 131 
HIS NE2  N Y N 132 
HIS OXT  O N N 133 
HIS H    H N N 134 
HIS H2   H N N 135 
HIS HA   H N N 136 
HIS HB2  H N N 137 
HIS HB3  H N N 138 
HIS HD1  H N N 139 
HIS HD2  H N N 140 
HIS HE1  H N N 141 
HIS HE2  H N N 142 
HIS HXT  H N N 143 
ILE N    N N N 144 
ILE CA   C N S 145 
ILE C    C N N 146 
ILE O    O N N 147 
ILE CB   C N S 148 
ILE CG1  C N N 149 
ILE CG2  C N N 150 
ILE CD1  C N N 151 
ILE OXT  O N N 152 
ILE H    H N N 153 
ILE H2   H N N 154 
ILE HA   H N N 155 
ILE HB   H N N 156 
ILE HG12 H N N 157 
ILE HG13 H N N 158 
ILE HG21 H N N 159 
ILE HG22 H N N 160 
ILE HG23 H N N 161 
ILE HD11 H N N 162 
ILE HD12 H N N 163 
ILE HD13 H N N 164 
ILE HXT  H N N 165 
LEU N    N N N 166 
LEU CA   C N S 167 
LEU C    C N N 168 
LEU O    O N N 169 
LEU CB   C N N 170 
LEU CG   C N N 171 
LEU CD1  C N N 172 
LEU CD2  C N N 173 
LEU OXT  O N N 174 
LEU H    H N N 175 
LEU H2   H N N 176 
LEU HA   H N N 177 
LEU HB2  H N N 178 
LEU HB3  H N N 179 
LEU HG   H N N 180 
LEU HD11 H N N 181 
LEU HD12 H N N 182 
LEU HD13 H N N 183 
LEU HD21 H N N 184 
LEU HD22 H N N 185 
LEU HD23 H N N 186 
LEU HXT  H N N 187 
LYS N    N N N 188 
LYS CA   C N S 189 
LYS C    C N N 190 
LYS O    O N N 191 
LYS CB   C N N 192 
LYS CG   C N N 193 
LYS CD   C N N 194 
LYS CE   C N N 195 
LYS NZ   N N N 196 
LYS OXT  O N N 197 
LYS H    H N N 198 
LYS H2   H N N 199 
LYS HA   H N N 200 
LYS HB2  H N N 201 
LYS HB3  H N N 202 
LYS HG2  H N N 203 
LYS HG3  H N N 204 
LYS HD2  H N N 205 
LYS HD3  H N N 206 
LYS HE2  H N N 207 
LYS HE3  H N N 208 
LYS HZ1  H N N 209 
LYS HZ2  H N N 210 
LYS HZ3  H N N 211 
LYS HXT  H N N 212 
MET N    N N N 213 
MET CA   C N S 214 
MET C    C N N 215 
MET O    O N N 216 
MET CB   C N N 217 
MET CG   C N N 218 
MET SD   S N N 219 
MET CE   C N N 220 
MET OXT  O N N 221 
MET H    H N N 222 
MET H2   H N N 223 
MET HA   H N N 224 
MET HB2  H N N 225 
MET HB3  H N N 226 
MET HG2  H N N 227 
MET HG3  H N N 228 
MET HE1  H N N 229 
MET HE2  H N N 230 
MET HE3  H N N 231 
MET HXT  H N N 232 
PHE N    N N N 233 
PHE CA   C N S 234 
PHE C    C N N 235 
PHE O    O N N 236 
PHE CB   C N N 237 
PHE CG   C Y N 238 
PHE CD1  C Y N 239 
PHE CD2  C Y N 240 
PHE CE1  C Y N 241 
PHE CE2  C Y N 242 
PHE CZ   C Y N 243 
PHE OXT  O N N 244 
PHE H    H N N 245 
PHE H2   H N N 246 
PHE HA   H N N 247 
PHE HB2  H N N 248 
PHE HB3  H N N 249 
PHE HD1  H N N 250 
PHE HD2  H N N 251 
PHE HE1  H N N 252 
PHE HE2  H N N 253 
PHE HZ   H N N 254 
PHE HXT  H N N 255 
PRO N    N N N 256 
PRO CA   C N S 257 
PRO C    C N N 258 
PRO O    O N N 259 
PRO CB   C N N 260 
PRO CG   C N N 261 
PRO CD   C N N 262 
PRO OXT  O N N 263 
PRO H    H N N 264 
PRO HA   H N N 265 
PRO HB2  H N N 266 
PRO HB3  H N N 267 
PRO HG2  H N N 268 
PRO HG3  H N N 269 
PRO HD2  H N N 270 
PRO HD3  H N N 271 
PRO HXT  H N N 272 
SER N    N N N 273 
SER CA   C N S 274 
SER C    C N N 275 
SER O    O N N 276 
SER CB   C N N 277 
SER OG   O N N 278 
SER OXT  O N N 279 
SER H    H N N 280 
SER H2   H N N 281 
SER HA   H N N 282 
SER HB2  H N N 283 
SER HB3  H N N 284 
SER HG   H N N 285 
SER HXT  H N N 286 
THR N    N N N 287 
THR CA   C N S 288 
THR C    C N N 289 
THR O    O N N 290 
THR CB   C N R 291 
THR OG1  O N N 292 
THR CG2  C N N 293 
THR OXT  O N N 294 
THR H    H N N 295 
THR H2   H N N 296 
THR HA   H N N 297 
THR HB   H N N 298 
THR HG1  H N N 299 
THR HG21 H N N 300 
THR HG22 H N N 301 
THR HG23 H N N 302 
THR HXT  H N N 303 
TYR N    N N N 304 
TYR CA   C N S 305 
TYR C    C N N 306 
TYR O    O N N 307 
TYR CB   C N N 308 
TYR CG   C Y N 309 
TYR CD1  C Y N 310 
TYR CD2  C Y N 311 
TYR CE1  C Y N 312 
TYR CE2  C Y N 313 
TYR CZ   C Y N 314 
TYR OH   O N N 315 
TYR OXT  O N N 316 
TYR H    H N N 317 
TYR H2   H N N 318 
TYR HA   H N N 319 
TYR HB2  H N N 320 
TYR HB3  H N N 321 
TYR HD1  H N N 322 
TYR HD2  H N N 323 
TYR HE1  H N N 324 
TYR HE2  H N N 325 
TYR HH   H N N 326 
TYR HXT  H N N 327 
VAL N    N N N 328 
VAL CA   C N S 329 
VAL C    C N N 330 
VAL O    O N N 331 
VAL CB   C N N 332 
VAL CG1  C N N 333 
VAL CG2  C N N 334 
VAL OXT  O N N 335 
VAL H    H N N 336 
VAL H2   H N N 337 
VAL HA   H N N 338 
VAL HB   H N N 339 
VAL HG11 H N N 340 
VAL HG12 H N N 341 
VAL HG13 H N N 342 
VAL HG21 H N N 343 
VAL HG22 H N N 344 
VAL HG23 H N N 345 
VAL HXT  H N N 346 
# 
loop_
_chem_comp_bond.comp_id 
_chem_comp_bond.atom_id_1 
_chem_comp_bond.atom_id_2 
_chem_comp_bond.value_order 
_chem_comp_bond.pdbx_aromatic_flag 
_chem_comp_bond.pdbx_stereo_config 
_chem_comp_bond.pdbx_ordinal 
ALA N   CA   sing N N 1   
ALA N   H    sing N N 2   
ALA N   H2   sing N N 3   
ALA CA  C    sing N N 4   
ALA CA  CB   sing N N 5   
ALA CA  HA   sing N N 6   
ALA C   O    doub N N 7   
ALA C   OXT  sing N N 8   
ALA CB  HB1  sing N N 9   
ALA CB  HB2  sing N N 10  
ALA CB  HB3  sing N N 11  
ALA OXT HXT  sing N N 12  
ARG N   CA   sing N N 13  
ARG N   H    sing N N 14  
ARG N   H2   sing N N 15  
ARG CA  C    sing N N 16  
ARG CA  CB   sing N N 17  
ARG CA  HA   sing N N 18  
ARG C   O    doub N N 19  
ARG C   OXT  sing N N 20  
ARG CB  CG   sing N N 21  
ARG CB  HB2  sing N N 22  
ARG CB  HB3  sing N N 23  
ARG CG  CD   sing N N 24  
ARG CG  HG2  sing N N 25  
ARG CG  HG3  sing N N 26  
ARG CD  NE   sing N N 27  
ARG CD  HD2  sing N N 28  
ARG CD  HD3  sing N N 29  
ARG NE  CZ   sing N N 30  
ARG NE  HE   sing N N 31  
ARG CZ  NH1  sing N N 32  
ARG CZ  NH2  doub N N 33  
ARG NH1 HH11 sing N N 34  
ARG NH1 HH12 sing N N 35  
ARG NH2 HH21 sing N N 36  
ARG NH2 HH22 sing N N 37  
ARG OXT HXT  sing N N 38  
ASN N   CA   sing N N 39  
ASN N   H    sing N N 40  
ASN N   H2   sing N N 41  
ASN CA  C    sing N N 42  
ASN CA  CB   sing N N 43  
ASN CA  HA   sing N N 44  
ASN C   O    doub N N 45  
ASN C   OXT  sing N N 46  
ASN CB  CG   sing N N 47  
ASN CB  HB2  sing N N 48  
ASN CB  HB3  sing N N 49  
ASN CG  OD1  doub N N 50  
ASN CG  ND2  sing N N 51  
ASN ND2 HD21 sing N N 52  
ASN ND2 HD22 sing N N 53  
ASN OXT HXT  sing N N 54  
ASP N   CA   sing N N 55  
ASP N   H    sing N N 56  
ASP N   H2   sing N N 57  
ASP CA  C    sing N N 58  
ASP CA  CB   sing N N 59  
ASP CA  HA   sing N N 60  
ASP C   O    doub N N 61  
ASP C   OXT  sing N N 62  
ASP CB  CG   sing N N 63  
ASP CB  HB2  sing N N 64  
ASP CB  HB3  sing N N 65  
ASP CG  OD1  doub N N 66  
ASP CG  OD2  sing N N 67  
ASP OD2 HD2  sing N N 68  
ASP OXT HXT  sing N N 69  
GLN N   CA   sing N N 70  
GLN N   H    sing N N 71  
GLN N   H2   sing N N 72  
GLN CA  C    sing N N 73  
GLN CA  CB   sing N N 74  
GLN CA  HA   sing N N 75  
GLN C   O    doub N N 76  
GLN C   OXT  sing N N 77  
GLN CB  CG   sing N N 78  
GLN CB  HB2  sing N N 79  
GLN CB  HB3  sing N N 80  
GLN CG  CD   sing N N 81  
GLN CG  HG2  sing N N 82  
GLN CG  HG3  sing N N 83  
GLN CD  OE1  doub N N 84  
GLN CD  NE2  sing N N 85  
GLN NE2 HE21 sing N N 86  
GLN NE2 HE22 sing N N 87  
GLN OXT HXT  sing N N 88  
GLU N   CA   sing N N 89  
GLU N   H    sing N N 90  
GLU N   H2   sing N N 91  
GLU CA  C    sing N N 92  
GLU CA  CB   sing N N 93  
GLU CA  HA   sing N N 94  
GLU C   O    doub N N 95  
GLU C   OXT  sing N N 96  
GLU CB  CG   sing N N 97  
GLU CB  HB2  sing N N 98  
GLU CB  HB3  sing N N 99  
GLU CG  CD   sing N N 100 
GLU CG  HG2  sing N N 101 
GLU CG  HG3  sing N N 102 
GLU CD  OE1  doub N N 103 
GLU CD  OE2  sing N N 104 
GLU OE2 HE2  sing N N 105 
GLU OXT HXT  sing N N 106 
GLY N   CA   sing N N 107 
GLY N   H    sing N N 108 
GLY N   H2   sing N N 109 
GLY CA  C    sing N N 110 
GLY CA  HA2  sing N N 111 
GLY CA  HA3  sing N N 112 
GLY C   O    doub N N 113 
GLY C   OXT  sing N N 114 
GLY OXT HXT  sing N N 115 
HIS N   CA   sing N N 116 
HIS N   H    sing N N 117 
HIS N   H2   sing N N 118 
HIS CA  C    sing N N 119 
HIS CA  CB   sing N N 120 
HIS CA  HA   sing N N 121 
HIS C   O    doub N N 122 
HIS C   OXT  sing N N 123 
HIS CB  CG   sing N N 124 
HIS CB  HB2  sing N N 125 
HIS CB  HB3  sing N N 126 
HIS CG  ND1  sing Y N 127 
HIS CG  CD2  doub Y N 128 
HIS ND1 CE1  doub Y N 129 
HIS ND1 HD1  sing N N 130 
HIS CD2 NE2  sing Y N 131 
HIS CD2 HD2  sing N N 132 
HIS CE1 NE2  sing Y N 133 
HIS CE1 HE1  sing N N 134 
HIS NE2 HE2  sing N N 135 
HIS OXT HXT  sing N N 136 
ILE N   CA   sing N N 137 
ILE N   H    sing N N 138 
ILE N   H2   sing N N 139 
ILE CA  C    sing N N 140 
ILE CA  CB   sing N N 141 
ILE CA  HA   sing N N 142 
ILE C   O    doub N N 143 
ILE C   OXT  sing N N 144 
ILE CB  CG1  sing N N 145 
ILE CB  CG2  sing N N 146 
ILE CB  HB   sing N N 147 
ILE CG1 CD1  sing N N 148 
ILE CG1 HG12 sing N N 149 
ILE CG1 HG13 sing N N 150 
ILE CG2 HG21 sing N N 151 
ILE CG2 HG22 sing N N 152 
ILE CG2 HG23 sing N N 153 
ILE CD1 HD11 sing N N 154 
ILE CD1 HD12 sing N N 155 
ILE CD1 HD13 sing N N 156 
ILE OXT HXT  sing N N 157 
LEU N   CA   sing N N 158 
LEU N   H    sing N N 159 
LEU N   H2   sing N N 160 
LEU CA  C    sing N N 161 
LEU CA  CB   sing N N 162 
LEU CA  HA   sing N N 163 
LEU C   O    doub N N 164 
LEU C   OXT  sing N N 165 
LEU CB  CG   sing N N 166 
LEU CB  HB2  sing N N 167 
LEU CB  HB3  sing N N 168 
LEU CG  CD1  sing N N 169 
LEU CG  CD2  sing N N 170 
LEU CG  HG   sing N N 171 
LEU CD1 HD11 sing N N 172 
LEU CD1 HD12 sing N N 173 
LEU CD1 HD13 sing N N 174 
LEU CD2 HD21 sing N N 175 
LEU CD2 HD22 sing N N 176 
LEU CD2 HD23 sing N N 177 
LEU OXT HXT  sing N N 178 
LYS N   CA   sing N N 179 
LYS N   H    sing N N 180 
LYS N   H2   sing N N 181 
LYS CA  C    sing N N 182 
LYS CA  CB   sing N N 183 
LYS CA  HA   sing N N 184 
LYS C   O    doub N N 185 
LYS C   OXT  sing N N 186 
LYS CB  CG   sing N N 187 
LYS CB  HB2  sing N N 188 
LYS CB  HB3  sing N N 189 
LYS CG  CD   sing N N 190 
LYS CG  HG2  sing N N 191 
LYS CG  HG3  sing N N 192 
LYS CD  CE   sing N N 193 
LYS CD  HD2  sing N N 194 
LYS CD  HD3  sing N N 195 
LYS CE  NZ   sing N N 196 
LYS CE  HE2  sing N N 197 
LYS CE  HE3  sing N N 198 
LYS NZ  HZ1  sing N N 199 
LYS NZ  HZ2  sing N N 200 
LYS NZ  HZ3  sing N N 201 
LYS OXT HXT  sing N N 202 
MET N   CA   sing N N 203 
MET N   H    sing N N 204 
MET N   H2   sing N N 205 
MET CA  C    sing N N 206 
MET CA  CB   sing N N 207 
MET CA  HA   sing N N 208 
MET C   O    doub N N 209 
MET C   OXT  sing N N 210 
MET CB  CG   sing N N 211 
MET CB  HB2  sing N N 212 
MET CB  HB3  sing N N 213 
MET CG  SD   sing N N 214 
MET CG  HG2  sing N N 215 
MET CG  HG3  sing N N 216 
MET SD  CE   sing N N 217 
MET CE  HE1  sing N N 218 
MET CE  HE2  sing N N 219 
MET CE  HE3  sing N N 220 
MET OXT HXT  sing N N 221 
PHE N   CA   sing N N 222 
PHE N   H    sing N N 223 
PHE N   H2   sing N N 224 
PHE CA  C    sing N N 225 
PHE CA  CB   sing N N 226 
PHE CA  HA   sing N N 227 
PHE C   O    doub N N 228 
PHE C   OXT  sing N N 229 
PHE CB  CG   sing N N 230 
PHE CB  HB2  sing N N 231 
PHE CB  HB3  sing N N 232 
PHE CG  CD1  doub Y N 233 
PHE CG  CD2  sing Y N 234 
PHE CD1 CE1  sing Y N 235 
PHE CD1 HD1  sing N N 236 
PHE CD2 CE2  doub Y N 237 
PHE CD2 HD2  sing N N 238 
PHE CE1 CZ   doub Y N 239 
PHE CE1 HE1  sing N N 240 
PHE CE2 CZ   sing Y N 241 
PHE CE2 HE2  sing N N 242 
PHE CZ  HZ   sing N N 243 
PHE OXT HXT  sing N N 244 
PRO N   CA   sing N N 245 
PRO N   CD   sing N N 246 
PRO N   H    sing N N 247 
PRO CA  C    sing N N 248 
PRO CA  CB   sing N N 249 
PRO CA  HA   sing N N 250 
PRO C   O    doub N N 251 
PRO C   OXT  sing N N 252 
PRO CB  CG   sing N N 253 
PRO CB  HB2  sing N N 254 
PRO CB  HB3  sing N N 255 
PRO CG  CD   sing N N 256 
PRO CG  HG2  sing N N 257 
PRO CG  HG3  sing N N 258 
PRO CD  HD2  sing N N 259 
PRO CD  HD3  sing N N 260 
PRO OXT HXT  sing N N 261 
SER N   CA   sing N N 262 
SER N   H    sing N N 263 
SER N   H2   sing N N 264 
SER CA  C    sing N N 265 
SER CA  CB   sing N N 266 
SER CA  HA   sing N N 267 
SER C   O    doub N N 268 
SER C   OXT  sing N N 269 
SER CB  OG   sing N N 270 
SER CB  HB2  sing N N 271 
SER CB  HB3  sing N N 272 
SER OG  HG   sing N N 273 
SER OXT HXT  sing N N 274 
THR N   CA   sing N N 275 
THR N   H    sing N N 276 
THR N   H2   sing N N 277 
THR CA  C    sing N N 278 
THR CA  CB   sing N N 279 
THR CA  HA   sing N N 280 
THR C   O    doub N N 281 
THR C   OXT  sing N N 282 
THR CB  OG1  sing N N 283 
THR CB  CG2  sing N N 284 
THR CB  HB   sing N N 285 
THR OG1 HG1  sing N N 286 
THR CG2 HG21 sing N N 287 
THR CG2 HG22 sing N N 288 
THR CG2 HG23 sing N N 289 
THR OXT HXT  sing N N 290 
TYR N   CA   sing N N 291 
TYR N   H    sing N N 292 
TYR N   H2   sing N N 293 
TYR CA  C    sing N N 294 
TYR CA  CB   sing N N 295 
TYR CA  HA   sing N N 296 
TYR C   O    doub N N 297 
TYR C   OXT  sing N N 298 
TYR CB  CG   sing N N 299 
TYR CB  HB2  sing N N 300 
TYR CB  HB3  sing N N 301 
TYR CG  CD1  doub Y N 302 
TYR CG  CD2  sing Y N 303 
TYR CD1 CE1  sing Y N 304 
TYR CD1 HD1  sing N N 305 
TYR CD2 CE2  doub Y N 306 
TYR CD2 HD2  sing N N 307 
TYR CE1 CZ   doub Y N 308 
TYR CE1 HE1  sing N N 309 
TYR CE2 CZ   sing Y N 310 
TYR CE2 HE2  sing N N 311 
TYR CZ  OH   sing N N 312 
TYR OH  HH   sing N N 313 
TYR OXT HXT  sing N N 314 
VAL N   CA   sing N N 315 
VAL N   H    sing N N 316 
VAL N   H2   sing N N 317 
VAL CA  C    sing N N 318 
VAL CA  CB   sing N N 319 
VAL CA  HA   sing N N 320 
VAL C   O    doub N N 321 
VAL C   OXT  sing N N 322 
VAL CB  CG1  sing N N 323 
VAL CB  CG2  sing N N 324 
VAL CB  HB   sing N N 325 
VAL CG1 HG11 sing N N 326 
VAL CG1 HG12 sing N N 327 
VAL CG1 HG13 sing N N 328 
VAL CG2 HG21 sing N N 329 
VAL CG2 HG22 sing N N 330 
VAL CG2 HG23 sing N N 331 
VAL OXT HXT  sing N N 332 
# 
_pdbx_audit_support.funding_organization   'German Research Foundation (DFG)' 
_pdbx_audit_support.country                Germany 
_pdbx_audit_support.grant_number           417919780 
_pdbx_audit_support.ordinal                1 
# 
_pdbx_initial_refinement_model.accession_code   ? 
_pdbx_initial_refinement_model.id               1 
_pdbx_initial_refinement_model.entity_id_list   ? 
_pdbx_initial_refinement_model.type             other 
_pdbx_initial_refinement_model.source_name      ? 
_pdbx_initial_refinement_model.details          'own model' 
# 
_space_group.id               1 
_space_group.name_H-M_alt     'P 43 21 2' 
_space_group.name_Hall        'P 4nw 2abw' 
_space_group.IT_number        96 
_space_group.crystal_system   tetragonal 
# 
_atom_sites.entry_id                    7PZE 
_atom_sites.Cartn_transf_matrix[1][1]   ? 
_atom_sites.Cartn_transf_matrix[1][2]   ? 
_atom_sites.Cartn_transf_matrix[1][3]   ? 
_atom_sites.Cartn_transf_matrix[2][1]   ? 
_atom_sites.Cartn_transf_matrix[2][2]   ? 
_atom_sites.Cartn_transf_matrix[2][3]   ? 
_atom_sites.Cartn_transf_matrix[3][1]   ? 
_atom_sites.Cartn_transf_matrix[3][2]   ? 
_atom_sites.Cartn_transf_matrix[3][3]   ? 
_atom_sites.Cartn_transf_vector[1]      ? 
_atom_sites.Cartn_transf_vector[2]      ? 
_atom_sites.Cartn_transf_vector[3]      ? 
_atom_sites.fract_transf_matrix[1][1]   0.00602499 
_atom_sites.fract_transf_matrix[1][2]   0.01523406 
_atom_sites.fract_transf_matrix[1][3]   -0.00903188 
_atom_sites.fract_transf_matrix[2][1]   0.01677861 
_atom_sites.fract_transf_matrix[2][2]   -0.00796341 
_atom_sites.fract_transf_matrix[2][3]   -0.00223919 
_atom_sites.fract_transf_matrix[3][1]   -0.00209163 
_atom_sites.fract_transf_matrix[3][2]   -0.00272314 
_atom_sites.fract_transf_matrix[3][3]   -0.00598840 
_atom_sites.fract_transf_vector[1]      -0.425658 
_atom_sites.fract_transf_vector[2]      0.021801 
_atom_sites.fract_transf_vector[3]      -0.122289 
_atom_sites.solution_primary            ? 
_atom_sites.solution_secondary          ? 
_atom_sites.solution_hydrogens          ? 
_atom_sites.special_details             ? 
# 
loop_
_atom_type.symbol 
_atom_type.scat_dispersion_real 
_atom_type.scat_dispersion_imag 
_atom_type.scat_Cromer_Mann_a1 
_atom_type.scat_Cromer_Mann_a2 
_atom_type.scat_Cromer_Mann_a3 
_atom_type.scat_Cromer_Mann_a4 
_atom_type.scat_Cromer_Mann_b1 
_atom_type.scat_Cromer_Mann_b2 
_atom_type.scat_Cromer_Mann_b3 
_atom_type.scat_Cromer_Mann_b4 
_atom_type.scat_Cromer_Mann_c 
_atom_type.scat_source 
_atom_type.scat_dispersion_source 
C ? ? 3.54356 2.42580 ? ? 25.62398 1.50364  ? ? 0.0 
;2-Gaussian fit: Grosse-Kunstleve RW, Sauter NK, Adams PD: Newsletter of the IUCr Commission on Crystallographic Computing 2004, 3, 22-31.
;
? 
N ? ? 4.01032 2.96436 ? ? 19.97189 1.75589  ? ? 0.0 
;2-Gaussian fit: Grosse-Kunstleve RW, Sauter NK, Adams PD: Newsletter of the IUCr Commission on Crystallographic Computing 2004, 3, 22-31.
;
? 
O ? ? 4.49882 3.47563 ? ? 15.80542 1.70748  ? ? 0.0 
;2-Gaussian fit: Grosse-Kunstleve RW, Sauter NK, Adams PD: Newsletter of the IUCr Commission on Crystallographic Computing 2004, 3, 22-31.
;
? 
S ? ? 9.55732 6.39887 ? ? 1.23737  29.19336 ? ? 0.0 
;2-Gaussian fit: Grosse-Kunstleve RW, Sauter NK, Adams PD: Newsletter of the IUCr Commission on Crystallographic Computing 2004, 3, 22-31.
;
? 
# 
loop_
_atom_site.group_PDB 
_atom_site.id 
_atom_site.type_symbol 
_atom_site.label_atom_id 
_atom_site.label_alt_id 
_atom_site.label_comp_id 
_atom_site.label_asym_id 
_atom_site.label_entity_id 
_atom_site.label_seq_id 
_atom_site.pdbx_PDB_ins_code 
_atom_site.Cartn_x 
_atom_site.Cartn_y 
_atom_site.Cartn_z 
_atom_site.occupancy 
_atom_site.B_iso_or_equiv 
_atom_site.pdbx_formal_charge 
_atom_site.auth_seq_id 
_atom_site.auth_comp_id 
_atom_site.auth_asym_id 
_atom_site.auth_atom_id 
_atom_site.pdbx_PDB_model_num 
ATOM 1    N N   . GLY A 1 153 ? -4.30859  4.20740   -13.57101 1.000 83.08290  ? 95  GLY A N   1 
ATOM 2    C CA  . GLY A 1 153 ? -5.08497  3.73626   -14.71123 1.000 93.74728  ? 95  GLY A CA  1 
ATOM 3    C C   . GLY A 1 153 ? -4.36189  2.69348   -15.55435 1.000 95.60388  ? 95  GLY A C   1 
ATOM 4    O O   . GLY A 1 153 ? -4.61102  2.55719   -16.76498 1.000 90.58967  ? 95  GLY A O   1 
ATOM 5    N N   . GLY A 1 154 ? -3.47941  1.94439   -14.89540 1.000 84.51206  ? 96  GLY A N   1 
ATOM 6    C CA  . GLY A 1 154 ? -2.53070  0.97549   -15.44873 1.000 73.29021  ? 96  GLY A CA  1 
ATOM 7    C C   . GLY A 1 154 ? -1.18683  1.41222   -14.89607 1.000 75.60287  ? 96  GLY A C   1 
ATOM 8    O O   . GLY A 1 154 ? -0.83768  2.59233   -14.91397 1.000 75.94221  ? 96  GLY A O   1 
ATOM 9    N N   . ALA A 1 155 ? -0.42669  0.43819   -14.38873 1.000 70.84357  ? 97  ALA A N   1 
ATOM 10   C CA  . ALA A 1 155 ? 0.83863   0.70680   -13.71078 1.000 65.94591  ? 97  ALA A CA  1 
ATOM 11   C C   . ALA A 1 155 ? 1.97644   0.97287   -14.69737 1.000 65.85402  ? 97  ALA A C   1 
ATOM 12   O O   . ALA A 1 155 ? 2.17278   0.21721   -15.65208 1.000 72.71167  ? 97  ALA A O   1 
ATOM 13   C CB  . ALA A 1 155 ? 1.20056   -0.47358  -12.80841 1.000 62.47477  ? 97  ALA A CB  1 
ATOM 14   N N   . SER A 1 156 ? 2.74828   2.03034   -14.44557 1.000 70.27279  ? 98  SER A N   1 
ATOM 15   C CA  . SER A 1 156 ? 3.93360   2.32538   -15.24260 1.000 66.77004  ? 98  SER A CA  1 
ATOM 16   C C   . SER A 1 156 ? 4.91958   1.15710   -15.19313 1.000 65.10830  ? 98  SER A C   1 
ATOM 17   O O   . SER A 1 156 ? 4.76809   0.20860   -14.42188 1.000 66.92772  ? 98  SER A O   1 
ATOM 18   C CB  . SER A 1 156 ? 4.60727   3.60780   -14.75428 1.000 67.77248  ? 98  SER A CB  1 
ATOM 19   O OG  . SER A 1 156 ? 5.12802   3.45324   -13.44383 1.000 72.13274  ? 98  SER A OG  1 
ATOM 20   N N   . VAL A 1 157 ? 5.93648   1.21533   -16.05435 1.000 64.06962  ? 99  VAL A N   1 
ATOM 21   C CA  . VAL A 1 157 ? 6.89589   0.12387   -16.03424 1.000 64.06397  ? 99  VAL A CA  1 
ATOM 22   C C   . VAL A 1 157 ? 7.69094   0.16588   -14.74921 1.000 69.27042  ? 99  VAL A C   1 
ATOM 23   O O   . VAL A 1 157 ? 8.05534   -0.88095  -14.20123 1.000 70.61161  ? 99  VAL A O   1 
ATOM 24   C CB  . VAL A 1 157 ? 7.81127   0.16427   -17.26328 1.000 71.28492  ? 99  VAL A CB  1 
ATOM 25   C CG1 . VAL A 1 157 ? 8.51773   -1.15723  -17.40228 1.000 72.89519  ? 99  VAL A CG1 1 
ATOM 26   C CG2 . VAL A 1 157 ? 7.00129   0.44651   -18.50823 1.000 73.38468  ? 99  VAL A CG2 1 
ATOM 27   N N   . LYS A 1 158 ? 7.95884   1.37117   -14.24083 1.000 72.03874  ? 100 LYS A N   1 
ATOM 28   C CA  . LYS A 1 158 ? 8.60545   1.51329   -12.94409 1.000 66.76463  ? 100 LYS A CA  1 
ATOM 29   C C   . LYS A 1 158 ? 7.70796   1.00081   -11.82238 1.000 67.59856  ? 100 LYS A C   1 
ATOM 30   O O   . LYS A 1 158 ? 8.15644   0.25183   -10.94665 1.000 69.35677  ? 100 LYS A O   1 
ATOM 31   C CB  . LYS A 1 158 ? 8.98249   2.97204   -12.70351 1.000 65.78444  ? 100 LYS A CB  1 
ATOM 32   C CG  . LYS A 1 158 ? 9.80372   3.15921   -11.43144 1.000 74.33342  ? 100 LYS A CG  1 
ATOM 33   C CD  . LYS A 1 158 ? 10.16468  4.61689   -11.20034 1.000 75.60868  ? 100 LYS A CD  1 
ATOM 34   C CE  . LYS A 1 158 ? 11.45328  4.73135   -10.39346 1.000 81.90942  ? 100 LYS A CE  1 
ATOM 35   N NZ  . LYS A 1 158 ? 12.41869  5.68607   -11.02467 1.000 82.88570  ? 100 LYS A NZ  1 
ATOM 36   N N   . GLU A 1 159 ? 6.43474   1.39710   -11.82340 1.000 65.37073  ? 101 GLU A N   1 
ATOM 37   C CA  . GLU A 1 159 ? 5.53483   0.92186   -10.77797 1.000 67.90862  ? 101 GLU A CA  1 
ATOM 38   C C   . GLU A 1 159 ? 5.38300   -0.59283  -10.82780 1.000 69.80949  ? 101 GLU A C   1 
ATOM 39   O O   . GLU A 1 159 ? 5.35680   -1.25979  -9.78436  1.000 69.62129  ? 101 GLU A O   1 
ATOM 40   C CB  . GLU A 1 159 ? 4.17111   1.59216   -10.90259 1.000 65.74835  ? 101 GLU A CB  1 
ATOM 41   C CG  . GLU A 1 159 ? 3.25480   1.26661   -9.74215  1.000 66.12946  ? 101 GLU A CG  1 
ATOM 42   C CD  . GLU A 1 159 ? 1.87356   1.86834   -9.89417  1.000 69.28548  ? 101 GLU A CD  1 
ATOM 43   O OE1 . GLU A 1 159 ? 1.65046   2.64194   -10.85998 1.000 74.45603  ? 101 GLU A OE1 1 
ATOM 44   O OE2 . GLU A 1 159 ? 1.00825   1.55891   -9.04741  1.000 68.47394  ? 101 GLU A OE2 1 
ATOM 45   N N   . ARG A 1 160 ? 5.29241   -1.15550  -12.03309 1.000 66.92391  ? 102 ARG A N   1 
ATOM 46   C CA  . ARG A 1 160 ? 5.11368   -2.59367  -12.15258 1.000 66.15791  ? 102 ARG A CA  1 
ATOM 47   C C   . ARG A 1 160 ? 6.28260   -3.35608  -11.54402 1.000 65.50914  ? 102 ARG A C   1 
ATOM 48   O O   . ARG A 1 160 ? 6.09417   -4.42570  -10.95428 1.000 66.17865  ? 102 ARG A O   1 
ATOM 49   C CB  . ARG A 1 160 ? 4.93692   -2.99066  -13.61378 1.000 61.30146  ? 102 ARG A CB  1 
ATOM 50   C CG  . ARG A 1 160 ? 4.58184   -4.43560  -13.72521 1.000 60.04272  ? 102 ARG A CG  1 
ATOM 51   C CD  . ARG A 1 160 ? 4.70058   -4.96540  -15.12404 1.000 69.60440  ? 102 ARG A CD  1 
ATOM 52   N NE  . ARG A 1 160 ? 4.49114   -6.40629  -15.11831 1.000 68.12771  ? 102 ARG A NE  1 
ATOM 53   C CZ  . ARG A 1 160 ? 5.39607   -7.27367  -14.68224 1.000 67.69758  ? 102 ARG A CZ  1 
ATOM 54   N NH1 . ARG A 1 160 ? 6.57336   -6.83796  -14.23167 1.000 64.50660  ? 102 ARG A NH1 1 
ATOM 55   N NH2 . ARG A 1 160 ? 5.12145   -8.57301  -14.69334 1.000 64.24739  ? 102 ARG A NH2 1 
ATOM 56   N N   . GLU A 1 161 ? 7.50113   -2.84590  -11.69171 1.000 63.57605  ? 103 GLU A N   1 
ATOM 57   C CA  . GLU A 1 161 ? 8.60881   -3.60155  -11.13628 1.000 68.24829  ? 103 GLU A CA  1 
ATOM 58   C C   . GLU A 1 161 ? 8.72054   -3.42695  -9.62077  1.000 71.41510  ? 103 GLU A C   1 
ATOM 59   O O   . GLU A 1 161 ? 9.23611   -4.32547  -8.94452  1.000 70.34476  ? 103 GLU A O   1 
ATOM 60   C CB  . GLU A 1 161 ? 9.91732   -3.23983  -11.84520 1.000 71.65665  ? 103 GLU A CB  1 
ATOM 61   C CG  . GLU A 1 161 ? 11.13670  -3.90077  -11.20510 1.000 78.08551  ? 103 GLU A CG  1 
ATOM 62   C CD  . GLU A 1 161 ? 11.46144  -5.25968  -11.80004 1.000 86.41101  ? 103 GLU A CD  1 
ATOM 63   O OE1 . GLU A 1 161 ? 12.20928  -6.01589  -11.11173 1.000 82.79760  ? 103 GLU A OE1 1 
ATOM 64   O OE2 . GLU A 1 161 ? 10.98483  -5.54746  -12.94323 1.000 82.43251  ? 103 GLU A OE2 1 
ATOM 65   N N   . ARG A 1 162 ? 8.20330   -2.32514  -9.06501  1.000 67.31541  ? 104 ARG A N   1 
ATOM 66   C CA  . ARG A 1 162 ? 8.02824   -2.24771  -7.61712  1.000 62.53411  ? 104 ARG A CA  1 
ATOM 67   C C   . ARG A 1 162 ? 7.09270   -3.34421  -7.11796  1.000 64.94386  ? 104 ARG A C   1 
ATOM 68   O O   . ARG A 1 162 ? 7.33639   -3.94356  -6.06126  1.000 65.34062  ? 104 ARG A O   1 
ATOM 69   C CB  . ARG A 1 162 ? 7.48345   -0.87505  -7.21579  1.000 68.77786  ? 104 ARG A CB  1 
ATOM 70   C CG  . ARG A 1 162 ? 8.35636   0.30333   -7.59997  1.000 71.17567  ? 104 ARG A CG  1 
ATOM 71   C CD  . ARG A 1 162 ? 9.37779   0.59164   -6.54629  1.000 64.69438  ? 104 ARG A CD  1 
ATOM 72   N NE  . ARG A 1 162 ? 10.23798  1.69195   -6.95325  1.000 75.11465  ? 104 ARG A NE  1 
ATOM 73   C CZ  . ARG A 1 162 ? 10.15780  2.92891   -6.47222  1.000 78.71053  ? 104 ARG A CZ  1 
ATOM 74   N NH1 . ARG A 1 162 ? 9.25640   3.23024   -5.54589  1.000 82.95486  ? 104 ARG A NH1 1 
ATOM 75   N NH2 . ARG A 1 162 ? 10.98993  3.86584   -6.91026  1.000 76.58048  ? 104 ARG A NH2 1 
ATOM 76   N N   . LEU A 1 163 ? 5.99782   -3.60589  -7.85426  1.000 64.99707  ? 105 LEU A N   1 
ATOM 77   C CA  . LEU A 1 163 ? 5.07172   -4.65989  -7.45202  1.000 58.39291  ? 105 LEU A CA  1 
ATOM 78   C C   . LEU A 1 163 ? 5.72100   -6.02569  -7.56730  1.000 62.86131  ? 105 LEU A C   1 
ATOM 79   O O   . LEU A 1 163 ? 5.43596   -6.92377  -6.76721  1.000 65.39241  ? 105 LEU A O   1 
ATOM 80   C CB  . LEU A 1 163 ? 3.80788   -4.60988  -8.29722  1.000 60.14717  ? 105 LEU A CB  1 
ATOM 81   C CG  . LEU A 1 163 ? 3.04420   -3.29032  -8.21677  1.000 67.87913  ? 105 LEU A CG  1 
ATOM 82   C CD1 . LEU A 1 163 ? 1.83030   -3.28941  -9.16619  1.000 63.89399  ? 105 LEU A CD1 1 
ATOM 83   C CD2 . LEU A 1 163 ? 2.62916   -3.02311  -6.79034  1.000 58.35910  ? 105 LEU A CD2 1 
ATOM 84   N N   . LEU A 1 164 ? 6.61712   -6.19013  -8.53299  1.000 63.34400  ? 106 LEU A N   1 
ATOM 85   C CA  . LEU A 1 164 ? 7.25223   -7.48209  -8.73782  1.000 65.15851  ? 106 LEU A CA  1 
ATOM 86   C C   . LEU A 1 164 ? 8.11073   -7.86405  -7.53705  1.000 66.90407  ? 106 LEU A C   1 
ATOM 87   O O   . LEU A 1 164 ? 7.96045   -8.95289  -6.97017  1.000 71.26476  ? 106 LEU A O   1 
ATOM 88   C CB  . LEU A 1 164 ? 8.07708   -7.43169  -10.01906 1.000 68.32563  ? 106 LEU A CB  1 
ATOM 89   C CG  . LEU A 1 164 ? 8.89267   -8.66430  -10.34882 1.000 65.59664  ? 106 LEU A CG  1 
ATOM 90   C CD1 . LEU A 1 164 ? 8.02040   -9.90616  -10.20508 1.000 65.17645  ? 106 LEU A CD1 1 
ATOM 91   C CD2 . LEU A 1 164 ? 9.44272   -8.49583  -11.75707 1.000 64.31587  ? 106 LEU A CD2 1 
ATOM 92   N N   . LYS A 1 165 ? 9.01827   -6.97539  -7.13608  1.000 62.17059  ? 107 LYS A N   1 
ATOM 93   C CA  . LYS A 1 165 ? 9.79409   -7.19896  -5.92135  1.000 67.64160  ? 107 LYS A CA  1 
ATOM 94   C C   . LYS A 1 165 ? 8.88883   -7.44894  -4.71824  1.000 68.00934  ? 107 LYS A C   1 
ATOM 95   O O   . LYS A 1 165 ? 9.07563   -8.42356  -3.97246  1.000 70.20639  ? 107 LYS A O   1 
ATOM 96   C CB  . LYS A 1 165 ? 10.68006  -5.98365  -5.64600  1.000 68.20290  ? 107 LYS A CB  1 
ATOM 97   C CG  . LYS A 1 165 ? 11.71912  -5.67541  -6.69646  1.000 63.37438  ? 107 LYS A CG  1 
ATOM 98   C CD  . LYS A 1 165 ? 13.11273  -5.66347  -6.12842  1.000 80.57809  ? 107 LYS A CD  1 
ATOM 99   C CE  . LYS A 1 165 ? 14.10833  -5.96258  -7.22318  1.000 83.88397  ? 107 LYS A CE  1 
ATOM 100  N NZ  . LYS A 1 165 ? 15.20833  -6.93386  -6.86372  1.000 97.59810  ? 107 LYS A NZ  1 
ATOM 101  N N   . ALA A 1 166 ? 7.92333   -6.54983  -4.49984  1.000 63.83784  ? 108 ALA A N   1 
ATOM 102  C CA  . ALA A 1 166 ? 7.00703   -6.67615  -3.37403  1.000 61.46337  ? 108 ALA A CA  1 
ATOM 103  C C   . ALA A 1 166 ? 6.34127   -8.04277  -3.35233  1.000 65.09930  ? 108 ALA A C   1 
ATOM 104  O O   . ALA A 1 166 ? 6.22521   -8.65935  -2.28696  1.000 65.24707  ? 108 ALA A O   1 
ATOM 105  C CB  . ALA A 1 166 ? 5.96049   -5.56902  -3.43495  1.000 63.25604  ? 108 ALA A CB  1 
ATOM 106  N N   . VAL A 1 167 ? 5.92865   -8.54429  -4.52588  1.000 66.97711  ? 109 VAL A N   1 
ATOM 107  C CA  . VAL A 1 167 ? 5.30771   -9.86619  -4.61645  1.000 66.22966  ? 109 VAL A CA  1 
ATOM 108  C C   . VAL A 1 167 ? 6.31547   -10.96071 -4.27591  1.000 69.18615  ? 109 VAL A C   1 
ATOM 109  O O   . VAL A 1 167 ? 5.98436   -11.91943 -3.56899  1.000 71.76095  ? 109 VAL A O   1 
ATOM 110  C CB  . VAL A 1 167 ? 4.68284   -10.07245 -6.01397  1.000 63.73153  ? 109 VAL A CB  1 
ATOM 111  C CG1 . VAL A 1 167 ? 4.49255   -11.55565 -6.33767  1.000 62.76976  ? 109 VAL A CG1 1 
ATOM 112  C CG2 . VAL A 1 167 ? 3.35634   -9.37025  -6.09795  1.000 63.03865  ? 109 VAL A CG2 1 
ATOM 113  N N   . ILE A 1 168 ? 7.55948   -10.83097 -4.75805  1.000 69.06109  ? 110 ILE A N   1 
ATOM 114  C CA  . ILE A 1 168 ? 8.59949   -11.84037 -4.51330  1.000 73.61318  ? 110 ILE A CA  1 
ATOM 115  C C   . ILE A 1 168 ? 8.87021   -12.01731 -3.01636  1.000 67.74330  ? 110 ILE A C   1 
ATOM 116  O O   . ILE A 1 168 ? 9.10353   -13.13646 -2.53733  1.000 66.49765  ? 110 ILE A O   1 
ATOM 117  C CB  . ILE A 1 168 ? 9.88793   -11.45760 -5.27136  1.000 73.98340  ? 110 ILE A CB  1 
ATOM 118  C CG1 . ILE A 1 168 ? 9.84630   -11.97027 -6.70670  1.000 62.82729  ? 110 ILE A CG1 1 
ATOM 119  C CG2 . ILE A 1 168 ? 11.14488  -11.94318 -4.51872  1.000 67.72542  ? 110 ILE A CG2 1 
ATOM 120  C CD1 . ILE A 1 168 ? 10.88026  -11.31615 -7.58790  1.000 70.77523  ? 110 ILE A CD1 1 
ATOM 121  N N   . SER A 1 169 ? 8.85363   -10.92174 -2.25774  1.000 64.72131  ? 111 SER A N   1 
ATOM 122  C CA  . SER A 1 169 ? 9.19270   -11.00656 -0.83831  1.000 70.48566  ? 111 SER A CA  1 
ATOM 123  C C   . SER A 1 169 ? 8.13439   -11.75519 -0.02600  1.000 72.47128  ? 111 SER A C   1 
ATOM 124  O O   . SER A 1 169 ? 8.48167   -12.45348 0.93373   1.000 75.09336  ? 111 SER A O   1 
ATOM 125  C CB  . SER A 1 169 ? 9.42000   -9.60357  -0.26756  1.000 66.43755  ? 111 SER A CB  1 
ATOM 126  O OG  . SER A 1 169 ? 8.22725   -8.83851  -0.30830  1.000 71.50272  ? 111 SER A OG  1 
ATOM 127  N N   . VAL A 1 170 ? 6.85476   -11.63112 -0.37912  1.000 73.72079  ? 112 VAL A N   1 
ATOM 128  C CA  . VAL A 1 170 ? 5.77769   -12.30854 0.34456   1.000 67.86876  ? 112 VAL A CA  1 
ATOM 129  C C   . VAL A 1 170 ? 5.36326   -13.61164 -0.34654  1.000 74.58758  ? 112 VAL A C   1 
ATOM 130  O O   . VAL A 1 170 ? 4.30762   -14.16881 -0.03354  1.000 76.73565  ? 112 VAL A O   1 
ATOM 131  C CB  . VAL A 1 170 ? 4.56479   -11.38640 0.56394   1.000 71.29704  ? 112 VAL A CB  1 
ATOM 132  C CG1 . VAL A 1 170 ? 4.97713   -10.09554 1.29356   1.000 67.37878  ? 112 VAL A CG1 1 
ATOM 133  C CG2 . VAL A 1 170 ? 3.86858   -11.07497 -0.75461  1.000 64.83543  ? 112 VAL A CG2 1 
ATOM 134  N N   . THR A 1 171 ? 6.17317   -14.10304 -1.28504  1.000 74.72394  ? 113 THR A N   1 
ATOM 135  C CA  . THR A 1 171 ? 5.99246   -15.41912 -1.87475  1.000 73.26384  ? 113 THR A CA  1 
ATOM 136  C C   . THR A 1 171 ? 7.25545   -16.25032 -1.70875  1.000 79.03856  ? 113 THR A C   1 
ATOM 137  O O   . THR A 1 171 ? 8.36621   -15.73320 -1.53027  1.000 74.23559  ? 113 THR A O   1 
ATOM 138  C CB  . THR A 1 171 ? 5.65753   -15.36603 -3.37669  1.000 79.31893  ? 113 THR A CB  1 
ATOM 139  O OG1 . THR A 1 171 ? 6.72860   -14.73328 -4.10115  1.000 75.66770  ? 113 THR A OG1 1 
ATOM 140  C CG2 . THR A 1 171 ? 4.32828   -14.65919 -3.63440  1.000 75.61242  ? 113 THR A CG2 1 
ATOM 141  N N   . GLU A 1 172 ? 7.05962   -17.55779 -1.81509  1.000 85.89164  ? 114 GLU A N   1 
ATOM 142  C CA  . GLU A 1 172 ? 8.15292   -18.51467 -1.79869  1.000 88.14634  ? 114 GLU A CA  1 
ATOM 143  C C   . GLU A 1 172 ? 8.88536   -18.44916 -3.12994  1.000 89.75680  ? 114 GLU A C   1 
ATOM 144  O O   . GLU A 1 172 ? 8.68217   -17.54644 -3.95036  1.000 89.78007  ? 114 GLU A O   1 
ATOM 145  C CB  . GLU A 1 172 ? 7.62024   -19.91732 -1.52154  1.000 94.64062  ? 114 GLU A CB  1 
ATOM 146  C CG  . GLU A 1 172 ? 8.58143   -20.84548 -0.76156  1.000 102.74881 ? 114 GLU A CG  1 
ATOM 147  C CD  . GLU A 1 172 ? 9.42012   -20.14170 0.31177   1.000 103.82839 ? 114 GLU A CD  1 
ATOM 148  O OE1 . GLU A 1 172 ? 10.65587  -20.34072 0.31423   1.000 110.98707 ? 114 GLU A OE1 1 
ATOM 149  O OE2 . GLU A 1 172 ? 8.85559   -19.41049 1.16185   1.000 101.41365 ? 114 GLU A OE2 1 
ATOM 150  N N   . SER A 1 173 ? 9.75902   -19.42061 -3.34768  1.000 91.49890  ? 115 SER A N   1 
ATOM 151  C CA  . SER A 1 173 ? 10.34065  -19.64219 -4.65582  1.000 93.15628  ? 115 SER A CA  1 
ATOM 152  C C   . SER A 1 173 ? 9.51260   -20.68602 -5.40330  1.000 95.61026  ? 115 SER A C   1 
ATOM 153  O O   . SER A 1 173 ? 8.90866   -21.58546 -4.80367  1.000 91.55836  ? 115 SER A O   1 
ATOM 154  C CB  . SER A 1 173 ? 11.79952  -20.07928 -4.52974  1.000 94.16013  ? 115 SER A CB  1 
ATOM 155  O OG  . SER A 1 173 ? 12.38038  -20.28342 -5.80444  1.000 94.47016  ? 115 SER A OG  1 
ATOM 156  N N   . GLY A 1 174 ? 9.46636   -20.53696 -6.72640  1.000 94.69602  ? 116 GLY A N   1 
ATOM 157  C CA  . GLY A 1 174 ? 8.58478   -21.32807 -7.55240  1.000 88.02587  ? 116 GLY A CA  1 
ATOM 158  C C   . GLY A 1 174 ? 7.17981   -20.78374 -7.68477  1.000 89.34174  ? 116 GLY A C   1 
ATOM 159  O O   . GLY A 1 174 ? 6.39639   -21.32952 -8.47441  1.000 91.30967  ? 116 GLY A O   1 
ATOM 160  N N   . ALA A 1 175 ? 6.82876   -19.73867 -6.93570  1.000 89.12845  ? 117 ALA A N   1 
ATOM 161  C CA  . ALA A 1 175 ? 5.51234   -19.13300 -7.08318  1.000 86.15837  ? 117 ALA A CA  1 
ATOM 162  C C   . ALA A 1 175 ? 5.46020   -18.33062 -8.38235  1.000 81.54304  ? 117 ALA A C   1 
ATOM 163  O O   . ALA A 1 175 ? 6.48077   -17.77293 -8.81349  1.000 77.69263  ? 117 ALA A O   1 
ATOM 164  C CB  . ALA A 1 175 ? 5.18572   -18.23303 -5.88015  1.000 83.40299  ? 117 ALA A CB  1 
ATOM 165  N N   . PRO A 1 176 ? 4.29191   -18.25935 -9.04446  1.000 77.79395  ? 118 PRO A N   1 
ATOM 166  C CA  . PRO A 1 176 ? 4.20575   -17.53981 -10.32874 1.000 74.62699  ? 118 PRO A CA  1 
ATOM 167  C C   . PRO A 1 176 ? 4.20615   -16.02261 -10.16439 1.000 72.12112  ? 118 PRO A C   1 
ATOM 168  O O   . PRO A 1 176 ? 3.19092   -15.35789 -10.39969 1.000 71.35101  ? 118 PRO A O   1 
ATOM 169  C CB  . PRO A 1 176 ? 2.88244   -18.04223 -10.91448 1.000 66.55934  ? 118 PRO A CB  1 
ATOM 170  C CG  . PRO A 1 176 ? 2.05919   -18.36019 -9.70026  1.000 69.10635  ? 118 PRO A CG  1 
ATOM 171  C CD  . PRO A 1 176 ? 3.00933   -18.88067 -8.65895  1.000 64.71692  ? 118 PRO A CD  1 
ATOM 172  N N   . VAL A 1 177 ? 5.34959   -15.45790 -9.77947  1.000 67.78543  ? 119 VAL A N   1 
ATOM 173  C CA  . VAL A 1 177 ? 5.34941   -14.06857 -9.34358  1.000 71.09901  ? 119 VAL A CA  1 
ATOM 174  C C   . VAL A 1 177 ? 5.06577   -13.11573 -10.49913 1.000 69.92900  ? 119 VAL A C   1 
ATOM 175  O O   . VAL A 1 177 ? 4.47744   -12.04334 -10.29315 1.000 68.75558  ? 119 VAL A O   1 
ATOM 176  C CB  . VAL A 1 177 ? 6.67280   -13.74056 -8.62799  1.000 74.26346  ? 119 VAL A CB  1 
ATOM 177  C CG1 . VAL A 1 177 ? 6.83366   -14.63695 -7.41527  1.000 73.60460  ? 119 VAL A CG1 1 
ATOM 178  C CG2 . VAL A 1 177 ? 7.85533   -13.89488 -9.56902  1.000 70.89145  ? 119 VAL A CG2 1 
ATOM 179  N N   . GLU A 1 178 ? 5.44620   -13.48390 -11.72574 1.000 76.26501  ? 120 GLU A N   1 
ATOM 180  C CA  . GLU A 1 178 ? 5.16586   -12.61342 -12.86723 1.000 73.42267  ? 120 GLU A CA  1 
ATOM 181  C C   . GLU A 1 178 ? 3.66849   -12.51515 -13.13077 1.000 69.87067  ? 120 GLU A C   1 
ATOM 182  O O   . GLU A 1 178 ? 3.14599   -11.42173 -13.38318 1.000 67.34211  ? 120 GLU A O   1 
ATOM 183  C CB  . GLU A 1 178 ? 5.91206   -13.10228 -14.11504 1.000 71.46408  ? 120 GLU A CB  1 
ATOM 184  C CG  . GLU A 1 178 ? 7.42913   -12.78825 -14.09957 1.000 74.53599  ? 120 GLU A CG  1 
ATOM 185  C CD  . GLU A 1 178 ? 7.78044   -11.27500 -14.05793 1.000 76.05744  ? 120 GLU A CD  1 
ATOM 186  O OE1 . GLU A 1 178 ? 8.98849   -10.94393 -14.09183 1.000 78.46792  ? 120 GLU A OE1 1 
ATOM 187  O OE2 . GLU A 1 178 ? 6.87375   -10.40706 -13.99841 1.000 76.63280  ? 120 GLU A OE2 1 
ATOM 188  N N   . ASP A 1 179 ? 2.95739   -13.63821 -13.03901 1.000 69.56758  ? 121 ASP A N   1 
ATOM 189  C CA  . ASP A 1 179 ? 1.51506   -13.62525 -13.25456 1.000 65.67857  ? 121 ASP A CA  1 
ATOM 190  C C   . ASP A 1 179 ? 0.76119   -12.97345 -12.09341 1.000 71.44796  ? 121 ASP A C   1 
ATOM 191  O O   . ASP A 1 179 ? -0.21487  -12.24445 -12.32157 1.000 68.71825  ? 121 ASP A O   1 
ATOM 192  C CB  . ASP A 1 179 ? 1.02999   -15.05003 -13.49585 1.000 65.69779  ? 121 ASP A CB  1 
ATOM 193  C CG  . ASP A 1 179 ? 1.56236   -15.63600 -14.80992 1.000 80.02865  ? 121 ASP A CG  1 
ATOM 194  O OD1 . ASP A 1 179 ? 1.89983   -14.84685 -15.73306 1.000 82.52912  ? 121 ASP A OD1 1 
ATOM 195  O OD2 . ASP A 1 179 ? 1.63243   -16.88683 -14.92088 1.000 82.62123  ? 121 ASP A OD2 1 
ATOM 196  N N   . ILE A 1 180 ? 1.18706   -13.22623 -10.84536 1.000 68.74060  ? 122 ILE A N   1 
ATOM 197  C CA  . ILE A 1 180 ? 0.57251   -12.56303 -9.69879  1.000 62.15322  ? 122 ILE A CA  1 
ATOM 198  C C   . ILE A 1 180 ? 0.73197   -11.05212 -9.82385  1.000 64.78801  ? 122 ILE A C   1 
ATOM 199  O O   . ILE A 1 180 ? -0.20752  -10.28343 -9.57161  1.000 63.77396  ? 122 ILE A O   1 
ATOM 200  C CB  . ILE A 1 180 ? 1.17921   -13.10575 -8.38774  1.000 66.97571  ? 122 ILE A CB  1 
ATOM 201  C CG1 . ILE A 1 180 ? 0.80132   -14.58001 -8.20552  1.000 66.21516  ? 122 ILE A CG1 1 
ATOM 202  C CG2 . ILE A 1 180 ? 0.73138   -12.28010 -7.17551  1.000 61.23600  ? 122 ILE A CG2 1 
ATOM 203  C CD1 . ILE A 1 180 ? 1.70122   -15.36213 -7.26589  1.000 61.67405  ? 122 ILE A CD1 1 
ATOM 204  N N   . THR A 1 181 ? 1.91924   -10.60605 -10.24055 1.000 65.67727  ? 123 THR A N   1 
ATOM 205  C CA  . THR A 1 181 ? 2.16525   -9.18037  -10.44059 1.000 63.22227  ? 123 THR A CA  1 
ATOM 206  C C   . THR A 1 181 ? 1.25274   -8.59880  -11.51495 1.000 58.93782  ? 123 THR A C   1 
ATOM 207  O O   . THR A 1 181 ? 0.63239   -7.55042  -11.30800 1.000 55.48219  ? 123 THR A O   1 
ATOM 208  C CB  . THR A 1 181 ? 3.63297   -8.96031  -10.80048 1.000 62.62596  ? 123 THR A CB  1 
ATOM 209  O OG1 . THR A 1 181 ? 4.44838   -9.47472  -9.74890  1.000 64.59018  ? 123 THR A OG1 1 
ATOM 210  C CG2 . THR A 1 181 ? 3.94136   -7.48211  -11.01660 1.000 60.21505  ? 123 THR A CG2 1 
ATOM 211  N N   . ASP A 1 182 ? 1.16635   -9.26565  -12.67535 1.000 62.61813  ? 124 ASP A N   1 
ATOM 212  C CA  . ASP A 1 182 ? 0.26549   -8.82416  -13.74905 1.000 63.95100  ? 124 ASP A CA  1 
ATOM 213  C C   . ASP A 1 182 ? -1.14930  -8.59097  -13.23142 1.000 63.32289  ? 124 ASP A C   1 
ATOM 214  O O   . ASP A 1 182 ? -1.78611  -7.58050  -13.55352 1.000 62.90828  ? 124 ASP A O   1 
ATOM 215  C CB  . ASP A 1 182 ? 0.23240   -9.85459  -14.88167 1.000 68.06303  ? 124 ASP A CB  1 
ATOM 216  C CG  . ASP A 1 182 ? 1.44018   -9.76579  -15.80091 1.000 74.54615  ? 124 ASP A CG  1 
ATOM 217  O OD1 . ASP A 1 182 ? 2.15467   -8.73024  -15.74955 1.000 79.45228  ? 124 ASP A OD1 1 
ATOM 218  O OD2 . ASP A 1 182 ? 1.68569   -10.74910 -16.54597 1.000 75.74167  ? 124 ASP A OD2 1 
ATOM 219  N N   . MET A 1 183 ? -1.64994  -9.51807  -12.41046 1.000 62.30166  ? 125 MET A N   1 
ATOM 220  C CA  . MET A 1 183 ? -2.97730  -9.36359  -11.83712 1.000 58.48258  ? 125 MET A CA  1 
ATOM 221  C C   . MET A 1 183 ? -3.06722  -8.16840  -10.89785 1.000 57.51761  ? 125 MET A C   1 
ATOM 222  O O   . MET A 1 183 ? -4.02538  -7.39550  -10.96728 1.000 59.76526  ? 125 MET A O   1 
ATOM 223  C CB  . MET A 1 183 ? -3.36955  -10.64588 -11.12903 1.000 62.33065  ? 125 MET A CB  1 
ATOM 224  C CG  . MET A 1 183 ? -3.86871  -11.69089 -12.11697 1.000 62.20225  ? 125 MET A CG  1 
ATOM 225  S SD  . MET A 1 183 ? -3.73034  -13.36698 -11.48382 1.000 68.39300  ? 125 MET A SD  1 
ATOM 226  C CE  . MET A 1 183 ? -5.16434  -13.44797 -10.41524 1.000 59.54974  ? 125 MET A CE  1 
ATOM 227  N N   . ILE A 1 184 ? -2.08955  -7.98591  -10.01237 1.000 61.55585  ? 126 ILE A N   1 
ATOM 228  C CA  . ILE A 1 184 ? -2.18776  -6.87017  -9.07415  1.000 55.79945  ? 126 ILE A CA  1 
ATOM 229  C C   . ILE A 1 184 ? -1.96339  -5.55148  -9.79667  1.000 58.58588  ? 126 ILE A C   1 
ATOM 230  O O   . ILE A 1 184 ? -2.65181  -4.55860  -9.53275  1.000 64.83456  ? 126 ILE A O   1 
ATOM 231  C CB  . ILE A 1 184 ? -1.20316  -7.06676  -7.91343  1.000 56.74730  ? 126 ILE A CB  1 
ATOM 232  C CG1 . ILE A 1 184 ? -1.70903  -8.15088  -6.98158  1.000 53.61872  ? 126 ILE A CG1 1 
ATOM 233  C CG2 . ILE A 1 184 ? -1.01093  -5.78293  -7.13995  1.000 56.12049  ? 126 ILE A CG2 1 
ATOM 234  C CD1 . ILE A 1 184 ? -0.60406  -8.73829  -6.18314  1.000 61.35340  ? 126 ILE A CD1 1 
ATOM 235  N N   . ALA A 1 185 ? -1.02454  -5.52613  -10.74456 1.000 57.84951  ? 127 ALA A N   1 
ATOM 236  C CA  . ALA A 1 185 ? -0.75290  -4.31040  -11.50671 1.000 59.32584  ? 127 ALA A CA  1 
ATOM 237  C C   . ALA A 1 185 ? -1.96321  -3.82693  -12.29268 1.000 62.26566  ? 127 ALA A C   1 
ATOM 238  O O   . ALA A 1 185 ? -1.99536  -2.66253  -12.71217 1.000 65.99466  ? 127 ALA A O   1 
ATOM 239  C CB  . ALA A 1 185 ? 0.42147   -4.53589  -12.46640 1.000 54.51001  ? 127 ALA A CB  1 
ATOM 240  N N   . SER A 1 186 ? -2.94663  -4.70010  -12.51509 1.000 65.09085  ? 128 SER A N   1 
ATOM 241  C CA  . SER A 1 186 ? -4.17513  -4.33504  -13.20933 1.000 58.37563  ? 128 SER A CA  1 
ATOM 242  C C   . SER A 1 186 ? -5.13397  -3.55624  -12.32685 1.000 61.97441  ? 128 SER A C   1 
ATOM 243  O O   . SER A 1 186 ? -6.05280  -2.92382  -12.85091 1.000 63.38815  ? 128 SER A O   1 
ATOM 244  C CB  . SER A 1 186 ? -4.87083  -5.59429  -13.71432 1.000 59.68807  ? 128 SER A CB  1 
ATOM 245  O OG  . SER A 1 186 ? -5.34542  -6.40333  -12.65373 1.000 58.47161  ? 128 SER A OG  1 
ATOM 246  N N   . LEU A 1 187 ? -4.94044  -3.59157  -11.00841 1.000 60.81581  ? 129 LEU A N   1 
ATOM 247  C CA  . LEU A 1 187 ? -5.89511  -3.01036  -10.08434 1.000 61.39567  ? 129 LEU A CA  1 
ATOM 248  C C   . LEU A 1 187 ? -5.87649  -1.48332  -10.17411 1.000 61.87905  ? 129 LEU A C   1 
ATOM 249  O O   . LEU A 1 187 ? -4.88097  -0.88538  -10.59545 1.000 59.75730  ? 129 LEU A O   1 
ATOM 250  C CB  . LEU A 1 187 ? -5.57301  -3.45759  -8.65404  1.000 64.18475  ? 129 LEU A CB  1 
ATOM 251  C CG  . LEU A 1 187 ? -5.69184  -4.97665  -8.47728  1.000 64.40812  ? 129 LEU A CG  1 
ATOM 252  C CD1 . LEU A 1 187 ? -5.29482  -5.43199  -7.07629  1.000 57.52518  ? 129 LEU A CD1 1 
ATOM 253  C CD2 . LEU A 1 187 ? -7.10540  -5.42433  -8.82989  1.000 53.03936  ? 129 LEU A CD2 1 
ATOM 254  N N   . PRO A 1 188 ? -6.96965  -0.82961  -9.78924  1.000 60.76957  ? 130 PRO A N   1 
ATOM 255  C CA  . PRO A 1 188 ? -6.95573  0.63625   -9.67195  1.000 60.09422  ? 130 PRO A CA  1 
ATOM 256  C C   . PRO A 1 188 ? -5.75631  1.16516   -8.89507  1.000 68.17754  ? 130 PRO A C   1 
ATOM 257  O O   . PRO A 1 188 ? -5.14687  0.45532   -8.08536  1.000 64.64360  ? 130 PRO A O   1 
ATOM 258  C CB  . PRO A 1 188 ? -8.27628  0.94137   -8.94729  1.000 62.19240  ? 130 PRO A CB  1 
ATOM 259  C CG  . PRO A 1 188 ? -8.86722  -0.43499  -8.56224  1.000 61.59112  ? 130 PRO A CG  1 
ATOM 260  C CD  . PRO A 1 188 ? -8.31201  -1.38452  -9.55885  1.000 61.82398  ? 130 PRO A CD  1 
ATOM 261  N N   . LYS A 1 189 ? -5.42226  2.43400   -9.14426  1.000 71.13273  ? 131 LYS A N   1 
ATOM 262  C CA  . LYS A 1 189 ? -4.19687  3.02043   -8.61340  1.000 61.13467  ? 131 LYS A CA  1 
ATOM 263  C C   . LYS A 1 189 ? -4.19220  3.05253   -7.08690  1.000 70.48374  ? 131 LYS A C   1 
ATOM 264  O O   . LYS A 1 189 ? -3.15089  2.81376   -6.45625  1.000 70.67007  ? 131 LYS A O   1 
ATOM 265  C CB  . LYS A 1 189 ? -4.03734  4.42439   -9.18294  1.000 67.32175  ? 131 LYS A CB  1 
ATOM 266  C CG  . LYS A 1 189 ? -2.76073  5.12727   -8.79360  1.000 78.74946  ? 131 LYS A CG  1 
ATOM 267  C CD  . LYS A 1 189 ? -2.69856  6.52186   -9.40478  1.000 81.44713  ? 131 LYS A CD  1 
ATOM 268  C CE  . LYS A 1 189 ? -3.19055  7.57876   -8.43630  1.000 82.18483  ? 131 LYS A CE  1 
ATOM 269  N NZ  . LYS A 1 189 ? -3.99343  8.63022   -9.12491  1.000 85.24181  ? 131 LYS A NZ  1 
ATOM 270  N N   . LYS A 1 190 ? -5.33579  3.37289   -6.46594  1.000 70.00404  ? 132 LYS A N   1 
ATOM 271  C CA  . LYS A 1 190 ? -5.37865  3.43605   -5.00460  1.000 62.48731  ? 132 LYS A CA  1 
ATOM 272  C C   . LYS A 1 190 ? -5.06897  2.08952   -4.37110  1.000 64.91678  ? 132 LYS A C   1 
ATOM 273  O O   . LYS A 1 190 ? -4.57836  2.04815   -3.24067  1.000 69.04707  ? 132 LYS A O   1 
ATOM 274  C CB  . LYS A 1 190 ? -6.75405  3.92091   -4.51738  1.000 68.15350  ? 132 LYS A CB  1 
ATOM 275  C CG  . LYS A 1 190 ? -6.82146  5.36689   -3.99756  1.000 71.14732  ? 132 LYS A CG  1 
ATOM 276  C CD  . LYS A 1 190 ? -6.93170  6.38831   -5.12994  1.000 74.40513  ? 132 LYS A CD  1 
ATOM 277  C CE  . LYS A 1 190 ? -7.26897  7.80029   -4.63679  1.000 82.56783  ? 132 LYS A CE  1 
ATOM 278  N NZ  . LYS A 1 190 ? -8.57029  7.87111   -3.90784  1.000 87.14277  ? 132 LYS A NZ  1 
ATOM 279  N N   . ASP A 1 191 ? -5.35593  0.99191   -5.07085  1.000 66.43576  ? 133 ASP A N   1 
ATOM 280  C CA  . ASP A 1 191 ? -5.10998  -0.34290  -4.53439  1.000 63.67565  ? 133 ASP A CA  1 
ATOM 281  C C   . ASP A 1 191 ? -3.68251  -0.81015  -4.81185  1.000 63.94660  ? 133 ASP A C   1 
ATOM 282  O O   . ASP A 1 191 ? -3.10908  -1.57024  -4.02393  1.000 63.59199  ? 133 ASP A O   1 
ATOM 283  C CB  . ASP A 1 191 ? -6.11872  -1.33895  -5.12016  1.000 69.16646  ? 133 ASP A CB  1 
ATOM 284  C CG  . ASP A 1 191 ? -7.49076  -1.30259  -4.41453  1.000 76.17659  ? 133 ASP A CG  1 
ATOM 285  O OD1 . ASP A 1 191 ? -7.65966  -0.56789  -3.40709  1.000 69.34978  ? 133 ASP A OD1 1 
ATOM 286  O OD2 . ASP A 1 191 ? -8.40894  -2.02207  -4.88661  1.000 80.37316  ? 133 ASP A OD2 1 
ATOM 287  N N   . ARG A 1 192 ? -3.10276  -0.39721  -5.94003  1.000 66.77691  ? 134 ARG A N   1 
ATOM 288  C CA  . ARG A 1 192 ? -1.68415  -0.63454  -6.16505  1.000 60.50430  ? 134 ARG A CA  1 
ATOM 289  C C   . ARG A 1 192 ? -0.84913  0.03725   -5.08031  1.000 61.87863  ? 134 ARG A C   1 
ATOM 290  O O   . ARG A 1 192 ? 0.00785   -0.60211  -4.45991  1.000 60.93850  ? 134 ARG A O   1 
ATOM 291  C CB  . ARG A 1 192 ? -1.28478  -0.12610  -7.54536  1.000 61.50296  ? 134 ARG A CB  1 
ATOM 292  C CG  . ARG A 1 192 ? -1.73943  -0.97677  -8.67180  1.000 59.87060  ? 134 ARG A CG  1 
ATOM 293  C CD  . ARG A 1 192 ? -1.19879  -0.43121  -9.98480  1.000 62.02101  ? 134 ARG A CD  1 
ATOM 294  N NE  . ARG A 1 192 ? -2.23608  0.27767   -10.72678 1.000 67.88581  ? 134 ARG A NE  1 
ATOM 295  C CZ  . ARG A 1 192 ? -2.14251  1.53368   -11.14623 1.000 66.28637  ? 134 ARG A CZ  1 
ATOM 296  N NH1 . ARG A 1 192 ? -1.04868  2.23846   -10.92467 1.000 65.86290  ? 134 ARG A NH1 1 
ATOM 297  N NH2 . ARG A 1 192 ? -3.14752  2.08160   -11.80394 1.000 72.04736  ? 134 ARG A NH2 1 
ATOM 298  N N   . ALA A 1 193 ? -1.09537  1.33105   -4.82719  1.000 62.01574  ? 135 ALA A N   1 
ATOM 299  C CA  . ALA A 1 193 ? -0.31465  2.04521   -3.81881  1.000 61.53636  ? 135 ALA A CA  1 
ATOM 300  C C   . ALA A 1 193 ? -0.50566  1.43187   -2.43947  1.000 61.60422  ? 135 ALA A C   1 
ATOM 301  O O   . ALA A 1 193 ? 0.43581   1.37079   -1.63357  1.000 59.93315  ? 135 ALA A O   1 
ATOM 302  C CB  . ALA A 1 193 ? -0.69960  3.52678   -3.80674  1.000 61.69528  ? 135 ALA A CB  1 
ATOM 303  N N   . LEU A 1 194 ? -1.71437  0.95960   -2.15856  1.000 61.82394  ? 136 LEU A N   1 
ATOM 304  C CA  . LEU A 1 194 ? -1.97971  0.24177   -0.92065  1.000 58.52031  ? 136 LEU A CA  1 
ATOM 305  C C   . LEU A 1 194 ? -1.18772  -1.05873  -0.82310  1.000 59.95108  ? 136 LEU A C   1 
ATOM 306  O O   . LEU A 1 194 ? -0.78532  -1.45121  0.27384   1.000 61.28793  ? 136 LEU A O   1 
ATOM 307  C CB  . LEU A 1 194 ? -3.46319  -0.04600  -0.84240  1.000 59.55036  ? 136 LEU A CB  1 
ATOM 308  C CG  . LEU A 1 194 ? -4.12517  -0.00950  0.50710   1.000 67.23191  ? 136 LEU A CG  1 
ATOM 309  C CD1 . LEU A 1 194 ? -3.67344  1.24463   1.23774   1.000 65.06296  ? 136 LEU A CD1 1 
ATOM 310  C CD2 . LEU A 1 194 ? -5.61868  -0.00310  0.23200   1.000 65.94628  ? 136 LEU A CD2 1 
ATOM 311  N N   . ALA A 1 195 ? -0.96527  -1.74666  -1.94565  1.000 60.76037  ? 137 ALA A N   1 
ATOM 312  C CA  . ALA A 1 195 ? -0.22352  -3.00548  -1.93998  1.000 58.01417  ? 137 ALA A CA  1 
ATOM 313  C C   . ALA A 1 195 ? 1.27733   -2.82221  -1.81027  1.000 59.04484  ? 137 ALA A C   1 
ATOM 314  O O   . ALA A 1 195 ? 1.97296   -3.78147  -1.45836  1.000 60.51083  ? 137 ALA A O   1 
ATOM 315  C CB  . ALA A 1 195 ? -0.49004  -3.79680  -3.21777  1.000 59.21971  ? 137 ALA A CB  1 
ATOM 316  N N   . LEU A 1 196 ? 1.79670   -1.64001  -2.13034  1.000 60.30349  ? 138 LEU A N   1 
ATOM 317  C CA  . LEU A 1 196 ? 3.19481   -1.33847  -1.88057  1.000 59.41635  ? 138 LEU A CA  1 
ATOM 318  C C   . LEU A 1 196 ? 3.43593   -0.82851  -0.46467  1.000 59.95916  ? 138 LEU A C   1 
ATOM 319  O O   . LEU A 1 196 ? 4.57057   -0.90424  0.02131   1.000 56.98750  ? 138 LEU A O   1 
ATOM 320  C CB  . LEU A 1 196 ? 3.69599   -0.29894  -2.88631  1.000 56.76690  ? 138 LEU A CB  1 
ATOM 321  C CG  . LEU A 1 196 ? 3.86700   -0.67234  -4.35101  1.000 54.27284  ? 138 LEU A CG  1 
ATOM 322  C CD1 . LEU A 1 196 ? 3.99777   0.59312   -5.13374  1.000 57.91496  ? 138 LEU A CD1 1 
ATOM 323  C CD2 . LEU A 1 196 ? 5.08000   -1.54214  -4.56930  1.000 53.72296  ? 138 LEU A CD2 1 
ATOM 324  N N   . PHE A 1 197 ? 2.39309   -0.32930  0.20130   1.000 59.67898  ? 139 PHE A N   1 
ATOM 325  C CA  . PHE A 1 197 ? 2.50277   0.35862   1.48337   1.000 64.30692  ? 139 PHE A CA  1 
ATOM 326  C C   . PHE A 1 197 ? 2.07417   -0.48312  2.67243   1.000 62.63852  ? 139 PHE A C   1 
ATOM 327  O O   . PHE A 1 197 ? 2.56878   -0.27224  3.77881   1.000 63.69270  ? 139 PHE A O   1 
ATOM 328  C CB  . PHE A 1 197 ? 1.64493   1.62791   1.46732   1.000 66.65438  ? 139 PHE A CB  1 
ATOM 329  C CG  . PHE A 1 197 ? 1.69825   2.41235   2.74302   1.000 64.85217  ? 139 PHE A CG  1 
ATOM 330  C CD1 . PHE A 1 197 ? 2.89483   2.93498   3.19702   1.000 64.45386  ? 139 PHE A CD1 1 
ATOM 331  C CD2 . PHE A 1 197 ? 0.55285   2.65218   3.47191   1.000 65.09406  ? 139 PHE A CD2 1 
ATOM 332  C CE1 . PHE A 1 197 ? 2.94560   3.66666   4.36357   1.000 63.80256  ? 139 PHE A CE1 1 
ATOM 333  C CE2 . PHE A 1 197 ? 0.60502   3.39009   4.65248   1.000 64.81584  ? 139 PHE A CE2 1 
ATOM 334  C CZ  . PHE A 1 197 ? 1.79983   3.89126   5.09156   1.000 61.02427  ? 139 PHE A CZ  1 
ATOM 335  N N   . ASN A 1 198 ? 1.14219   -1.40469  2.47443   1.000 65.68996  ? 140 ASN A N   1 
ATOM 336  C CA  . ASN A 1 198 ? 0.64144   -2.25853  3.54368   1.000 65.43490  ? 140 ASN A CA  1 
ATOM 337  C C   . ASN A 1 198 ? 1.03129   -3.70862  3.26298   1.000 65.02643  ? 140 ASN A C   1 
ATOM 338  O O   . ASN A 1 198 ? 0.37140   -4.38251  2.45463   1.000 62.45050  ? 140 ASN A O   1 
ATOM 339  C CB  . ASN A 1 198 ? -0.87738  -2.11076  3.64566   1.000 60.91390  ? 140 ASN A CB  1 
ATOM 340  C CG  . ASN A 1 198 ? -1.44895  -2.84729  4.81182   1.000 62.66572  ? 140 ASN A CG  1 
ATOM 341  O OD1 . ASN A 1 198 ? -0.77540  -3.67137  5.43976   1.000 66.01651  ? 140 ASN A OD1 1 
ATOM 342  N ND2 . ASN A 1 198 ? -2.71332  -2.57781  5.10589   1.000 64.69650  ? 140 ASN A ND2 1 
ATOM 343  N N   . PRO A 1 199 ? 2.07287   -4.24000  3.90923   1.000 64.34346  ? 141 PRO A N   1 
ATOM 344  C CA  . PRO A 1 199 ? 2.53117   -5.60230  3.57749   1.000 65.16205  ? 141 PRO A CA  1 
ATOM 345  C C   . PRO A 1 199 ? 1.46883   -6.65623  3.81461   1.000 62.09792  ? 141 PRO A C   1 
ATOM 346  O O   . PRO A 1 199 ? 1.51466   -7.73234  3.20127   1.000 60.09163  ? 141 PRO A O   1 
ATOM 347  C CB  . PRO A 1 199 ? 3.73891   -5.81171  4.51130   1.000 58.60314  ? 141 PRO A CB  1 
ATOM 348  C CG  . PRO A 1 199 ? 4.04532   -4.46706  5.09243   1.000 53.73357  ? 141 PRO A CG  1 
ATOM 349  C CD  . PRO A 1 199 ? 2.76377   -3.69794  5.08618   1.000 60.85545  ? 141 PRO A CD  1 
ATOM 350  N N   . GLU A 1 200 ? 0.51287   -6.36895  4.68656   1.000 59.46695  ? 142 GLU A N   1 
ATOM 351  C CA  . GLU A 1 200 ? -0.54842  -7.30759  4.99498   1.000 66.31639  ? 142 GLU A CA  1 
ATOM 352  C C   . GLU A 1 200 ? -1.66812  -7.26377  3.95706   1.000 66.46813  ? 142 GLU A C   1 
ATOM 353  O O   . GLU A 1 200 ? -2.27333  -8.30246  3.65709   1.000 64.02202  ? 142 GLU A O   1 
ATOM 354  C CB  . GLU A 1 200 ? -1.05973  -7.00216  6.39616   1.000 69.21576  ? 142 GLU A CB  1 
ATOM 355  C CG  . GLU A 1 200 ? -2.18717  -7.85381  6.89964   1.000 77.48552  ? 142 GLU A CG  1 
ATOM 356  C CD  . GLU A 1 200 ? -2.94839  -7.12939  8.00252   1.000 85.37916  ? 142 GLU A CD  1 
ATOM 357  O OE1 . GLU A 1 200 ? -3.83119  -6.29314  7.68514   1.000 84.89434  ? 142 GLU A OE1 1 
ATOM 358  O OE2 . GLU A 1 200 ? -2.62264  -7.35834  9.19071   1.000 89.46426  ? 142 GLU A OE2 1 
ATOM 359  N N   . PHE A 1 201 ? -1.95248  -6.08578  3.39485   1.000 64.06650  ? 143 PHE A N   1 
ATOM 360  C CA  . PHE A 1 201 ? -2.85098  -6.01812  2.24760   1.000 62.62282  ? 143 PHE A CA  1 
ATOM 361  C C   . PHE A 1 201 ? -2.24399  -6.74921  1.05130   1.000 62.38461  ? 143 PHE A C   1 
ATOM 362  O O   . PHE A 1 201 ? -2.89759  -7.59361  0.42614   1.000 58.81341  ? 143 PHE A O   1 
ATOM 363  C CB  . PHE A 1 201 ? -3.16611  -4.55450  1.90369   1.000 60.25818  ? 143 PHE A CB  1 
ATOM 364  C CG  . PHE A 1 201 ? -4.18575  -4.39171  0.79091   1.000 63.61921  ? 143 PHE A CG  1 
ATOM 365  C CD1 . PHE A 1 201 ? -5.52195  -4.74533  0.98237   1.000 65.65807  ? 143 PHE A CD1 1 
ATOM 366  C CD2 . PHE A 1 201 ? -3.79898  -3.91570  -0.45907  1.000 63.28063  ? 143 PHE A CD2 1 
ATOM 367  C CE1 . PHE A 1 201 ? -6.46436  -4.61494  -0.05574  1.000 65.33595  ? 143 PHE A CE1 1 
ATOM 368  C CE2 . PHE A 1 201 ? -4.73351  -3.77942  -1.50812  1.000 62.78351  ? 143 PHE A CE2 1 
ATOM 369  C CZ  . PHE A 1 201 ? -6.06929  -4.12364  -1.29809  1.000 62.88820  ? 143 PHE A CZ  1 
ATOM 370  N N   . LEU A 1 202 ? -0.97484  -6.44868  0.74030   1.000 59.70935  ? 144 LEU A N   1 
ATOM 371  C CA  . LEU A 1 202 ? -0.26269  -7.14770  -0.32216  1.000 56.13169  ? 144 LEU A CA  1 
ATOM 372  C C   . LEU A 1 202 ? -0.37382  -8.65875  -0.16804  1.000 57.80784  ? 144 LEU A C   1 
ATOM 373  O O   . LEU A 1 202 ? -0.61506  -9.37260  -1.14407  1.000 60.94476  ? 144 LEU A O   1 
ATOM 374  C CB  . LEU A 1 202 ? 1.20316   -6.71564  -0.33985  1.000 51.23690  ? 144 LEU A CB  1 
ATOM 375  C CG  . LEU A 1 202 ? 2.13433   -7.54006  -1.23377  1.000 55.54213  ? 144 LEU A CG  1 
ATOM 376  C CD1 . LEU A 1 202 ? 1.72351   -7.38815  -2.67165  1.000 57.74973  ? 144 LEU A CD1 1 
ATOM 377  C CD2 . LEU A 1 202 ? 3.57485   -7.12896  -1.07021  1.000 57.80437  ? 144 LEU A CD2 1 
ATOM 378  N N   . LYS A 1 203 ? -0.20579  -9.16651  1.05163   1.000 63.88299  ? 145 LYS A N   1 
ATOM 379  C CA  . LYS A 1 203 ? -0.29135  -10.60777 1.25906   1.000 66.00766  ? 145 LYS A CA  1 
ATOM 380  C C   . LYS A 1 203 ? -1.69650  -11.12069 0.98260   1.000 63.78889  ? 145 LYS A C   1 
ATOM 381  O O   . LYS A 1 203 ? -1.85881  -12.25692 0.53067   1.000 61.21253  ? 145 LYS A O   1 
ATOM 382  C CB  . LYS A 1 203 ? 0.15521   -10.96559 2.68595   1.000 68.25693  ? 145 LYS A CB  1 
ATOM 383  C CG  . LYS A 1 203 ? 0.35691   -12.47954 2.95697   1.000 70.84345  ? 145 LYS A CG  1 
ATOM 384  C CD  . LYS A 1 203 ? 1.01108   -13.21598 1.77333   1.000 79.33231  ? 145 LYS A CD  1 
ATOM 385  C CE  . LYS A 1 203 ? 1.65930   -14.54929 2.18583   1.000 82.20646  ? 145 LYS A CE  1 
ATOM 386  N NZ  . LYS A 1 203 ? 3.02520   -14.35806 2.80927   1.000 85.14453  ? 145 LYS A NZ  1 
ATOM 387  N N   . GLN A 1 204 ? -2.71477  -10.29083 1.22466   1.000 62.76564  ? 146 GLN A N   1 
ATOM 388  C CA  . GLN A 1 204 ? -4.08935  -10.71518 0.98811   1.000 62.45280  ? 146 GLN A CA  1 
ATOM 389  C C   . GLN A 1 204 ? -4.38913  -10.81237 -0.50661  1.000 63.26797  ? 146 GLN A C   1 
ATOM 390  O O   . GLN A 1 204 ? -5.07714  -11.73868 -0.94230  1.000 62.45084  ? 146 GLN A O   1 
ATOM 391  C CB  . GLN A 1 204 ? -5.06078  -9.75612  1.68377   1.000 64.78491  ? 146 GLN A CB  1 
ATOM 392  C CG  . GLN A 1 204 ? -6.50498  -9.82577  1.15884   1.000 72.98455  ? 146 GLN A CG  1 
ATOM 393  C CD  . GLN A 1 204 ? -7.33283  -8.58917  1.50082   1.000 73.72423  ? 146 GLN A CD  1 
ATOM 394  O OE1 . GLN A 1 204 ? -7.00746  -7.83660  2.42707   1.000 74.57519  ? 146 GLN A OE1 1 
ATOM 395  N NE2 . GLN A 1 204 ? -8.40877  -8.37281  0.74271   1.000 76.97523  ? 146 GLN A NE2 1 
ATOM 396  N N   . LYS A 1 205 ? -3.87005  -9.88179  -1.31257  1.000 59.81052  ? 147 LYS A N   1 
ATOM 397  C CA  . LYS A 1 205 ? -4.11924  -9.95350  -2.74664  1.000 62.86735  ? 147 LYS A CA  1 
ATOM 398  C C   . LYS A 1 205 ? -3.18986  -10.92924 -3.44342  1.000 62.79897  ? 147 LYS A C   1 
ATOM 399  O O   . LYS A 1 205 ? -3.57803  -11.52912 -4.45415  1.000 58.28951  ? 147 LYS A O   1 
ATOM 400  C CB  . LYS A 1 205 ? -3.97521  -8.58342  -3.40084  1.000 59.49398  ? 147 LYS A CB  1 
ATOM 401  C CG  . LYS A 1 205 ? -4.44579  -7.46391  -2.56296  1.000 58.57894  ? 147 LYS A CG  1 
ATOM 402  C CD  . LYS A 1 205 ? -5.93021  -7.31929  -2.63277  1.000 61.27211  ? 147 LYS A CD  1 
ATOM 403  C CE  . LYS A 1 205 ? -6.41729  -7.27491  -4.03597  1.000 61.26500  ? 147 LYS A CE  1 
ATOM 404  N NZ  . LYS A 1 205 ? -7.88685  -7.24436  -3.95255  1.000 69.37946  ? 147 LYS A NZ  1 
ATOM 405  N N   . VAL A 1 206 ? -1.95742  -11.07394 -2.95440  1.000 61.88435  ? 148 VAL A N   1 
ATOM 406  C CA  . VAL A 1 206 ? -1.08732  -12.09003 -3.52788  1.000 63.05338  ? 148 VAL A CA  1 
ATOM 407  C C   . VAL A 1 206 ? -1.70306  -13.46303 -3.30948  1.000 70.26195  ? 148 VAL A C   1 
ATOM 408  O O   . VAL A 1 206 ? -1.75055  -14.29964 -4.22430  1.000 69.45278  ? 148 VAL A O   1 
ATOM 409  C CB  . VAL A 1 206 ? 0.33417   -11.99894 -2.94208  1.000 61.21196  ? 148 VAL A CB  1 
ATOM 410  C CG1 . VAL A 1 206 ? 1.07415   -13.29305 -3.17550  1.000 59.37236  ? 148 VAL A CG1 1 
ATOM 411  C CG2 . VAL A 1 206 ? 1.09532   -10.85616 -3.58767  1.000 62.76047  ? 148 VAL A CG2 1 
ATOM 412  N N   . ASP A 1 207 ? -2.23843  -13.70232 -2.11152  1.000 70.40640  ? 149 ASP A N   1 
ATOM 413  C CA  . ASP A 1 207 ? -2.78669  -15.02700 -1.84456  1.000 70.72059  ? 149 ASP A CA  1 
ATOM 414  C C   . ASP A 1 207 ? -4.06465  -15.26989 -2.64192  1.000 68.90935  ? 149 ASP A C   1 
ATOM 415  O O   . ASP A 1 207 ? -4.23565  -16.34398 -3.23262  1.000 68.79586  ? 149 ASP A O   1 
ATOM 416  C CB  . ASP A 1 207 ? -3.00786  -15.21971 -0.34183  1.000 72.25034  ? 149 ASP A CB  1 
ATOM 417  C CG  . ASP A 1 207 ? -1.72582  -15.66873 0.38376   1.000 81.73397  ? 149 ASP A CG  1 
ATOM 418  O OD1 . ASP A 1 207 ? -0.85768  -16.29772 -0.28204  1.000 82.86824  ? 149 ASP A OD1 1 
ATOM 419  O OD2 . ASP A 1 207 ? -1.58406  -15.39242 1.60718   1.000 82.97444  ? 149 ASP A OD2 1 
ATOM 420  N N   . GLU A 1 208 ? -4.96185  -14.28439 -2.70514  1.000 66.35748  ? 150 GLU A N   1 
ATOM 421  C CA  . GLU A 1 208 ? -6.19701  -14.52348 -3.44086  1.000 68.49270  ? 150 GLU A CA  1 
ATOM 422  C C   . GLU A 1 208 ? -5.98968  -14.51086 -4.95365  1.000 66.88086  ? 150 GLU A C   1 
ATOM 423  O O   . GLU A 1 208 ? -6.81951  -15.06434 -5.68063  1.000 65.77993  ? 150 GLU A O   1 
ATOM 424  C CB  . GLU A 1 208 ? -7.26777  -13.51971 -3.02537  1.000 63.85297  ? 150 GLU A CB  1 
ATOM 425  C CG  . GLU A 1 208 ? -7.19348  -12.18847 -3.69568  1.000 68.52105  ? 150 GLU A CG  1 
ATOM 426  C CD  . GLU A 1 208 ? -8.23444  -11.22175 -3.15030  1.000 76.38187  ? 150 GLU A CD  1 
ATOM 427  O OE1 . GLU A 1 208 ? -9.09102  -10.77857 -3.94673  1.000 85.27882  ? 150 GLU A OE1 1 
ATOM 428  O OE2 . GLU A 1 208 ? -8.20421  -10.90752 -1.93006  1.000 86.12850  ? 150 GLU A OE2 1 
ATOM 429  N N   . ALA A 1 209 ? -4.89806  -13.91834 -5.43924  1.000 65.37685  ? 151 ALA A N   1 
ATOM 430  C CA  . ALA A 1 209 ? -4.51678  -14.11137 -6.83063  1.000 62.25349  ? 151 ALA A CA  1 
ATOM 431  C C   . ALA A 1 209 ? -3.99081  -15.52422 -7.06482  1.000 63.93549  ? 151 ALA A C   1 
ATOM 432  O O   . ALA A 1 209 ? -4.47106  -16.23004 -7.95269  1.000 69.01862  ? 151 ALA A O   1 
ATOM 433  C CB  . ALA A 1 209 ? -3.47707  -13.06980 -7.24257  1.000 62.75290  ? 151 ALA A CB  1 
ATOM 434  N N   . LYS A 1 210 ? -3.00072  -15.95424 -6.27893  1.000 70.81447  ? 152 LYS A N   1 
ATOM 435  C CA  . LYS A 1 210 ? -2.42243  -17.29338 -6.39487  1.000 69.34665  ? 152 LYS A CA  1 
ATOM 436  C C   . LYS A 1 210 ? -3.45473  -18.39334 -6.22038  1.000 70.28018  ? 152 LYS A C   1 
ATOM 437  O O   . LYS A 1 210 ? -3.17351  -19.53918 -6.57790  1.000 77.66612  ? 152 LYS A O   1 
ATOM 438  C CB  . LYS A 1 210 ? -1.29185  -17.48465 -5.35988  1.000 73.79271  ? 152 LYS A CB  1 
ATOM 439  C CG  . LYS A 1 210 ? -0.36426  -18.70459 -5.59861  1.000 77.32789  ? 152 LYS A CG  1 
ATOM 440  C CD  . LYS A 1 210 ? 0.41905   -19.13246 -4.33583  1.000 79.54023  ? 152 LYS A CD  1 
ATOM 441  C CE  . LYS A 1 210 ? 0.80144   -17.94432 -3.44094  1.000 75.64617  ? 152 LYS A CE  1 
ATOM 442  N NZ  . LYS A 1 210 ? 2.21302   -18.01431 -2.93771  1.000 78.50102  ? 152 LYS A NZ  1 
ATOM 443  N N   . ASP A 1 211 ? -4.63157  -18.08457 -5.68222  1.000 69.60326  ? 153 ASP A N   1 
ATOM 444  C CA  . ASP A 1 211 ? -5.70337  -19.06764 -5.58898  1.000 69.57798  ? 153 ASP A CA  1 
ATOM 445  C C   . ASP A 1 211 ? -6.55267  -19.09476 -6.84494  1.000 73.98877  ? 153 ASP A C   1 
ATOM 446  O O   . ASP A 1 211 ? -6.89993  -20.17421 -7.33632  1.000 77.37374  ? 153 ASP A O   1 
ATOM 447  C CB  . ASP A 1 211 ? -6.58722  -18.78175 -4.37508  1.000 72.88820  ? 153 ASP A CB  1 
ATOM 448  C CG  . ASP A 1 211 ? -6.21776  -19.64775 -3.17626  1.000 92.83298  ? 153 ASP A CG  1 
ATOM 449  O OD1 . ASP A 1 211 ? -6.24897  -20.89393 -3.33307  1.000 100.92459 ? 153 ASP A OD1 1 
ATOM 450  O OD2 . ASP A 1 211 ? -5.87121  -19.09467 -2.09626  1.000 86.80626  ? 153 ASP A OD2 1 
ATOM 451  N N   . ILE A 1 212 ? -6.89365  -17.91965 -7.36944  1.000 68.93637  ? 154 ILE A N   1 
ATOM 452  C CA  . ILE A 1 212 ? -7.54387  -17.85083 -8.66866  1.000 66.84574  ? 154 ILE A CA  1 
ATOM 453  C C   . ILE A 1 212 ? -6.67299  -18.51275 -9.72819  1.000 71.34377  ? 154 ILE A C   1 
ATOM 454  O O   . ILE A 1 212 ? -7.17885  -19.22070 -10.60627 1.000 73.30279  ? 154 ILE A O   1 
ATOM 455  C CB  . ILE A 1 212 ? -7.88183  -16.38698 -9.01090  1.000 66.55638  ? 154 ILE A CB  1 
ATOM 456  C CG1 . ILE A 1 212 ? -9.17038  -15.97199 -8.29431  1.000 62.00348  ? 154 ILE A CG1 1 
ATOM 457  C CG2 . ILE A 1 212 ? -8.02313  -16.18665 -10.50960 1.000 61.28376  ? 154 ILE A CG2 1 
ATOM 458  C CD1 . ILE A 1 212 ? -9.40287  -14.49394 -8.23993  1.000 58.95390  ? 154 ILE A CD1 1 
ATOM 459  N N   . LEU A 1 213 ? -5.34646  -18.33227 -9.64065  1.000 70.61418  ? 155 LEU A N   1 
ATOM 460  C CA  . LEU A 1 213 ? -4.42736  -19.01466 -10.55554 1.000 69.44782  ? 155 LEU A CA  1 
ATOM 461  C C   . LEU A 1 213 ? -4.41397  -20.52491 -10.34966 1.000 76.52956  ? 155 LEU A C   1 
ATOM 462  O O   . LEU A 1 213 ? -4.05552  -21.26792 -11.27393 1.000 76.99601  ? 155 LEU A O   1 
ATOM 463  C CB  . LEU A 1 213 ? -3.00289  -18.48501 -10.40670 1.000 65.96733  ? 155 LEU A CB  1 
ATOM 464  C CG  . LEU A 1 213 ? -2.58217  -17.13858 -11.00552 1.000 68.25105  ? 155 LEU A CG  1 
ATOM 465  C CD1 . LEU A 1 213 ? -1.08360  -16.88318 -10.76690 1.000 66.02381  ? 155 LEU A CD1 1 
ATOM 466  C CD2 . LEU A 1 213 ? -2.90253  -17.05706 -12.47582 1.000 62.32044  ? 155 LEU A CD2 1 
ATOM 467  N N   . ASP A 1 214 ? -4.78227  -20.99923 -9.16272  1.000 75.78694  ? 156 ASP A N   1 
ATOM 468  C CA  . ASP A 1 214 ? -4.92666  -22.43870 -8.98115  1.000 80.44201  ? 156 ASP A CA  1 
ATOM 469  C C   . ASP A 1 214 ? -6.26040  -22.93485 -9.54936  1.000 78.24183  ? 156 ASP A C   1 
ATOM 470  O O   . ASP A 1 214 ? -6.30258  -23.96014 -10.23846 1.000 69.36036  ? 156 ASP A O   1 
ATOM 471  C CB  . ASP A 1 214 ? -4.77060  -22.79430 -7.49069  1.000 75.02753  ? 156 ASP A CB  1 
ATOM 472  C CG  . ASP A 1 214 ? -3.29650  -22.80636 -7.03963  1.000 84.31417  ? 156 ASP A CG  1 
ATOM 473  O OD1 . ASP A 1 214 ? -2.44847  -23.24074 -7.85892  1.000 86.02358  ? 156 ASP A OD1 1 
ATOM 474  O OD2 . ASP A 1 214 ? -2.98117  -22.38254 -5.88523  1.000 84.79563  ? 156 ASP A OD2 1 
ATOM 475  N N   . ILE A 1 215 ? -7.35221  -22.20996 -9.28045  1.000 75.98771  ? 157 ILE A N   1 
ATOM 476  C CA  . ILE A 1 215 ? -8.67561  -22.62778 -9.73913  1.000 76.64262  ? 157 ILE A CA  1 
ATOM 477  C C   . ILE A 1 215 ? -8.69963  -22.70727 -11.25962 1.000 82.82716  ? 157 ILE A C   1 
ATOM 478  O O   . ILE A 1 215 ? -9.34590  -23.57995 -11.85447 1.000 83.25138  ? 157 ILE A O   1 
ATOM 479  C CB  . ILE A 1 215 ? -9.74517  -21.65384 -9.20237  1.000 76.04448  ? 157 ILE A CB  1 
ATOM 480  C CG1 . ILE A 1 215 ? -9.92053  -21.82539 -7.68497  1.000 79.63280  ? 157 ILE A CG1 1 
ATOM 481  C CG2 . ILE A 1 215 ? -11.06631 -21.83783 -9.94549  1.000 77.62848  ? 157 ILE A CG2 1 
ATOM 482  C CD1 . ILE A 1 215 ? -11.18361 -21.17542 -7.09886  1.000 80.85443  ? 157 ILE A CD1 1 
ATOM 483  N N   . THR A 1 216 ? -7.96409  -21.80827 -11.90442 1.000 82.95528  ? 158 THR A N   1 
ATOM 484  C CA  . THR A 1 216 ? -7.91688  -21.69807 -13.35097 1.000 76.86629  ? 158 THR A CA  1 
ATOM 485  C C   . THR A 1 216 ? -7.00091  -22.74646 -13.98247 1.000 83.47766  ? 158 THR A C   1 
ATOM 486  O O   . THR A 1 216 ? -7.04495  -22.93583 -15.20494 1.000 88.64715  ? 158 THR A O   1 
ATOM 487  C CB  . THR A 1 216 ? -7.45531  -20.27313 -13.70962 1.000 77.06369  ? 158 THR A CB  1 
ATOM 488  O OG1 . THR A 1 216 ? -7.79399  -19.96455 -15.06272 1.000 80.55837  ? 158 THR A OG1 1 
ATOM 489  C CG2 . THR A 1 216 ? -5.95629  -20.12418 -13.54478 1.000 70.73304  ? 158 THR A CG2 1 
ATOM 490  N N   . ASP A 1 217 ? -6.19727  -23.45095 -13.17474 1.000 85.24862  ? 159 ASP A N   1 
ATOM 491  C CA  . ASP A 1 217 ? -5.13531  -24.29258 -13.72430 1.000 86.94775  ? 159 ASP A CA  1 
ATOM 492  C C   . ASP A 1 217 ? -5.65224  -25.65317 -14.17830 1.000 86.69105  ? 159 ASP A C   1 
ATOM 493  O O   . ASP A 1 217 ? -5.06772  -26.25341 -15.08727 1.000 89.15657  ? 159 ASP A O   1 
ATOM 494  C CB  . ASP A 1 217 ? -4.00244  -24.46557 -12.70287 1.000 88.47107  ? 159 ASP A CB  1 
ATOM 495  C CG  . ASP A 1 217 ? -2.75154  -23.65571 -13.06308 1.000 92.18002  ? 159 ASP A CG  1 
ATOM 496  O OD1 . ASP A 1 217 ? -2.87828  -22.65979 -13.81392 1.000 92.48310  ? 159 ASP A OD1 1 
ATOM 497  O OD2 . ASP A 1 217 ? -1.64170  -24.01314 -12.59406 1.000 94.91977  ? 159 ASP A OD2 1 
ATOM 498  N N   . GLU A 1 218 ? -6.72468  -26.16206 -13.57690 1.000 85.49068  ? 160 GLU A N   1 
ATOM 499  C CA  . GLU A 1 218 ? -7.35909  -27.35305 -14.14456 1.000 96.54010  ? 160 GLU A CA  1 
ATOM 500  C C   . GLU A 1 218 ? -7.89665  -27.04880 -15.55933 1.000 92.76366  ? 160 GLU A C   1 
ATOM 501  O O   . GLU A 1 218 ? -8.55452  -26.03070 -15.80358 1.000 91.66216  ? 160 GLU A O   1 
ATOM 502  C CB  . GLU A 1 218 ? -8.47730  -27.87921 -13.22619 1.000 100.40630 ? 160 GLU A CB  1 
ATOM 503  C CG  . GLU A 1 218 ? -9.55092  -28.79878 -13.89911 1.000 97.99395  ? 160 GLU A CG  1 
ATOM 504  C CD  . GLU A 1 218 ? -9.01385  -29.74727 -14.97613 1.000 96.51181  ? 160 GLU A CD  1 
ATOM 505  O OE1 . GLU A 1 218 ? -9.68551  -29.89977 -16.03096 1.000 90.44275  ? 160 GLU A OE1 1 
ATOM 506  O OE2 . GLU A 1 218 ? -7.92751  -30.33657 -14.77197 1.000 97.48266  ? 160 GLU A OE2 1 
ATOM 507  N N   . ALA B 1 155 ? -11.29590 1.35403   10.14940  1.000 73.12597  ? 97  ALA B N   1 
ATOM 508  C CA  . ALA B 1 155 ? -10.85427 2.45742   11.01055  1.000 78.75436  ? 97  ALA B CA  1 
ATOM 509  C C   . ALA B 1 155 ? -11.90507 3.55835   11.15476  1.000 77.32968  ? 97  ALA B C   1 
ATOM 510  O O   . ALA B 1 155 ? -12.33279 4.13330   10.16106  1.000 81.72917  ? 97  ALA B O   1 
ATOM 511  C CB  . ALA B 1 155 ? -9.55900  3.06107   10.48018  1.000 76.45113  ? 97  ALA B CB  1 
ATOM 512  N N   . SER B 1 156 ? -12.25984 3.86844   12.40757  1.000 81.51673  ? 98  SER B N   1 
ATOM 513  C CA  . SER B 1 156 ? -13.34517 4.77031   12.81013  1.000 83.78985  ? 98  SER B CA  1 
ATOM 514  C C   . SER B 1 156 ? -13.41490 6.07104   12.01295  1.000 83.69090  ? 98  SER B C   1 
ATOM 515  O O   . SER B 1 156 ? -12.41166 6.52154   11.45571  1.000 83.02238  ? 98  SER B O   1 
ATOM 516  C CB  . SER B 1 156 ? -13.20207 5.14896   14.29600  1.000 89.27579  ? 98  SER B CB  1 
ATOM 517  O OG  . SER B 1 156 ? -12.89122 4.03105   15.12203  1.000 96.82874  ? 98  SER B OG  1 
ATOM 518  N N   . VAL B 1 157 ? -14.58559 6.71441   12.00012  1.000 84.79708  ? 99  VAL B N   1 
ATOM 519  C CA  . VAL B 1 157 ? -14.70700 8.02102   11.35919  1.000 83.64138  ? 99  VAL B CA  1 
ATOM 520  C C   . VAL B 1 157 ? -14.00633 9.09750   12.18927  1.000 84.09162  ? 99  VAL B C   1 
ATOM 521  O O   . VAL B 1 157 ? -13.34132 9.99157   11.64522  1.000 83.54048  ? 99  VAL B O   1 
ATOM 522  C CB  . VAL B 1 157 ? -16.19059 8.34952   11.11285  1.000 81.72799  ? 99  VAL B CB  1 
ATOM 523  C CG1 . VAL B 1 157 ? -16.41030 9.85312   11.08280  1.000 82.19219  ? 99  VAL B CG1 1 
ATOM 524  C CG2 . VAL B 1 157 ? -16.63759 7.72731   9.81391   1.000 76.11176  ? 99  VAL B CG2 1 
ATOM 525  N N   . LYS B 1 158 ? -14.13671 9.03307   13.51587  1.000 84.84366  ? 100 LYS B N   1 
ATOM 526  C CA  . LYS B 1 158 ? -13.40550 9.97527   14.35471  1.000 84.10922  ? 100 LYS B CA  1 
ATOM 527  C C   . LYS B 1 158 ? -11.91203 9.66389   14.37207  1.000 79.58890  ? 100 LYS B C   1 
ATOM 528  O O   . LYS B 1 158 ? -11.08641 10.58090  14.45497  1.000 76.09652  ? 100 LYS B O   1 
ATOM 529  C CB  . LYS B 1 158 ? -13.98739 9.97325   15.76800  1.000 88.48858  ? 100 LYS B CB  1 
ATOM 530  C CG  . LYS B 1 158 ? -15.52065 10.04019  15.79906  1.000 93.74289  ? 100 LYS B CG  1 
ATOM 531  C CD  . LYS B 1 158 ? -16.04685 11.45628  15.52916  1.000 91.96023  ? 100 LYS B CD  1 
ATOM 532  C CE  . LYS B 1 158 ? -17.56498 11.47415  15.32359  1.000 91.66417  ? 100 LYS B CE  1 
ATOM 533  N NZ  . LYS B 1 158 ? -17.98864 12.55616  14.38319  1.000 94.41323  ? 100 LYS B NZ  1 
ATOM 534  N N   . GLU B 1 159 ? -11.54016 8.38734   14.26650  1.000 80.70083  ? 101 GLU B N   1 
ATOM 535  C CA  . GLU B 1 159 ? -10.12447 8.05748   14.12975  1.000 79.11304  ? 101 GLU B CA  1 
ATOM 536  C C   . GLU B 1 159 ? -9.53119  8.66233   12.86387  1.000 76.44874  ? 101 GLU B C   1 
ATOM 537  O O   . GLU B 1 159 ? -8.39434  9.14797   12.87442  1.000 73.30658  ? 101 GLU B O   1 
ATOM 538  C CB  . GLU B 1 159 ? -9.92039  6.54519   14.11873  1.000 79.05499  ? 101 GLU B CB  1 
ATOM 539  C CG  . GLU B 1 159 ? -8.47071  6.15781   13.82942  1.000 74.94579  ? 101 GLU B CG  1 
ATOM 540  C CD  . GLU B 1 159 ? -8.23677  4.64992   13.83228  1.000 79.36694  ? 101 GLU B CD  1 
ATOM 541  O OE1 . GLU B 1 159 ? -7.06179  4.24792   13.64696  1.000 70.09554  ? 101 GLU B OE1 1 
ATOM 542  O OE2 . GLU B 1 159 ? -9.21879  3.87399   14.01518  1.000 81.17120  ? 101 GLU B OE2 1 
ATOM 543  N N   . ARG B 1 160 ? -10.27700 8.62676   11.75445  1.000 76.49019  ? 102 ARG B N   1 
ATOM 544  C CA  . ARG B 1 160 ? -9.73566  9.15766   10.51195  1.000 71.40679  ? 102 ARG B CA  1 
ATOM 545  C C   . ARG B 1 160 ? -9.48894  10.65744  10.59935  1.000 67.96716  ? 102 ARG B C   1 
ATOM 546  O O   . ARG B 1 160 ? -8.49486  11.14842  10.05260  1.000 68.58767  ? 102 ARG B O   1 
ATOM 547  C CB  . ARG B 1 160 ? -10.65568 8.79596   9.34026   1.000 75.65160  ? 102 ARG B CB  1 
ATOM 548  C CG  . ARG B 1 160 ? -10.67902 7.27559   9.07499   1.000 74.68319  ? 102 ARG B CG  1 
ATOM 549  C CD  . ARG B 1 160 ? -11.65143 6.79715   7.98136   1.000 67.36604  ? 102 ARG B CD  1 
ATOM 550  N NE  . ARG B 1 160 ? -11.32723 5.42179   7.58691   1.000 74.58821  ? 102 ARG B NE  1 
ATOM 551  C CZ  . ARG B 1 160 ? -10.64934 5.07702   6.48641   1.000 70.53034  ? 102 ARG B CZ  1 
ATOM 552  N NH1 . ARG B 1 160 ? -10.21823 6.00609   5.63752   1.000 67.39101  ? 102 ARG B NH1 1 
ATOM 553  N NH2 . ARG B 1 160 ? -10.39350 3.79802   6.23662   1.000 60.65611  ? 102 ARG B NH2 1 
ATOM 554  N N   . GLU B 1 161 ? -10.33940 11.40145  11.30083  1.000 68.40599  ? 103 GLU B N   1 
ATOM 555  C CA  . GLU B 1 161 ? -10.05726 12.82276  11.40121  1.000 71.59277  ? 103 GLU B CA  1 
ATOM 556  C C   . GLU B 1 161 ? -8.88284  13.11141  12.34043  1.000 73.37270  ? 103 GLU B C   1 
ATOM 557  O O   . GLU B 1 161 ? -8.19002  14.11888  12.14727  1.000 70.43085  ? 103 GLU B O   1 
ATOM 558  C CB  . GLU B 1 161 ? -11.30680 13.60527  11.83267  1.000 80.56363  ? 103 GLU B CB  1 
ATOM 559  C CG  . GLU B 1 161 ? -11.09874 15.14760  11.72576  1.000 88.90272  ? 103 GLU B CG  1 
ATOM 560  C CD  . GLU B 1 161 ? -11.79087 15.98253  12.82172  1.000 93.56611  ? 103 GLU B CD  1 
ATOM 561  O OE1 . GLU B 1 161 ? -12.18162 17.14692  12.54215  1.000 90.39891  ? 103 GLU B OE1 1 
ATOM 562  O OE2 . GLU B 1 161 ? -11.96116 15.47305  13.95014  1.000 93.28004  ? 103 GLU B OE2 1 
ATOM 563  N N   . ARG B 1 162 ? -8.61672  12.24382  13.33128  1.000 72.66397  ? 104 ARG B N   1 
ATOM 564  C CA  . ARG B 1 162 ? -7.40124  12.39469  14.13184  1.000 64.06680  ? 104 ARG B CA  1 
ATOM 565  C C   . ARG B 1 162 ? -6.15936  12.03453  13.32541  1.000 64.05561  ? 104 ARG B C   1 
ATOM 566  O O   . ARG B 1 162 ? -5.13732  12.72601  13.41114  1.000 62.37216  ? 104 ARG B O   1 
ATOM 567  C CB  . ARG B 1 162 ? -7.48175  11.55017  15.40847  1.000 66.45101  ? 104 ARG B CB  1 
ATOM 568  C CG  . ARG B 1 162 ? -8.00587  12.34659  16.59948  1.000 73.74929  ? 104 ARG B CG  1 
ATOM 569  C CD  . ARG B 1 162 ? -7.67088  11.74082  17.95422  1.000 76.07440  ? 104 ARG B CD  1 
ATOM 570  N NE  . ARG B 1 162 ? -6.23317  11.63712  18.18728  1.000 78.45168  ? 104 ARG B NE  1 
ATOM 571  C CZ  . ARG B 1 162 ? -5.67925  11.31413  19.35771  1.000 80.33478  ? 104 ARG B CZ  1 
ATOM 572  N NH1 . ARG B 1 162 ? -6.44111  11.06721  20.42325  1.000 80.93382  ? 104 ARG B NH1 1 
ATOM 573  N NH2 . ARG B 1 162 ? -4.35682  11.24316  19.46762  1.000 74.76954  ? 104 ARG B NH2 1 
ATOM 574  N N   . LEU B 1 163 ? -6.22355  10.95616  12.53482  1.000 66.61187  ? 105 LEU B N   1 
ATOM 575  C CA  . LEU B 1 163 ? -5.11455  10.63067  11.63976  1.000 63.41993  ? 105 LEU B CA  1 
ATOM 576  C C   . LEU B 1 163 ? -4.82734  11.77731  10.68943  1.000 63.41484  ? 105 LEU B C   1 
ATOM 577  O O   . LEU B 1 163 ? -3.66583  12.07808  10.39353  1.000 63.35088  ? 105 LEU B O   1 
ATOM 578  C CB  . LEU B 1 163 ? -5.42346  9.36824   10.85155  1.000 62.89186  ? 105 LEU B CB  1 
ATOM 579  C CG  . LEU B 1 163 ? -5.34971  8.06894   11.64541  1.000 66.43880  ? 105 LEU B CG  1 
ATOM 580  C CD1 . LEU B 1 163 ? -5.70144  6.87216   10.75439  1.000 64.78592  ? 105 LEU B CD1 1 
ATOM 581  C CD2 . LEU B 1 163 ? -3.96767  7.92592   12.25575  1.000 62.74049  ? 105 LEU B CD2 1 
ATOM 582  N N   . LEU B 1 164 ? -5.87376  12.45265  10.23124  1.000 63.01412  ? 106 LEU B N   1 
ATOM 583  C CA  . LEU B 1 164 ? -5.69108  13.51958  9.26487   1.000 62.91058  ? 106 LEU B CA  1 
ATOM 584  C C   . LEU B 1 164 ? -5.11355  14.78053  9.91065   1.000 64.43613  ? 106 LEU B C   1 
ATOM 585  O O   . LEU B 1 164 ? -4.25359  15.43906  9.31608   1.000 67.82957  ? 106 LEU B O   1 
ATOM 586  C CB  . LEU B 1 164 ? -7.02294  13.77736  8.56072   1.000 63.97119  ? 106 LEU B CB  1 
ATOM 587  C CG  . LEU B 1 164 ? -7.11203  14.96655  7.62290   1.000 64.68025  ? 106 LEU B CG  1 
ATOM 588  C CD1 . LEU B 1 164 ? -6.29082  14.69214  6.37857   1.000 61.09736  ? 106 LEU B CD1 1 
ATOM 589  C CD2 . LEU B 1 164 ? -8.56132  15.16869  7.27848   1.000 67.25263  ? 106 LEU B CD2 1 
ATOM 590  N N   . LYS B 1 165 ? -5.54795  15.13641  11.12462  1.000 64.74309  ? 107 LYS B N   1 
ATOM 591  C CA  . LYS B 1 165 ? -4.83626  16.17540  11.87672  1.000 70.01710  ? 107 LYS B CA  1 
ATOM 592  C C   . LYS B 1 165 ? -3.36159  15.81970  12.02669  1.000 64.61900  ? 107 LYS B C   1 
ATOM 593  O O   . LYS B 1 165 ? -2.47900  16.63857  11.74482  1.000 67.90809  ? 107 LYS B O   1 
ATOM 594  C CB  . LYS B 1 165 ? -5.46837  16.39374  13.26359  1.000 68.86217  ? 107 LYS B CB  1 
ATOM 595  C CG  . LYS B 1 165 ? -6.69515  17.29973  13.25726  1.000 69.69596  ? 107 LYS B CG  1 
ATOM 596  C CD  . LYS B 1 165 ? -6.99822  17.85207  14.62748  1.000 68.61399  ? 107 LYS B CD  1 
ATOM 597  C CE  . LYS B 1 165 ? -8.46569  18.23489  14.75451  1.000 76.42918  ? 107 LYS B CE  1 
ATOM 598  N NZ  . LYS B 1 165 ? -9.34976  17.03783  14.68863  1.000 79.56225  ? 107 LYS B NZ  1 
ATOM 599  N N   . ALA B 1 166 ? -3.08352  14.58363  12.45028  1.000 63.31974  ? 108 ALA B N   1 
ATOM 600  C CA  . ALA B 1 166 ? -1.70689  14.12863  12.62822  1.000 64.52407  ? 108 ALA B CA  1 
ATOM 601  C C   . ALA B 1 166 ? -0.88003  14.28392  11.34981  1.000 67.70226  ? 108 ALA B C   1 
ATOM 602  O O   . ALA B 1 166 ? 0.22970   14.82834  11.38415  1.000 71.31405  ? 108 ALA B O   1 
ATOM 603  C CB  . ALA B 1 166 ? -1.70077  12.67818  13.10547  1.000 62.39339  ? 108 ALA B CB  1 
ATOM 604  N N   . VAL B 1 167 ? -1.39053  13.80073  10.21159  1.000 65.70677  ? 109 VAL B N   1 
ATOM 605  C CA  . VAL B 1 167 ? -0.65409  13.96413  8.95924   1.000 65.17407  ? 109 VAL B CA  1 
ATOM 606  C C   . VAL B 1 167 ? -0.45331  15.44545  8.63690   1.000 72.05480  ? 109 VAL B C   1 
ATOM 607  O O   . VAL B 1 167 ? 0.65643   15.86964  8.28395   1.000 74.47327  ? 109 VAL B O   1 
ATOM 608  C CB  . VAL B 1 167 ? -1.36056  13.22014  7.81060   1.000 66.39230  ? 109 VAL B CB  1 
ATOM 609  C CG1 . VAL B 1 167 ? -0.68192  13.52036  6.46703   1.000 61.70835  ? 109 VAL B CG1 1 
ATOM 610  C CG2 . VAL B 1 167 ? -1.34178  11.72944  8.07163   1.000 68.66843  ? 109 VAL B CG2 1 
ATOM 611  N N   . ILE B 1 168 ? -1.51193  16.25722  8.76454   1.000 69.25717  ? 110 ILE B N   1 
ATOM 612  C CA  . ILE B 1 168 ? -1.39081  17.68467  8.45720   1.000 73.46519  ? 110 ILE B CA  1 
ATOM 613  C C   . ILE B 1 168 ? -0.26490  18.31746  9.27393   1.000 74.59204  ? 110 ILE B C   1 
ATOM 614  O O   . ILE B 1 168 ? 0.44425   19.21510  8.79616   1.000 80.41924  ? 110 ILE B O   1 
ATOM 615  C CB  . ILE B 1 168 ? -2.74053  18.40292  8.67831   1.000 71.62359  ? 110 ILE B CB  1 
ATOM 616  C CG1 . ILE B 1 168 ? -3.67138  18.17363  7.48793   1.000 70.16602  ? 110 ILE B CG1 1 
ATOM 617  C CG2 . ILE B 1 168 ? -2.54292  19.90292  8.86120   1.000 65.07081  ? 110 ILE B CG2 1 
ATOM 618  C CD1 . ILE B 1 168 ? -5.13433  18.21086  7.84841   1.000 65.24202  ? 110 ILE B CD1 1 
ATOM 619  N N   . SER B 1 169 ? -0.05078  17.83796  10.49941  1.000 73.48487  ? 111 SER B N   1 
ATOM 620  C CA  . SER B 1 169 ? 0.96050   18.45993  11.34824  1.000 76.54395  ? 111 SER B CA  1 
ATOM 621  C C   . SER B 1 169 ? 2.39319   18.18128  10.87644  1.000 78.74632  ? 111 SER B C   1 
ATOM 622  O O   . SER B 1 169 ? 3.25448   19.04707  11.05820  1.000 87.15954  ? 111 SER B O   1 
ATOM 623  C CB  . SER B 1 169 ? 0.74503   18.03642  12.81865  1.000 71.96248  ? 111 SER B CB  1 
ATOM 624  O OG  . SER B 1 169 ? 1.52631   16.90558  13.18429  1.000 75.17937  ? 111 SER B OG  1 
ATOM 625  N N   . VAL B 1 170 ? 2.67598   17.03853  10.23571  1.000 76.92502  ? 112 VAL B N   1 
ATOM 626  C CA  . VAL B 1 170 ? 4.04502   16.70022  9.86990   1.000 76.74495  ? 112 VAL B CA  1 
ATOM 627  C C   . VAL B 1 170 ? 4.28281   16.70228  8.36316   1.000 75.56322  ? 112 VAL B C   1 
ATOM 628  O O   . VAL B 1 170 ? 5.29863   16.18027  7.89525   1.000 71.41883  ? 112 VAL B O   1 
ATOM 629  C CB  . VAL B 1 170 ? 4.47663   15.34740  10.47882  1.000 77.45108  ? 112 VAL B CB  1 
ATOM 630  C CG1 . VAL B 1 170 ? 4.28131   15.36109  11.98091  1.000 66.49586  ? 112 VAL B CG1 1 
ATOM 631  C CG2 . VAL B 1 170 ? 3.69578   14.19789  9.83957   1.000 71.77931  ? 112 VAL B CG2 1 
ATOM 632  N N   . THR B 1 171 ? 3.36277   17.27063  7.58615   1.000 79.44018  ? 113 THR B N   1 
ATOM 633  C CA  . THR B 1 171 ? 3.58013   17.50998  6.16483   1.000 78.09548  ? 113 THR B CA  1 
ATOM 634  C C   . THR B 1 171 ? 3.53167   19.00398  5.90222   1.000 79.02530  ? 113 THR B C   1 
ATOM 635  O O   . THR B 1 171 ? 3.01968   19.78217  6.70804   1.000 80.62693  ? 113 THR B O   1 
ATOM 636  C CB  . THR B 1 171 ? 2.51940   16.83343  5.28907   1.000 78.87734  ? 113 THR B CB  1 
ATOM 637  O OG1 . THR B 1 171 ? 1.22528   17.05575  5.86691   1.000 78.21941  ? 113 THR B OG1 1 
ATOM 638  C CG2 . THR B 1 171 ? 2.79619   15.33613  5.09811   1.000 69.68123  ? 113 THR B CG2 1 
ATOM 639  N N   . GLU B 1 172 ? 4.01495   19.41139  4.74160   1.000 81.72025  ? 114 GLU B N   1 
ATOM 640  C CA  . GLU B 1 172 ? 3.91748   20.81846  4.40587   1.000 86.41214  ? 114 GLU B CA  1 
ATOM 641  C C   . GLU B 1 172 ? 2.66506   21.08917  3.57884   1.000 83.14381  ? 114 GLU B C   1 
ATOM 642  O O   . GLU B 1 172 ? 1.95678   20.17401  3.15363   1.000 78.43351  ? 114 GLU B O   1 
ATOM 643  C CB  . GLU B 1 172 ? 5.18504   21.28612  3.69125   1.000 88.66177  ? 114 GLU B CB  1 
ATOM 644  C CG  . GLU B 1 172 ? 6.17643   21.96098  4.66350   1.000 90.98883  ? 114 GLU B CG  1 
ATOM 645  C CD  . GLU B 1 172 ? 5.48495   22.58233  5.90064   1.000 96.50595  ? 114 GLU B CD  1 
ATOM 646  O OE1 . GLU B 1 172 ? 5.81311   22.19646  7.05380   1.000 95.19549  ? 114 GLU B OE1 1 
ATOM 647  O OE2 . GLU B 1 172 ? 4.60655   23.46197  5.72030   1.000 97.32809  ? 114 GLU B OE2 1 
ATOM 648  N N   . SER B 1 173 ? 2.37435   22.37453  3.39131   1.000 86.95611  ? 115 SER B N   1 
ATOM 649  C CA  . SER B 1 173 ? 1.27353   22.76662  2.52126   1.000 80.78747  ? 115 SER B CA  1 
ATOM 650  C C   . SER B 1 173 ? 1.44670   22.16437  1.13139   1.000 81.51191  ? 115 SER B C   1 
ATOM 651  O O   . SER B 1 173 ? 2.55262   22.10294  0.59535   1.000 89.53218  ? 115 SER B O   1 
ATOM 652  C CB  . SER B 1 173 ? 1.20497   24.29262  2.44397   1.000 79.89646  ? 115 SER B CB  1 
ATOM 653  O OG  . SER B 1 173 ? 0.95241   24.85449  3.71669   1.000 80.84688  ? 115 SER B OG  1 
ATOM 654  N N   . GLY B 1 174 ? 0.34822   21.69702  0.56026   1.000 79.92526  ? 116 GLY B N   1 
ATOM 655  C CA  . GLY B 1 174 ? 0.37568   21.02537  -0.71979  1.000 85.40980  ? 116 GLY B CA  1 
ATOM 656  C C   . GLY B 1 174 ? 0.77556   19.56809  -0.70273  1.000 85.50745  ? 116 GLY B C   1 
ATOM 657  O O   . GLY B 1 174 ? 0.93105   18.95985  -1.76832  1.000 89.60029  ? 116 GLY B O   1 
ATOM 658  N N   . ALA B 1 175 ? 0.96072   18.99104  0.46321   1.000 84.38495  ? 117 ALA B N   1 
ATOM 659  C CA  . ALA B 1 175 ? 1.19068   17.56175  0.55496   1.000 81.81086  ? 117 ALA B CA  1 
ATOM 660  C C   . ALA B 1 175 ? -0.11771  16.79898  0.30063   1.000 79.95215  ? 117 ALA B C   1 
ATOM 661  O O   . ALA B 1 175 ? -1.19631  17.25337  0.68516   1.000 81.63066  ? 117 ALA B O   1 
ATOM 662  C CB  . ALA B 1 175 ? 1.75452   17.20909  1.93286   1.000 76.85516  ? 117 ALA B CB  1 
ATOM 663  N N   . PRO B 1 176 ? -0.06198  15.65121  -0.37584  1.000 71.23078  ? 118 PRO B N   1 
ATOM 664  C CA  . PRO B 1 176 ? -1.29647  14.87716  -0.60271  1.000 71.56919  ? 118 PRO B CA  1 
ATOM 665  C C   . PRO B 1 176 ? -1.87189  14.25897  0.66724   1.000 70.89363  ? 118 PRO B C   1 
ATOM 666  O O   . PRO B 1 176 ? -1.94145  13.03117  0.76955   1.000 69.56218  ? 118 PRO B O   1 
ATOM 667  C CB  . PRO B 1 176 ? -0.84695  13.78730  -1.58567  1.000 71.24532  ? 118 PRO B CB  1 
ATOM 668  C CG  . PRO B 1 176 ? 0.63980   13.67005  -1.36972  1.000 67.46718  ? 118 PRO B CG  1 
ATOM 669  C CD  . PRO B 1 176 ? 1.10564   15.05423  -1.04198  1.000 69.33699  ? 118 PRO B CD  1 
ATOM 670  N N   . VAL B 1 177 ? -2.31421  15.07995  1.62631   1.000 71.83374  ? 119 VAL B N   1 
ATOM 671  C CA  . VAL B 1 177 ? -2.60913  14.55858  2.96235   1.000 70.54458  ? 119 VAL B CA  1 
ATOM 672  C C   . VAL B 1 177 ? -3.82303  13.64084  2.95353   1.000 69.86407  ? 119 VAL B C   1 
ATOM 673  O O   . VAL B 1 177 ? -3.92583  12.73569  3.79289   1.000 67.03091  ? 119 VAL B O   1 
ATOM 674  C CB  . VAL B 1 177 ? -2.78471  15.71133  3.97037   1.000 73.05263  ? 119 VAL B CB  1 
ATOM 675  C CG1 . VAL B 1 177 ? -1.60628  16.66964  3.87999   1.000 74.82603  ? 119 VAL B CG1 1 
ATOM 676  C CG2 . VAL B 1 177 ? -4.10432  16.44055  3.74238   1.000 72.04863  ? 119 VAL B CG2 1 
ATOM 677  N N   . GLU B 1 178 ? -4.75866  13.85305  2.02213   1.000 73.10474  ? 120 GLU B N   1 
ATOM 678  C CA  . GLU B 1 178 ? -5.89201  12.94389  1.89163   1.000 69.81365  ? 120 GLU B CA  1 
ATOM 679  C C   . GLU B 1 178 ? -5.43160  11.55563  1.45555   1.000 69.35722  ? 120 GLU B C   1 
ATOM 680  O O   . GLU B 1 178 ? -5.88032  10.54305  2.00429   1.000 68.72073  ? 120 GLU B O   1 
ATOM 681  C CB  . GLU B 1 178 ? -6.91259  13.50506  0.89348   1.000 72.91268  ? 120 GLU B CB  1 
ATOM 682  C CG  . GLU B 1 178 ? -7.44786  14.89534  1.20089   1.000 74.80756  ? 120 GLU B CG  1 
ATOM 683  C CD  . GLU B 1 178 ? -8.94633  15.04908  0.91528   1.000 79.88998  ? 120 GLU B CD  1 
ATOM 684  O OE1 . GLU B 1 178 ? -9.58522  14.08417  0.45226   1.000 82.57882  ? 120 GLU B OE1 1 
ATOM 685  O OE2 . GLU B 1 178 ? -9.49410  16.14617  1.16090   1.000 85.69243  ? 120 GLU B OE2 1 
ATOM 686  N N   . ASP B 1 179 ? -4.54387  11.48498  0.46186   1.000 71.95700  ? 121 ASP B N   1 
ATOM 687  C CA  . ASP B 1 179 ? -4.04820  10.19010  0.00732   1.000 66.00259  ? 121 ASP B CA  1 
ATOM 688  C C   . ASP B 1 179 ? -3.25187  9.49840   1.10618   1.000 69.54049  ? 121 ASP B C   1 
ATOM 689  O O   . ASP B 1 179 ? -3.43576  8.29824   1.36512   1.000 69.31557  ? 121 ASP B O   1 
ATOM 690  C CB  . ASP B 1 179 ? -3.19325  10.37181  -1.24897  1.000 70.19609  ? 121 ASP B CB  1 
ATOM 691  C CG  . ASP B 1 179 ? -3.97166  10.99227  -2.41396  1.000 76.70109  ? 121 ASP B CG  1 
ATOM 692  O OD1 . ASP B 1 179 ? -5.16995  10.66030  -2.58475  1.000 72.51692  ? 121 ASP B OD1 1 
ATOM 693  O OD2 . ASP B 1 179 ? -3.37105  11.80317  -3.16442  1.000 81.43932  ? 121 ASP B OD2 1 
ATOM 694  N N   . ILE B 1 180 ? -2.36229  10.25772  1.76360   1.000 69.93583  ? 122 ILE B N   1 
ATOM 695  C CA  . ILE B 1 180 ? -1.52850  9.74989   2.85028   1.000 61.08304  ? 122 ILE B CA  1 
ATOM 696  C C   . ILE B 1 180 ? -2.39078  9.21386   3.98690   1.000 62.30514  ? 122 ILE B C   1 
ATOM 697  O O   . ILE B 1 180 ? -2.10455  8.15297   4.55635   1.000 61.81863  ? 122 ILE B O   1 
ATOM 698  C CB  . ILE B 1 180 ? -0.58247  10.86884  3.33288   1.000 65.26262  ? 122 ILE B CB  1 
ATOM 699  C CG1 . ILE B 1 180 ? 0.38037   11.27488  2.21865   1.000 66.25770  ? 122 ILE B CG1 1 
ATOM 700  C CG2 . ILE B 1 180 ? 0.18791   10.46295  4.59596   1.000 61.77682  ? 122 ILE B CG2 1 
ATOM 701  C CD1 . ILE B 1 180 ? 1.26701   12.45633  2.57397   1.000 59.15504  ? 122 ILE B CD1 1 
ATOM 702  N N   . THR B 1 181 ? -3.45299  9.93912   4.34601   1.000 63.89192  ? 123 THR B N   1 
ATOM 703  C CA  . THR B 1 181 ? -4.24299  9.54447   5.51015   1.000 64.54637  ? 123 THR B CA  1 
ATOM 704  C C   . THR B 1 181 ? -4.96314  8.22162   5.25993   1.000 61.68006  ? 123 THR B C   1 
ATOM 705  O O   . THR B 1 181 ? -4.90619  7.31130   6.09435   1.000 60.92776  ? 123 THR B O   1 
ATOM 706  C CB  . THR B 1 181 ? -5.21671  10.66969  5.89990   1.000 62.46554  ? 123 THR B CB  1 
ATOM 707  O OG1 . THR B 1 181 ? -4.46903  11.80656  6.34796   1.000 61.02082  ? 123 THR B OG1 1 
ATOM 708  C CG2 . THR B 1 181 ? -6.14554  10.24556  7.02647   1.000 58.30767  ? 123 THR B CG2 1 
ATOM 709  N N   . ASP B 1 182 ? -5.60341  8.07598   4.09411   1.000 62.91925  ? 124 ASP B N   1 
ATOM 710  C CA  . ASP B 1 182 ? -6.27173  6.81615   3.75919   1.000 65.57025  ? 124 ASP B CA  1 
ATOM 711  C C   . ASP B 1 182 ? -5.28660  5.65814   3.69017   1.000 64.80414  ? 124 ASP B C   1 
ATOM 712  O O   . ASP B 1 182 ? -5.61035  4.53234   4.09082   1.000 63.63983  ? 124 ASP B O   1 
ATOM 713  C CB  . ASP B 1 182 ? -7.00793  6.93394   2.42307   1.000 67.21448  ? 124 ASP B CB  1 
ATOM 714  C CG  . ASP B 1 182 ? -7.97447  8.10453   2.38532   1.000 74.54146  ? 124 ASP B CG  1 
ATOM 715  O OD1 . ASP B 1 182 ? -8.39591  8.46957   1.26098   1.000 76.94754  ? 124 ASP B OD1 1 
ATOM 716  O OD2 . ASP B 1 182 ? -8.30906  8.65389   3.47373   1.000 75.88745  ? 124 ASP B OD2 1 
ATOM 717  N N   . MET B 1 183 ? -4.09093  5.90571   3.15034   1.000 61.47958  ? 125 MET B N   1 
ATOM 718  C CA  . MET B 1 183 ? -3.06013  4.87636   3.15247   1.000 60.65295  ? 125 MET B CA  1 
ATOM 719  C C   . MET B 1 183 ? -2.72086  4.42950   4.56631   1.000 61.95789  ? 125 MET B C   1 
ATOM 720  O O   . MET B 1 183 ? -2.55431  3.23249   4.81770   1.000 65.68539  ? 125 MET B O   1 
ATOM 721  C CB  . MET B 1 183 ? -1.82033  5.38295   2.42614   1.000 61.99213  ? 125 MET B CB  1 
ATOM 722  C CG  . MET B 1 183 ? -2.03370  5.41345   0.92800   1.000 58.19340  ? 125 MET B CG  1 
ATOM 723  S SD  . MET B 1 183 ? -0.64606  6.01390   -0.02983  1.000 60.68725  ? 125 MET B SD  1 
ATOM 724  C CE  . MET B 1 183 ? 0.38976   4.56602   -0.04255  1.000 56.92481  ? 125 MET B CE  1 
ATOM 725  N N   . ILE B 1 184 ? -2.63064  5.37015   5.50856   1.000 63.31586  ? 126 ILE B N   1 
ATOM 726  C CA  . ILE B 1 184 ? -2.29983  5.00880   6.88055   1.000 60.13793  ? 126 ILE B CA  1 
ATOM 727  C C   . ILE B 1 184 ? -3.51309  4.43499   7.58596   1.000 62.63233  ? 126 ILE B C   1 
ATOM 728  O O   . ILE B 1 184 ? -3.40228  3.45692   8.33348   1.000 66.02378  ? 126 ILE B O   1 
ATOM 729  C CB  . ILE B 1 184 ? -1.73117  6.22941   7.61665   1.000 63.01926  ? 126 ILE B CB  1 
ATOM 730  C CG1 . ILE B 1 184 ? -0.30683  6.49950   7.13931   1.000 55.71136  ? 126 ILE B CG1 1 
ATOM 731  C CG2 . ILE B 1 184 ? -1.83147  6.04129   9.12994   1.000 54.70175  ? 126 ILE B CG2 1 
ATOM 732  C CD1 . ILE B 1 184 ? 0.20085   7.82060   7.56422   1.000 59.97202  ? 126 ILE B CD1 1 
ATOM 733  N N   . ALA B 1 185 ? -4.69214  5.00766   7.32741   1.000 63.06056  ? 127 ALA B N   1 
ATOM 734  C CA  . ALA B 1 185 ? -5.94340  4.53754   7.91271   1.000 63.27251  ? 127 ALA B CA  1 
ATOM 735  C C   . ALA B 1 185 ? -6.22905  3.07592   7.62063   1.000 68.45239  ? 127 ALA B C   1 
ATOM 736  O O   . ALA B 1 185 ? -7.13408  2.50768   8.23938   1.000 77.46773  ? 127 ALA B O   1 
ATOM 737  C CB  . ALA B 1 185 ? -7.11435  5.37584   7.40052   1.000 61.31263  ? 127 ALA B CB  1 
ATOM 738  N N   . SER B 1 186 ? -5.49951  2.46301   6.69378   1.000 69.28434  ? 128 SER B N   1 
ATOM 739  C CA  . SER B 1 186 ? -5.69850  1.08074   6.28692   1.000 67.92194  ? 128 SER B CA  1 
ATOM 740  C C   . SER B 1 186 ? -4.68617  0.11200   6.88997   1.000 72.93730  ? 128 SER B C   1 
ATOM 741  O O   . SER B 1 186 ? -4.74235  -1.08715  6.58160   1.000 71.79231  ? 128 SER B O   1 
ATOM 742  C CB  . SER B 1 186 ? -5.61320  0.98229   4.77292   1.000 68.39721  ? 128 SER B CB  1 
ATOM 743  O OG  . SER B 1 186 ? -4.27486  0.68853   4.41476   1.000 72.44170  ? 128 SER B OG  1 
ATOM 744  N N   . LEU B 1 187 ? -3.74940  0.59396   7.70780   1.000 67.02875  ? 129 LEU B N   1 
ATOM 745  C CA  . LEU B 1 187 ? -2.75064  -0.28568  8.28883   1.000 70.50416  ? 129 LEU B CA  1 
ATOM 746  C C   . LEU B 1 187 ? -3.37234  -1.12702  9.39254   1.000 66.75847  ? 129 LEU B C   1 
ATOM 747  O O   . LEU B 1 187 ? -4.45184  -0.79966  9.89549   1.000 63.87026  ? 129 LEU B O   1 
ATOM 748  C CB  . LEU B 1 187 ? -1.58842  0.53176   8.85262   1.000 72.88311  ? 129 LEU B CB  1 
ATOM 749  C CG  . LEU B 1 187 ? -0.76986  1.28866   7.80515   1.000 71.89813  ? 129 LEU B CG  1 
ATOM 750  C CD1 . LEU B 1 187 ? 0.09365   2.36474   8.46204   1.000 62.19128  ? 129 LEU B CD1 1 
ATOM 751  C CD2 . LEU B 1 187 ? 0.05374   0.30223   6.95891   1.000 61.18080  ? 129 LEU B CD2 1 
ATOM 752  N N   . PRO B 1 188 ? -2.71416  -2.21778  9.79155   1.000 66.40362  ? 130 PRO B N   1 
ATOM 753  C CA  . PRO B 1 188 ? -3.16951  -2.95449  10.97497  1.000 66.36635  ? 130 PRO B CA  1 
ATOM 754  C C   . PRO B 1 188 ? -3.39710  -2.00972  12.14962  1.000 69.70695  ? 130 PRO B C   1 
ATOM 755  O O   . PRO B 1 188 ? -2.79432  -0.94165  12.25352  1.000 71.81006  ? 130 PRO B O   1 
ATOM 756  C CB  . PRO B 1 188 ? -2.02701  -3.94210  11.25428  1.000 69.14060  ? 130 PRO B CB  1 
ATOM 757  C CG  . PRO B 1 188 ? -1.14787  -3.93073  10.02498  1.000 72.05721  ? 130 PRO B CG  1 
ATOM 758  C CD  . PRO B 1 188 ? -1.73029  -2.98608  9.00992   1.000 71.05591  ? 130 PRO B CD  1 
ATOM 759  N N   . LYS B 1 189 ? -4.26142  -2.42640  13.05849  1.000 72.16630  ? 131 LYS B N   1 
ATOM 760  C CA  . LYS B 1 189 ? -4.78595  -1.49362  14.04121  1.000 69.73002  ? 131 LYS B CA  1 
ATOM 761  C C   . LYS B 1 189 ? -3.73943  -1.10697  15.09109  1.000 71.44922  ? 131 LYS B C   1 
ATOM 762  O O   . LYS B 1 189 ? -3.82445  -0.02133  15.66949  1.000 69.57372  ? 131 LYS B O   1 
ATOM 763  C CB  . LYS B 1 189 ? -6.04546  -2.11057  14.64380  1.000 71.24596  ? 131 LYS B CB  1 
ATOM 764  C CG  . LYS B 1 189 ? -6.63551  -1.43247  15.84531  1.000 80.97807  ? 131 LYS B CG  1 
ATOM 765  C CD  . LYS B 1 189 ? -7.41635  -2.43888  16.68287  1.000 83.22897  ? 131 LYS B CD  1 
ATOM 766  C CE  . LYS B 1 189 ? -8.91173  -2.24140  16.46166  1.000 89.68790  ? 131 LYS B CE  1 
ATOM 767  N NZ  . LYS B 1 189 ? -9.76955  -3.19557  17.22727  1.000 90.57060  ? 131 LYS B NZ  1 
ATOM 768  N N   . LYS B 1 190 ? -2.72331  -1.94566  15.32454  1.000 70.53250  ? 132 LYS B N   1 
ATOM 769  C CA  . LYS B 1 190 ? -1.60903  -1.53497  16.18984  1.000 65.26381  ? 132 LYS B CA  1 
ATOM 770  C C   . LYS B 1 190 ? -0.76007  -0.45872  15.52819  1.000 67.56699  ? 132 LYS B C   1 
ATOM 771  O O   . LYS B 1 190 ? -0.23046  0.42092   16.21708  1.000 68.16466  ? 132 LYS B O   1 
ATOM 772  C CB  . LYS B 1 190 ? -0.70993  -2.73409  16.55902  1.000 64.93726  ? 132 LYS B CB  1 
ATOM 773  C CG  . LYS B 1 190 ? -0.28777  -3.58497  15.35396  1.000 80.92209  ? 132 LYS B CG  1 
ATOM 774  C CD  . LYS B 1 190 ? 0.03979   -5.03449  15.71465  1.000 86.49073  ? 132 LYS B CD  1 
ATOM 775  C CE  . LYS B 1 190 ? -0.64225  -6.01517  14.75290  1.000 82.29325  ? 132 LYS B CE  1 
ATOM 776  N NZ  . LYS B 1 190 ? -0.21566  -7.41068  15.03922  1.000 90.62602  ? 132 LYS B NZ  1 
ATOM 777  N N   . ASP B 1 191 ? -0.63024  -0.51176  14.19632  1.000 72.25037  ? 133 ASP B N   1 
ATOM 778  C CA  . ASP B 1 191 ? 0.23909   0.41014   13.46949  1.000 66.57860  ? 133 ASP B CA  1 
ATOM 779  C C   . ASP B 1 191 ? -0.30873  1.82748   13.47378  1.000 62.93625  ? 133 ASP B C   1 
ATOM 780  O O   . ASP B 1 191 ? 0.46677   2.78632   13.48937  1.000 60.91519  ? 133 ASP B O   1 
ATOM 781  C CB  . ASP B 1 191 ? 0.42415   -0.05500  12.02120  1.000 72.44878  ? 133 ASP B CB  1 
ATOM 782  C CG  . ASP B 1 191 ? 1.54086   -1.07996  11.85623  1.000 77.02669  ? 133 ASP B CG  1 
ATOM 783  O OD1 . ASP B 1 191 ? 2.60917   -0.90313  12.48753  1.000 77.15982  ? 133 ASP B OD1 1 
ATOM 784  O OD2 . ASP B 1 191 ? 1.35053   -2.04737  11.06724  1.000 83.07060  ? 133 ASP B OD2 1 
ATOM 785  N N   . ARG B 1 192 ? -1.62955  1.98973   13.42528  1.000 64.31686  ? 134 ARG B N   1 
ATOM 786  C CA  . ARG B 1 192 ? -2.17196  3.34360   13.43784  1.000 67.15238  ? 134 ARG B CA  1 
ATOM 787  C C   . ARG B 1 192 ? -2.07292  3.95074   14.82919  1.000 61.78337  ? 134 ARG B C   1 
ATOM 788  O O   . ARG B 1 192 ? -1.75459  5.13959   14.97201  1.000 58.37055  ? 134 ARG B O   1 
ATOM 789  C CB  . ARG B 1 192 ? -3.62272  3.34489   12.94630  1.000 68.34542  ? 134 ARG B CB  1 
ATOM 790  C CG  . ARG B 1 192 ? -3.96952  2.16811   12.06439  1.000 64.05061  ? 134 ARG B CG  1 
ATOM 791  C CD  . ARG B 1 192 ? -5.21244  2.43549   11.23126  1.000 70.07568  ? 134 ARG B CD  1 
ATOM 792  N NE  . ARG B 1 192 ? -6.46007  2.29142   11.97732  1.000 70.84134  ? 134 ARG B NE  1 
ATOM 793  C CZ  . ARG B 1 192 ? -7.04137  1.12736   12.23802  1.000 70.88996  ? 134 ARG B CZ  1 
ATOM 794  N NH1 . ARG B 1 192 ? -6.47188  0.01126   11.81863  1.000 76.09527  ? 134 ARG B NH1 1 
ATOM 795  N NH2 . ARG B 1 192 ? -8.17969  1.07656   12.91825  1.000 72.27538  ? 134 ARG B NH2 1 
ATOM 796  N N   . ALA B 1 193 ? -2.34716  3.14024   15.85483  1.000 61.52600  ? 135 ALA B N   1 
ATOM 797  C CA  . ALA B 1 193 ? -2.15240  3.58595   17.22509  1.000 59.57931  ? 135 ALA B CA  1 
ATOM 798  C C   . ALA B 1 193 ? -0.73807  4.10425   17.42044  1.000 60.04545  ? 135 ALA B C   1 
ATOM 799  O O   . ALA B 1 193 ? -0.52476  5.14980   18.05334  1.000 55.69962  ? 135 ALA B O   1 
ATOM 800  C CB  . ALA B 1 193 ? -2.44507  2.44210   18.19438  1.000 61.71560  ? 135 ALA B CB  1 
ATOM 801  N N   . LEU B 1 194 ? 0.23764   3.39628   16.85117  1.000 60.13556  ? 136 LEU B N   1 
ATOM 802  C CA  . LEU B 1 194 ? 1.62725   3.80147   16.98011  1.000 57.27311  ? 136 LEU B CA  1 
ATOM 803  C C   . LEU B 1 194 ? 1.90050   5.09272   16.22071  1.000 59.37675  ? 136 LEU B C   1 
ATOM 804  O O   . LEU B 1 194 ? 2.70129   5.92629   16.67763  1.000 61.50001  ? 136 LEU B O   1 
ATOM 805  C CB  . LEU B 1 194 ? 2.54048   2.68007   16.49608  1.000 54.60106  ? 136 LEU B CB  1 
ATOM 806  C CG  . LEU B 1 194 ? 4.00045   2.93843   16.83755  1.000 59.03788  ? 136 LEU B CG  1 
ATOM 807  C CD1 . LEU B 1 194 ? 4.19191   2.86486   18.36420  1.000 60.05477  ? 136 LEU B CD1 1 
ATOM 808  C CD2 . LEU B 1 194 ? 4.90203   1.97758   16.09478  1.000 56.81553  ? 136 LEU B CD2 1 
ATOM 809  N N   . ALA B 1 195 ? 1.22311   5.29567   15.08920  1.000 57.51439  ? 137 ALA B N   1 
ATOM 810  C CA  . ALA B 1 195 ? 1.38696   6.53548   14.34194  1.000 57.74413  ? 137 ALA B CA  1 
ATOM 811  C C   . ALA B 1 195 ? 0.68669   7.71069   15.00950  1.000 59.09842  ? 137 ALA B C   1 
ATOM 812  O O   . ALA B 1 195 ? 1.09045   8.85732   14.80253  1.000 58.28706  ? 137 ALA B O   1 
ATOM 813  C CB  . ALA B 1 195 ? 0.86721   6.37023   12.92067  1.000 58.64686  ? 137 ALA B CB  1 
ATOM 814  N N   . LEU B 1 196 ? -0.36310  7.45505   15.79134  1.000 61.81761  ? 138 LEU B N   1 
ATOM 815  C CA  . LEU B 1 196 ? -1.00687  8.49913   16.57683  1.000 56.85775  ? 138 LEU B CA  1 
ATOM 816  C C   . LEU B 1 196 ? -0.22366  8.85027   17.83750  1.000 65.30490  ? 138 LEU B C   1 
ATOM 817  O O   . LEU B 1 196 ? -0.35636  9.97029   18.35622  1.000 65.41946  ? 138 LEU B O   1 
ATOM 818  C CB  . LEU B 1 196 ? -2.41860  8.05748   16.95919  1.000 56.47676  ? 138 LEU B CB  1 
ATOM 819  C CG  . LEU B 1 196 ? -3.49182  8.18034   15.88172  1.000 63.68195  ? 138 LEU B CG  1 
ATOM 820  C CD1 . LEU B 1 196 ? -4.76733  7.50342   16.32831  1.000 62.03944  ? 138 LEU B CD1 1 
ATOM 821  C CD2 . LEU B 1 196 ? -3.75709  9.64042   15.55604  1.000 64.63054  ? 138 LEU B CD2 1 
ATOM 822  N N   . PHE B 1 197 ? 0.58422   7.92206   18.34396  1.000 63.18432  ? 139 PHE B N   1 
ATOM 823  C CA  . PHE B 1 197 ? 1.26715   8.07864   19.62177  1.000 58.95821  ? 139 PHE B CA  1 
ATOM 824  C C   . PHE B 1 197 ? 2.71484   8.51855   19.46691  1.000 61.57254  ? 139 PHE B C   1 
ATOM 825  O O   . PHE B 1 197 ? 3.21960   9.28622   20.27987  1.000 62.70614  ? 139 PHE B O   1 
ATOM 826  C CB  . PHE B 1 197 ? 1.20548   6.75145   20.38601  1.000 60.34584  ? 139 PHE B CB  1 
ATOM 827  C CG  . PHE B 1 197 ? 1.84341   6.78805   21.73246  1.000 65.05565  ? 139 PHE B CG  1 
ATOM 828  C CD1 . PHE B 1 197 ? 1.15260   7.30597   22.82440  1.000 64.32285  ? 139 PHE B CD1 1 
ATOM 829  C CD2 . PHE B 1 197 ? 3.11935   6.27593   21.92080  1.000 59.55813  ? 139 PHE B CD2 1 
ATOM 830  C CE1 . PHE B 1 197 ? 1.73099   7.33339   24.06252  1.000 62.69340  ? 139 PHE B CE1 1 
ATOM 831  C CE2 . PHE B 1 197 ? 3.70366   6.30037   23.16985  1.000 61.43992  ? 139 PHE B CE2 1 
ATOM 832  C CZ  . PHE B 1 197 ? 3.01150   6.83086   24.23907  1.000 61.14349  ? 139 PHE B CZ  1 
ATOM 833  N N   . ASN B 1 198 ? 3.39580   8.05725   18.42964  1.000 64.36310  ? 140 ASN B N   1 
ATOM 834  C CA  . ASN B 1 198 ? 4.81517   8.33817   18.27653  1.000 62.95526  ? 140 ASN B CA  1 
ATOM 835  C C   . ASN B 1 198 ? 5.01765   9.20657   17.04371  1.000 66.87624  ? 140 ASN B C   1 
ATOM 836  O O   . ASN B 1 198 ? 4.98253   8.69681   15.91418  1.000 63.79396  ? 140 ASN B O   1 
ATOM 837  C CB  . ASN B 1 198 ? 5.58775   7.02402   18.15146  1.000 66.03296  ? 140 ASN B CB  1 
ATOM 838  C CG  . ASN B 1 198 ? 7.07051   7.20849   18.25213  1.000 62.82656  ? 140 ASN B CG  1 
ATOM 839  O OD1 . ASN B 1 198 ? 7.60960   8.27622   17.93101  1.000 65.40093  ? 140 ASN B OD1 1 
ATOM 840  N ND2 . ASN B 1 198 ? 7.75393   6.15930   18.69419  1.000 61.04082  ? 140 ASN B ND2 1 
ATOM 841  N N   . PRO B 1 199 ? 5.23883   10.51490  17.20598  1.000 71.26615  ? 141 PRO B N   1 
ATOM 842  C CA  . PRO B 1 199 ? 5.37684   11.39368  16.02834  1.000 63.72946  ? 141 PRO B CA  1 
ATOM 843  C C   . PRO B 1 199 ? 6.46411   10.95597  15.07807  1.000 64.04796  ? 141 PRO B C   1 
ATOM 844  O O   . PRO B 1 199 ? 6.33619   11.16815  13.86697  1.000 67.72880  ? 141 PRO B O   1 
ATOM 845  C CB  . PRO B 1 199 ? 5.70199   12.76334  16.64259  1.000 62.26357  ? 141 PRO B CB  1 
ATOM 846  C CG  . PRO B 1 199 ? 5.28209   12.66563  18.06916  1.000 58.18567  ? 141 PRO B CG  1 
ATOM 847  C CD  . PRO B 1 199 ? 5.43380   11.23331  18.47504  1.000 60.82571  ? 141 PRO B CD  1 
ATOM 848  N N   . GLU B 1 200 ? 7.53099   10.33629  15.58302  1.000 65.00968  ? 142 GLU B N   1 
ATOM 849  C CA  . GLU B 1 200 ? 8.59606   9.88095   14.69631  1.000 66.19111  ? 142 GLU B CA  1 
ATOM 850  C C   . GLU B 1 200 ? 8.12962   8.71732   13.81988  1.000 66.98085  ? 142 GLU B C   1 
ATOM 851  O O   . GLU B 1 200 ? 8.46405   8.64709   12.62817  1.000 63.41809  ? 142 GLU B O   1 
ATOM 852  C CB  . GLU B 1 200 ? 9.81954   9.49276   15.52472  1.000 67.89902  ? 142 GLU B CB  1 
ATOM 853  C CG  . GLU B 1 200 ? 11.03783  9.10410   14.70141  1.000 77.82607  ? 142 GLU B CG  1 
ATOM 854  C CD  . GLU B 1 200 ? 12.31738  9.03389   15.52840  1.000 91.31506  ? 142 GLU B CD  1 
ATOM 855  O OE1 . GLU B 1 200 ? 13.31219  8.44326   15.03208  1.000 95.60182  ? 142 GLU B OE1 1 
ATOM 856  O OE2 . GLU B 1 200 ? 12.32365  9.55866   16.67420  1.000 93.21236  ? 142 GLU B OE2 1 
ATOM 857  N N   . PHE B 1 201 ? 7.35745   7.79276   14.39347  1.000 64.01622  ? 143 PHE B N   1 
ATOM 858  C CA  . PHE B 1 201 ? 6.82069   6.70536   13.59525  1.000 63.00526  ? 143 PHE B CA  1 
ATOM 859  C C   . PHE B 1 201 ? 5.82794   7.21745   12.56155  1.000 64.44259  ? 143 PHE B C   1 
ATOM 860  O O   . PHE B 1 201 ? 5.76464   6.68848   11.44427  1.000 60.97765  ? 143 PHE B O   1 
ATOM 861  C CB  . PHE B 1 201 ? 6.15762   5.67030   14.49531  1.000 62.45570  ? 143 PHE B CB  1 
ATOM 862  C CG  . PHE B 1 201 ? 5.70778   4.45428   13.75556  1.000 60.40742  ? 143 PHE B CG  1 
ATOM 863  C CD1 . PHE B 1 201 ? 6.61205   3.44390   13.44647  1.000 53.93553  ? 143 PHE B CD1 1 
ATOM 864  C CD2 . PHE B 1 201 ? 4.39017   4.34162   13.32299  1.000 59.67986  ? 143 PHE B CD2 1 
ATOM 865  C CE1 . PHE B 1 201 ? 6.20219   2.31958   12.74893  1.000 65.32042  ? 143 PHE B CE1 1 
ATOM 866  C CE2 . PHE B 1 201 ? 3.96346   3.20926   12.62282  1.000 60.54731  ? 143 PHE B CE2 1 
ATOM 867  C CZ  . PHE B 1 201 ? 4.86725   2.19986   12.32461  1.000 59.79458  ? 143 PHE B CZ  1 
ATOM 868  N N   . LEU B 1 202 ? 5.05366   8.24560   12.91336  1.000 63.95214  ? 144 LEU B N   1 
ATOM 869  C CA  . LEU B 1 202 ? 4.12569   8.84007   11.96062  1.000 60.58045  ? 144 LEU B CA  1 
ATOM 870  C C   . LEU B 1 202 ? 4.87061   9.47105   10.79497  1.000 64.30244  ? 144 LEU B C   1 
ATOM 871  O O   . LEU B 1 202 ? 4.51699   9.24596   9.63057   1.000 62.12224  ? 144 LEU B O   1 
ATOM 872  C CB  . LEU B 1 202 ? 3.24167   9.86767   12.65731  1.000 56.24879  ? 144 LEU B CB  1 
ATOM 873  C CG  . LEU B 1 202 ? 2.51639   10.84039  11.73586  1.000 60.81340  ? 144 LEU B CG  1 
ATOM 874  C CD1 . LEU B 1 202 ? 1.42434   10.14611  10.92883  1.000 60.78932  ? 144 LEU B CD1 1 
ATOM 875  C CD2 . LEU B 1 202 ? 1.93579   11.96110  12.55634  1.000 64.77721  ? 144 LEU B CD2 1 
ATOM 876  N N   . LYS B 1 203 ? 5.91576   10.25743  11.08306  1.000 63.89246  ? 145 LYS B N   1 
ATOM 877  C CA  . LYS B 1 203 ? 6.70080   10.82655  9.99488   1.000 63.52292  ? 145 LYS B CA  1 
ATOM 878  C C   . LYS B 1 203 ? 7.36466   9.74561   9.13969   1.000 64.17015  ? 145 LYS B C   1 
ATOM 879  O O   . LYS B 1 203 ? 7.63611   9.98011   7.95962   1.000 65.82209  ? 145 LYS B O   1 
ATOM 880  C CB  . LYS B 1 203 ? 7.74321   11.80680  10.54190  1.000 65.14706  ? 145 LYS B CB  1 
ATOM 881  C CG  . LYS B 1 203 ? 8.67570   12.40756  9.45628   1.000 72.41496  ? 145 LYS B CG  1 
ATOM 882  C CD  . LYS B 1 203 ? 8.86683   13.92321  9.58147   1.000 79.70631  ? 145 LYS B CD  1 
ATOM 883  C CE  . LYS B 1 203 ? 9.02647   14.55885  8.20511   1.000 75.31992  ? 145 LYS B CE  1 
ATOM 884  N NZ  . LYS B 1 203 ? 7.88372   14.13942  7.33610   1.000 76.89214  ? 145 LYS B NZ  1 
ATOM 885  N N   . GLN B 1 204 ? 7.60178   8.55641   9.68423   1.000 62.29655  ? 146 GLN B N   1 
ATOM 886  C CA  . GLN B 1 204 ? 8.21718   7.50894   8.87834   1.000 60.25798  ? 146 GLN B CA  1 
ATOM 887  C C   . GLN B 1 204 ? 7.20385   6.84858   7.93145   1.000 65.37685  ? 146 GLN B C   1 
ATOM 888  O O   . GLN B 1 204 ? 7.55052   6.48305   6.79874   1.000 57.26269  ? 146 GLN B O   1 
ATOM 889  C CB  . GLN B 1 204 ? 8.87403   6.48625   9.80398   1.000 56.29601  ? 146 GLN B CB  1 
ATOM 890  C CG  . GLN B 1 204 ? 9.40588   5.22465   9.14492   1.000 58.37703  ? 146 GLN B CG  1 
ATOM 891  C CD  . GLN B 1 204 ? 9.33775   4.02304   10.07651  1.000 62.00150  ? 146 GLN B CD  1 
ATOM 892  O OE1 . GLN B 1 204 ? 9.70847   4.11867   11.25649  1.000 70.26018  ? 146 GLN B OE1 1 
ATOM 893  N NE2 . GLN B 1 204 ? 8.83737   2.89193   9.56519   1.000 59.40825  ? 146 GLN B NE2 1 
ATOM 894  N N   . LYS B 1 205 ? 5.95067   6.67456   8.37416   1.000 64.42067  ? 147 LYS B N   1 
ATOM 895  C CA  . LYS B 1 205 ? 4.94683   6.09545   7.48783   1.000 61.05933  ? 147 LYS B CA  1 
ATOM 896  C C   . LYS B 1 205 ? 4.40984   7.13254   6.52103   1.000 62.65929  ? 147 LYS B C   1 
ATOM 897  O O   . LYS B 1 205 ? 3.99864   6.78407   5.40498   1.000 62.40951  ? 147 LYS B O   1 
ATOM 898  C CB  . LYS B 1 205 ? 3.78769   5.47608   8.28169   1.000 61.06624  ? 147 LYS B CB  1 
ATOM 899  C CG  . LYS B 1 205 ? 4.18268   4.40910   9.30122   1.000 56.77481  ? 147 LYS B CG  1 
ATOM 900  C CD  . LYS B 1 205 ? 4.93431   3.26638   8.64883   1.000 63.41379  ? 147 LYS B CD  1 
ATOM 901  C CE  . LYS B 1 205 ? 4.03111   2.09877   8.34259   1.000 61.74598  ? 147 LYS B CE  1 
ATOM 902  N NZ  . LYS B 1 205 ? 4.47193   1.41637   7.09352   1.000 63.41277  ? 147 LYS B NZ  1 
ATOM 903  N N   . VAL B 1 206 ? 4.40557   8.40360   6.93195   1.000 64.53995  ? 148 VAL B N   1 
ATOM 904  C CA  . VAL B 1 206 ? 4.04464   9.47972   6.01370   1.000 64.44801  ? 148 VAL B CA  1 
ATOM 905  C C   . VAL B 1 206 ? 5.01179   9.51655   4.83763   1.000 62.16731  ? 148 VAL B C   1 
ATOM 906  O O   . VAL B 1 206 ? 4.60667   9.71288   3.69061   1.000 65.20634  ? 148 VAL B O   1 
ATOM 907  C CB  . VAL B 1 206 ? 3.99979   10.82594  6.75974   1.000 64.68687  ? 148 VAL B CB  1 
ATOM 908  C CG1 . VAL B 1 206 ? 4.31071   11.96994  5.80600   1.000 63.40050  ? 148 VAL B CG1 1 
ATOM 909  C CG2 . VAL B 1 206 ? 2.63670   11.01859  7.42267   1.000 61.70871  ? 148 VAL B CG2 1 
ATOM 910  N N   . ASP B 1 207 ? 6.29618   9.28638   5.09619   1.000 62.86517  ? 149 ASP B N   1 
ATOM 911  C CA  . ASP B 1 207 ? 7.29590   9.34879   4.03484   1.000 63.20963  ? 149 ASP B CA  1 
ATOM 912  C C   . ASP B 1 207 ? 7.31238   8.08877   3.16911   1.000 64.73789  ? 149 ASP B C   1 
ATOM 913  O O   . ASP B 1 207 ? 7.65013   8.16704   1.98040   1.000 65.91808  ? 149 ASP B O   1 
ATOM 914  C CB  . ASP B 1 207 ? 8.68338   9.60112   4.63806   1.000 69.11892  ? 149 ASP B CB  1 
ATOM 915  C CG  . ASP B 1 207 ? 8.85975   11.04107  5.17881   1.000 75.79763  ? 149 ASP B CG  1 
ATOM 916  O OD1 . ASP B 1 207 ? 7.87190   11.80915  5.25600   1.000 80.40058  ? 149 ASP B OD1 1 
ATOM 917  O OD2 . ASP B 1 207 ? 10.00148  11.40635  5.54004   1.000 77.65137  ? 149 ASP B OD2 1 
ATOM 918  N N   . GLU B 1 208 ? 6.97429   6.92389   3.73346   1.000 62.59863  ? 150 GLU B N   1 
ATOM 919  C CA  . GLU B 1 208 ? 6.69269   5.75493   2.90159   1.000 61.38910  ? 150 GLU B CA  1 
ATOM 920  C C   . GLU B 1 208 ? 5.48946   6.01169   2.00214   1.000 63.86138  ? 150 GLU B C   1 
ATOM 921  O O   . GLU B 1 208 ? 5.55175   5.81781   0.78322   1.000 66.43725  ? 150 GLU B O   1 
ATOM 922  C CB  . GLU B 1 208 ? 6.44530   4.52373   3.76989   1.000 57.33705  ? 150 GLU B CB  1 
ATOM 923  C CG  . GLU B 1 208 ? 7.70059   3.92391   4.37958   1.000 56.50828  ? 150 GLU B CG  1 
ATOM 924  C CD  . GLU B 1 208 ? 7.40742   2.95662   5.53164   1.000 64.21232  ? 150 GLU B CD  1 
ATOM 925  O OE1 . GLU B 1 208 ? 6.31300   2.34565   5.55160   1.000 70.51730  ? 150 GLU B OE1 1 
ATOM 926  O OE2 . GLU B 1 208 ? 8.26559   2.82817   6.43639   1.000 69.23380  ? 150 GLU B OE2 1 
ATOM 927  N N   . ALA B 1 209 ? 4.38042   6.44486   2.59603   1.000 64.16868  ? 151 ALA B N   1 
ATOM 928  C CA  . ALA B 1 209 ? 3.20646   6.82099   1.82046   1.000 62.03158  ? 151 ALA B CA  1 
ATOM 929  C C   . ALA B 1 209 ? 3.56223   7.80331   0.71150   1.000 67.82239  ? 151 ALA B C   1 
ATOM 930  O O   . ALA B 1 209 ? 3.22064   7.58699   -0.46132  1.000 68.72088  ? 151 ALA B O   1 
ATOM 931  C CB  . ALA B 1 209 ? 2.14360   7.41578   2.75125   1.000 59.04390  ? 151 ALA B CB  1 
ATOM 932  N N   . LYS B 1 210 ? 4.25757   8.89368   1.06095   1.000 67.31627  ? 152 LYS B N   1 
ATOM 933  C CA  . LYS B 1 210 ? 4.47767   9.95606   0.08182   1.000 70.28748  ? 152 LYS B CA  1 
ATOM 934  C C   . LYS B 1 210 ? 5.38601   9.49585   -1.05609  1.000 69.91188  ? 152 LYS B C   1 
ATOM 935  O O   . LYS B 1 210 ? 5.22767   9.94471   -2.19160  1.000 72.91217  ? 152 LYS B O   1 
ATOM 936  C CB  . LYS B 1 210 ? 5.04502   11.20870  0.75978   1.000 70.64911  ? 152 LYS B CB  1 
ATOM 937  C CG  . LYS B 1 210 ? 4.66817   12.54929  0.06944   1.000 82.11726  ? 152 LYS B CG  1 
ATOM 938  C CD  . LYS B 1 210 ? 5.50134   12.85430  -1.20516  1.000 85.14264  ? 152 LYS B CD  1 
ATOM 939  C CE  . LYS B 1 210 ? 4.76715   13.78396  -2.18295  1.000 82.60037  ? 152 LYS B CE  1 
ATOM 940  N NZ  . LYS B 1 210 ? 3.65921   13.10454  -2.93046  1.000 80.77464  ? 152 LYS B NZ  1 
ATOM 941  N N   . ASP B 1 211 ? 6.31943   8.59028   -0.79407  1.000 67.83013  ? 153 ASP B N   1 
ATOM 942  C CA  . ASP B 1 211 ? 7.16500   8.12211   -1.88418  1.000 71.68698  ? 153 ASP B CA  1 
ATOM 943  C C   . ASP B 1 211 ? 6.40067   7.19568   -2.83512  1.000 74.28040  ? 153 ASP B C   1 
ATOM 944  O O   . ASP B 1 211 ? 6.59911   7.24934   -4.05522  1.000 70.24776  ? 153 ASP B O   1 
ATOM 945  C CB  . ASP B 1 211 ? 8.39972   7.41912   -1.32832  1.000 74.36507  ? 153 ASP B CB  1 
ATOM 946  C CG  . ASP B 1 211 ? 9.15082   6.64831   -2.40185  1.000 86.56298  ? 153 ASP B CG  1 
ATOM 947  O OD1 . ASP B 1 211 ? 10.06299  7.23724   -3.02255  1.000 93.98459  ? 153 ASP B OD1 1 
ATOM 948  O OD2 . ASP B 1 211 ? 8.81252   5.46356   -2.65782  1.000 86.20698  ? 153 ASP B OD2 1 
ATOM 949  N N   . ILE B 1 212 ? 5.53899   6.32900   -2.29545  1.000 69.37616  ? 154 ILE B N   1 
ATOM 950  C CA  . ILE B 1 212 ? 4.70987   5.47360   -3.13750  1.000 64.96066  ? 154 ILE B CA  1 
ATOM 951  C C   . ILE B 1 212 ? 3.76674   6.31395   -3.99560  1.000 68.98795  ? 154 ILE B C   1 
ATOM 952  O O   . ILE B 1 212 ? 3.48544   5.97100   -5.14671  1.000 73.00559  ? 154 ILE B O   1 
ATOM 953  C CB  . ILE B 1 212 ? 3.94752   4.46152   -2.26222  1.000 63.31375  ? 154 ILE B CB  1 
ATOM 954  C CG1 . ILE B 1 212 ? 4.82210   3.24508   -1.94581  1.000 62.70129  ? 154 ILE B CG1 1 
ATOM 955  C CG2 . ILE B 1 212 ? 2.68327   4.00840   -2.94625  1.000 62.37110  ? 154 ILE B CG2 1 
ATOM 956  C CD1 . ILE B 1 212 ? 4.43795   2.52554   -0.65308  1.000 58.02297  ? 154 ILE B CD1 1 
ATOM 957  N N   . LEU B 1 213 ? 3.28186   7.44189   -3.46575  1.000 74.98129  ? 155 LEU B N   1 
ATOM 958  C CA  . LEU B 1 213 ? 2.38885   8.28469   -4.25687  1.000 73.15639  ? 155 LEU B CA  1 
ATOM 959  C C   . LEU B 1 213 ? 3.10416   8.90760   -5.44559  1.000 78.41661  ? 155 LEU B C   1 
ATOM 960  O O   . LEU B 1 213 ? 2.48252   9.14275   -6.48204  1.000 83.82326  ? 155 LEU B O   1 
ATOM 961  C CB  . LEU B 1 213 ? 1.76353   9.36980   -3.39245  1.000 69.03502  ? 155 LEU B CB  1 
ATOM 962  C CG  . LEU B 1 213 ? 0.70374   8.84739   -2.42271  1.000 69.34680  ? 155 LEU B CG  1 
ATOM 963  C CD1 . LEU B 1 213 ? 0.41225   9.88739   -1.35745  1.000 72.36092  ? 155 LEU B CD1 1 
ATOM 964  C CD2 . LEU B 1 213 ? -0.55906  8.48393   -3.15658  1.000 61.42136  ? 155 LEU B CD2 1 
ATOM 965  N N   . ASP B 1 214 ? 4.40645   9.15229   -5.33779  1.000 76.88479  ? 156 ASP B N   1 
ATOM 966  C CA  . ASP B 1 214 ? 5.14597   9.67790   -6.48218  1.000 81.03092  ? 156 ASP B CA  1 
ATOM 967  C C   . ASP B 1 214 ? 5.27748   8.63871   -7.59947  1.000 85.77102  ? 156 ASP B C   1 
ATOM 968  O O   . ASP B 1 214 ? 4.98302   8.92794   -8.76715  1.000 88.46720  ? 156 ASP B O   1 
ATOM 969  C CB  . ASP B 1 214 ? 6.51431   10.16111  -6.02504  1.000 78.40132  ? 156 ASP B CB  1 
ATOM 970  C CG  . ASP B 1 214 ? 6.42850   11.45382  -5.24500  1.000 88.95406  ? 156 ASP B CG  1 
ATOM 971  O OD1 . ASP B 1 214 ? 5.45173   12.20776  -5.46859  1.000 93.82092  ? 156 ASP B OD1 1 
ATOM 972  O OD2 . ASP B 1 214 ? 7.31685   11.71120  -4.39928  1.000 90.15482  ? 156 ASP B OD2 1 
ATOM 973  N N   . ILE B 1 215 ? 5.72422   7.42303   -7.26931  1.000 78.52337  ? 157 ILE B N   1 
ATOM 974  C CA  . ILE B 1 215 ? 5.88695   6.40825   -8.30418  1.000 85.07153  ? 157 ILE B CA  1 
ATOM 975  C C   . ILE B 1 215 ? 4.54483   5.98910   -8.89480  1.000 88.33846  ? 157 ILE B C   1 
ATOM 976  O O   . ILE B 1 215 ? 4.49750   5.51361   -10.03644 1.000 84.94415  ? 157 ILE B O   1 
ATOM 977  C CB  . ILE B 1 215 ? 6.66918   5.18978   -7.76188  1.000 81.11851  ? 157 ILE B CB  1 
ATOM 978  C CG1 . ILE B 1 215 ? 5.88510   4.42855   -6.68606  1.000 77.83734  ? 157 ILE B CG1 1 
ATOM 979  C CG2 . ILE B 1 215 ? 8.00519   5.61994   -7.22751  1.000 78.19365  ? 157 ILE B CG2 1 
ATOM 980  C CD1 . ILE B 1 215 ? 5.03711   3.29480   -7.22595  1.000 80.46131  ? 157 ILE B CD1 1 
ATOM 981  N N   . THR B 1 216 ? 3.45342   6.14970   -8.13959  1.000 89.24792  ? 158 THR B N   1 
ATOM 982  C CA  . THR B 1 216 ? 2.11782   5.74584   -8.56262  1.000 85.19767  ? 158 THR B CA  1 
ATOM 983  C C   . THR B 1 216 ? 1.43044   6.81850   -9.41313  1.000 87.57389  ? 158 THR B C   1 
ATOM 984  O O   . THR B 1 216 ? 0.34556   6.56690   -9.94755  1.000 86.77386  ? 158 THR B O   1 
ATOM 985  C CB  . THR B 1 216 ? 1.27086   5.37612   -7.31626  1.000 80.97498  ? 158 THR B CB  1 
ATOM 986  O OG1 . THR B 1 216 ? 0.25158   4.42391   -7.66357  1.000 82.05997  ? 158 THR B OG1 1 
ATOM 987  C CG2 . THR B 1 216 ? 0.62048   6.60659   -6.68937  1.000 74.68452  ? 158 THR B CG2 1 
ATOM 988  N N   . ASP B 1 217 ? 2.06000   7.99143   -9.58436  1.000 92.70422  ? 159 ASP B N   1 
ATOM 989  C CA  . ASP B 1 217 ? 1.55544   9.02170   -10.49365 1.000 95.52325  ? 159 ASP B CA  1 
ATOM 990  C C   . ASP B 1 217 ? 1.92588   8.74967   -11.94972 1.000 100.81692 ? 159 ASP B C   1 
ATOM 991  O O   . ASP B 1 217 ? 1.28796   9.29881   -12.85881 1.000 106.22466 ? 159 ASP B O   1 
ATOM 992  C CB  . ASP B 1 217 ? 2.09288   10.39656  -10.08503 1.000 96.05966  ? 159 ASP B CB  1 
ATOM 993  C CG  . ASP B 1 217 ? 1.55563   10.85559  -8.74253  1.000 97.27185  ? 159 ASP B CG  1 
ATOM 994  O OD1 . ASP B 1 217 ? 1.96381   11.94600  -8.27208  1.000 93.09776  ? 159 ASP B OD1 1 
ATOM 995  O OD2 . ASP B 1 217 ? 0.71808   10.11909  -8.16376  1.000 94.85206  ? 159 ASP B OD2 1 
ATOM 996  N N   . GLU B 1 218 ? 2.93807   7.91268   -12.18657 1.000 101.85912 ? 160 GLU B N   1 
ATOM 997  C CA  . GLU B 1 218 ? 3.46458   7.64720   -13.52925 1.000 99.79789  ? 160 GLU B CA  1 
ATOM 998  C C   . GLU B 1 218 ? 2.56002   6.71162   -14.33855 1.000 96.64878  ? 160 GLU B C   1 
ATOM 999  O O   . GLU B 1 218 ? 2.27376   6.97208   -15.51302 1.000 93.90417  ? 160 GLU B O   1 
ATOM 1000 C CB  . GLU B 1 218 ? 4.88477   7.05323   -13.44352 1.000 98.56404  ? 160 GLU B CB  1 
ATOM 1001 C CG  . GLU B 1 218 ? 5.89616   7.79265   -12.53055 1.000 100.24419 ? 160 GLU B CG  1 
ATOM 1002 C CD  . GLU B 1 218 ? 5.74097   9.31617   -12.52580 1.000 105.51763 ? 160 GLU B CD  1 
ATOM 1003 O OE1 . GLU B 1 218 ? 6.38317   9.98627   -13.36798 1.000 108.30346 ? 160 GLU B OE1 1 
ATOM 1004 O OE2 . GLU B 1 218 ? 4.98908   9.84437   -11.67012 1.000 104.02976 ? 160 GLU B OE2 1 
# 
